data_2QPW
# 
_entry.id   2QPW 
# 
_audit_conform.dict_name       mmcif_pdbx.dic 
_audit_conform.dict_version    5.389 
_audit_conform.dict_location   http://mmcif.pdb.org/dictionaries/ascii/mmcif_pdbx.dic 
# 
loop_
_database_2.database_id 
_database_2.database_code 
_database_2.pdbx_database_accession 
_database_2.pdbx_DOI 
PDB   2QPW         pdb_00002qpw 10.2210/pdb2qpw/pdb 
RCSB  RCSB043906   ?            ?                   
WWPDB D_1000043906 ?            ?                   
# 
loop_
_pdbx_audit_revision_history.ordinal 
_pdbx_audit_revision_history.data_content_type 
_pdbx_audit_revision_history.major_revision 
_pdbx_audit_revision_history.minor_revision 
_pdbx_audit_revision_history.revision_date 
1 'Structure model' 1 0 2007-08-14 
2 'Structure model' 1 1 2011-07-13 
3 'Structure model' 1 2 2024-02-21 
4 'Structure model' 1 3 2024-04-03 
# 
_pdbx_audit_revision_details.ordinal             1 
_pdbx_audit_revision_details.revision_ordinal    1 
_pdbx_audit_revision_details.data_content_type   'Structure model' 
_pdbx_audit_revision_details.provider            repository 
_pdbx_audit_revision_details.type                'Initial release' 
_pdbx_audit_revision_details.description         ? 
_pdbx_audit_revision_details.details             ? 
# 
loop_
_pdbx_audit_revision_group.ordinal 
_pdbx_audit_revision_group.revision_ordinal 
_pdbx_audit_revision_group.data_content_type 
_pdbx_audit_revision_group.group 
1 2 'Structure model' 'Version format compliance' 
2 3 'Structure model' 'Data collection'           
3 3 'Structure model' 'Database references'       
4 4 'Structure model' 'Refinement description'    
# 
loop_
_pdbx_audit_revision_category.ordinal 
_pdbx_audit_revision_category.revision_ordinal 
_pdbx_audit_revision_category.data_content_type 
_pdbx_audit_revision_category.category 
1 3 'Structure model' chem_comp_atom                
2 3 'Structure model' chem_comp_bond                
3 3 'Structure model' database_2                    
4 3 'Structure model' struct_ref_seq_dif            
5 4 'Structure model' pdbx_initial_refinement_model 
# 
loop_
_pdbx_audit_revision_item.ordinal 
_pdbx_audit_revision_item.revision_ordinal 
_pdbx_audit_revision_item.data_content_type 
_pdbx_audit_revision_item.item 
1 3 'Structure model' '_database_2.pdbx_DOI'                
2 3 'Structure model' '_database_2.pdbx_database_accession' 
3 3 'Structure model' '_struct_ref_seq_dif.details'         
# 
_pdbx_database_status.status_code                     REL 
_pdbx_database_status.entry_id                        2QPW 
_pdbx_database_status.recvd_initial_deposition_date   2007-07-25 
_pdbx_database_status.deposit_site                    RCSB 
_pdbx_database_status.process_site                    RCSB 
_pdbx_database_status.status_code_sf                  REL 
_pdbx_database_status.status_code_mr                  ? 
_pdbx_database_status.SG_entry                        Y 
_pdbx_database_status.pdb_format_compatible           Y 
_pdbx_database_status.status_code_cs                  ? 
_pdbx_database_status.status_code_nmr_data            ? 
_pdbx_database_status.methods_development_category    ? 
# 
loop_
_audit_author.name 
_audit_author.pdbx_ordinal 
'Lunin, V.V.'                          1  
'Wu, H.'                               2  
'Dombrovski, L.'                       3  
'Antoshenko, T.'                       4  
'Loppnau, P.'                          5  
'Weigelt, J.'                          6  
'Sundstrom, M.'                        7  
'Arrowsmith, C.H.'                     8  
'Edwards, A.M.'                        9  
'Bochkarev, A.'                        10 
'Min, J.'                              11 
'Plotnikov, A.N.'                      12 
'Structural Genomics Consortium (SGC)' 13 
# 
_citation.id                        primary 
_citation.title                     'Structural biology of human H3K9 methyltransferases' 
_citation.journal_abbrev            'Plos One' 
_citation.journal_volume            5 
_citation.page_first                e8570 
_citation.page_last                 e8570 
_citation.year                      2010 
_citation.journal_id_ASTM           ? 
_citation.country                   US 
_citation.journal_id_ISSN           1932-6203 
_citation.journal_id_CSD            ? 
_citation.book_publisher            ? 
_citation.pdbx_database_id_PubMed   20084102 
_citation.pdbx_database_id_DOI      10.1371/journal.pone.0008570 
# 
loop_
_citation_author.citation_id 
_citation_author.name 
_citation_author.ordinal 
_citation_author.identifier_ORCID 
primary 'Wu, H.'              1  ? 
primary 'Min, J.'             2  ? 
primary 'Lunin, V.V.'         3  ? 
primary 'Antoshenko, T.'      4  ? 
primary 'Dombrovski, L.'      5  ? 
primary 'Zeng, H.'            6  ? 
primary 'Allali-Hassani, A.'  7  ? 
primary 'Campagna-Slater, V.' 8  ? 
primary 'Vedadi, M.'          9  ? 
primary 'Arrowsmith, C.H.'    10 ? 
primary 'Plotnikov, A.N.'     11 ? 
primary 'Schapira, M.'        12 ? 
# 
loop_
_entity.id 
_entity.type 
_entity.src_method 
_entity.pdbx_description 
_entity.formula_weight 
_entity.pdbx_number_of_molecules 
_entity.pdbx_ec 
_entity.pdbx_mutation 
_entity.pdbx_fragment 
_entity.details 
1 polymer man 'PR domain zinc finger protein 2' 17047.355 1   ? ? 'Methyltransferase domain: Residues 2-148' ? 
2 water   nat water                             18.015    145 ? ? ?                                          ? 
# 
_entity_name_com.entity_id   1 
_entity_name_com.name        
;PR domain-containing protein 2, Retinoblastoma protein-interacting zinc finger protein, Zinc finger protein RIZ, MTE-binding protein, MTB-ZF, GATA-3-binding protein G3B
;
# 
_entity_poly.entity_id                      1 
_entity_poly.type                           'polypeptide(L)' 
_entity_poly.nstd_linkage                   no 
_entity_poly.nstd_monomer                   no 
_entity_poly.pdbx_seq_one_letter_code       
;GSNQNTTEPVAATETLAEVPEHVLRGLPEEVRLFPSAVDKTRIGVWATKPILKGKKFGPFVGDKKKRSQVKNNVYMWEVY
YPNLGWMCIDATDPEKGNWLRYVNWACSGEEQNLFPLEINRAIYYKTLKPIAPGEELLVWYNGEDNPEI
;
_entity_poly.pdbx_seq_one_letter_code_can   
;GSNQNTTEPVAATETLAEVPEHVLRGLPEEVRLFPSAVDKTRIGVWATKPILKGKKFGPFVGDKKKRSQVKNNVYMWEVY
YPNLGWMCIDATDPEKGNWLRYVNWACSGEEQNLFPLEINRAIYYKTLKPIAPGEELLVWYNGEDNPEI
;
_entity_poly.pdbx_strand_id                 A 
_entity_poly.pdbx_target_identifier         ? 
# 
_pdbx_entity_nonpoly.entity_id   2 
_pdbx_entity_nonpoly.name        water 
_pdbx_entity_nonpoly.comp_id     HOH 
# 
loop_
_entity_poly_seq.entity_id 
_entity_poly_seq.num 
_entity_poly_seq.mon_id 
_entity_poly_seq.hetero 
1 1   GLY n 
1 2   SER n 
1 3   ASN n 
1 4   GLN n 
1 5   ASN n 
1 6   THR n 
1 7   THR n 
1 8   GLU n 
1 9   PRO n 
1 10  VAL n 
1 11  ALA n 
1 12  ALA n 
1 13  THR n 
1 14  GLU n 
1 15  THR n 
1 16  LEU n 
1 17  ALA n 
1 18  GLU n 
1 19  VAL n 
1 20  PRO n 
1 21  GLU n 
1 22  HIS n 
1 23  VAL n 
1 24  LEU n 
1 25  ARG n 
1 26  GLY n 
1 27  LEU n 
1 28  PRO n 
1 29  GLU n 
1 30  GLU n 
1 31  VAL n 
1 32  ARG n 
1 33  LEU n 
1 34  PHE n 
1 35  PRO n 
1 36  SER n 
1 37  ALA n 
1 38  VAL n 
1 39  ASP n 
1 40  LYS n 
1 41  THR n 
1 42  ARG n 
1 43  ILE n 
1 44  GLY n 
1 45  VAL n 
1 46  TRP n 
1 47  ALA n 
1 48  THR n 
1 49  LYS n 
1 50  PRO n 
1 51  ILE n 
1 52  LEU n 
1 53  LYS n 
1 54  GLY n 
1 55  LYS n 
1 56  LYS n 
1 57  PHE n 
1 58  GLY n 
1 59  PRO n 
1 60  PHE n 
1 61  VAL n 
1 62  GLY n 
1 63  ASP n 
1 64  LYS n 
1 65  LYS n 
1 66  LYS n 
1 67  ARG n 
1 68  SER n 
1 69  GLN n 
1 70  VAL n 
1 71  LYS n 
1 72  ASN n 
1 73  ASN n 
1 74  VAL n 
1 75  TYR n 
1 76  MET n 
1 77  TRP n 
1 78  GLU n 
1 79  VAL n 
1 80  TYR n 
1 81  TYR n 
1 82  PRO n 
1 83  ASN n 
1 84  LEU n 
1 85  GLY n 
1 86  TRP n 
1 87  MET n 
1 88  CYS n 
1 89  ILE n 
1 90  ASP n 
1 91  ALA n 
1 92  THR n 
1 93  ASP n 
1 94  PRO n 
1 95  GLU n 
1 96  LYS n 
1 97  GLY n 
1 98  ASN n 
1 99  TRP n 
1 100 LEU n 
1 101 ARG n 
1 102 TYR n 
1 103 VAL n 
1 104 ASN n 
1 105 TRP n 
1 106 ALA n 
1 107 CYS n 
1 108 SER n 
1 109 GLY n 
1 110 GLU n 
1 111 GLU n 
1 112 GLN n 
1 113 ASN n 
1 114 LEU n 
1 115 PHE n 
1 116 PRO n 
1 117 LEU n 
1 118 GLU n 
1 119 ILE n 
1 120 ASN n 
1 121 ARG n 
1 122 ALA n 
1 123 ILE n 
1 124 TYR n 
1 125 TYR n 
1 126 LYS n 
1 127 THR n 
1 128 LEU n 
1 129 LYS n 
1 130 PRO n 
1 131 ILE n 
1 132 ALA n 
1 133 PRO n 
1 134 GLY n 
1 135 GLU n 
1 136 GLU n 
1 137 LEU n 
1 138 LEU n 
1 139 VAL n 
1 140 TRP n 
1 141 TYR n 
1 142 ASN n 
1 143 GLY n 
1 144 GLU n 
1 145 ASP n 
1 146 ASN n 
1 147 PRO n 
1 148 GLU n 
1 149 ILE n 
# 
_entity_src_gen.entity_id                          1 
_entity_src_gen.pdbx_src_id                        1 
_entity_src_gen.pdbx_alt_source_flag               sample 
_entity_src_gen.pdbx_seq_type                      ? 
_entity_src_gen.pdbx_beg_seq_num                   ? 
_entity_src_gen.pdbx_end_seq_num                   ? 
_entity_src_gen.gene_src_common_name               human 
_entity_src_gen.gene_src_genus                     Homo 
_entity_src_gen.pdbx_gene_src_gene                 'PRDM2, RIZ' 
_entity_src_gen.gene_src_species                   ? 
_entity_src_gen.gene_src_strain                    ? 
_entity_src_gen.gene_src_tissue                    ? 
_entity_src_gen.gene_src_tissue_fraction           ? 
_entity_src_gen.gene_src_details                   ? 
_entity_src_gen.pdbx_gene_src_fragment             ? 
_entity_src_gen.pdbx_gene_src_scientific_name      'Homo sapiens' 
_entity_src_gen.pdbx_gene_src_ncbi_taxonomy_id     9606 
_entity_src_gen.pdbx_gene_src_variant              ? 
_entity_src_gen.pdbx_gene_src_cell_line            ? 
_entity_src_gen.pdbx_gene_src_atcc                 ? 
_entity_src_gen.pdbx_gene_src_organ                ? 
_entity_src_gen.pdbx_gene_src_organelle            ? 
_entity_src_gen.pdbx_gene_src_cell                 ? 
_entity_src_gen.pdbx_gene_src_cellular_location    ? 
_entity_src_gen.host_org_common_name               ? 
_entity_src_gen.pdbx_host_org_scientific_name      'Escherichia coli' 
_entity_src_gen.pdbx_host_org_ncbi_taxonomy_id     562 
_entity_src_gen.host_org_genus                     Escherichia 
_entity_src_gen.pdbx_host_org_gene                 ? 
_entity_src_gen.pdbx_host_org_organ                ? 
_entity_src_gen.host_org_species                   ? 
_entity_src_gen.pdbx_host_org_tissue               ? 
_entity_src_gen.pdbx_host_org_tissue_fraction      ? 
_entity_src_gen.pdbx_host_org_strain               DH5a 
_entity_src_gen.pdbx_host_org_variant              ? 
_entity_src_gen.pdbx_host_org_cell_line            ? 
_entity_src_gen.pdbx_host_org_atcc                 ? 
_entity_src_gen.pdbx_host_org_culture_collection   ? 
_entity_src_gen.pdbx_host_org_cell                 ? 
_entity_src_gen.pdbx_host_org_organelle            ? 
_entity_src_gen.pdbx_host_org_cellular_location    ? 
_entity_src_gen.pdbx_host_org_vector_type          Plasmid 
_entity_src_gen.pdbx_host_org_vector               ? 
_entity_src_gen.host_org_details                   ? 
_entity_src_gen.expression_system_id               ? 
_entity_src_gen.plasmid_name                       p15MHL 
_entity_src_gen.plasmid_details                    ? 
_entity_src_gen.pdbx_description                   ? 
# 
loop_
_chem_comp.id 
_chem_comp.type 
_chem_comp.mon_nstd_flag 
_chem_comp.name 
_chem_comp.pdbx_synonyms 
_chem_comp.formula 
_chem_comp.formula_weight 
ALA 'L-peptide linking' y ALANINE         ? 'C3 H7 N O2'     89.093  
ARG 'L-peptide linking' y ARGININE        ? 'C6 H15 N4 O2 1' 175.209 
ASN 'L-peptide linking' y ASPARAGINE      ? 'C4 H8 N2 O3'    132.118 
ASP 'L-peptide linking' y 'ASPARTIC ACID' ? 'C4 H7 N O4'     133.103 
CYS 'L-peptide linking' y CYSTEINE        ? 'C3 H7 N O2 S'   121.158 
GLN 'L-peptide linking' y GLUTAMINE       ? 'C5 H10 N2 O3'   146.144 
GLU 'L-peptide linking' y 'GLUTAMIC ACID' ? 'C5 H9 N O4'     147.129 
GLY 'peptide linking'   y GLYCINE         ? 'C2 H5 N O2'     75.067  
HIS 'L-peptide linking' y HISTIDINE       ? 'C6 H10 N3 O2 1' 156.162 
HOH non-polymer         . WATER           ? 'H2 O'           18.015  
ILE 'L-peptide linking' y ISOLEUCINE      ? 'C6 H13 N O2'    131.173 
LEU 'L-peptide linking' y LEUCINE         ? 'C6 H13 N O2'    131.173 
LYS 'L-peptide linking' y LYSINE          ? 'C6 H15 N2 O2 1' 147.195 
MET 'L-peptide linking' y METHIONINE      ? 'C5 H11 N O2 S'  149.211 
PHE 'L-peptide linking' y PHENYLALANINE   ? 'C9 H11 N O2'    165.189 
PRO 'L-peptide linking' y PROLINE         ? 'C5 H9 N O2'     115.130 
SER 'L-peptide linking' y SERINE          ? 'C3 H7 N O3'     105.093 
THR 'L-peptide linking' y THREONINE       ? 'C4 H9 N O3'     119.119 
TRP 'L-peptide linking' y TRYPTOPHAN      ? 'C11 H12 N2 O2'  204.225 
TYR 'L-peptide linking' y TYROSINE        ? 'C9 H11 N O3'    181.189 
VAL 'L-peptide linking' y VALINE          ? 'C5 H11 N O2'    117.146 
# 
loop_
_pdbx_poly_seq_scheme.asym_id 
_pdbx_poly_seq_scheme.entity_id 
_pdbx_poly_seq_scheme.seq_id 
_pdbx_poly_seq_scheme.mon_id 
_pdbx_poly_seq_scheme.ndb_seq_num 
_pdbx_poly_seq_scheme.pdb_seq_num 
_pdbx_poly_seq_scheme.auth_seq_num 
_pdbx_poly_seq_scheme.pdb_mon_id 
_pdbx_poly_seq_scheme.auth_mon_id 
_pdbx_poly_seq_scheme.pdb_strand_id 
_pdbx_poly_seq_scheme.pdb_ins_code 
_pdbx_poly_seq_scheme.hetero 
A 1 1   GLY 1   -1  ?   ?   ?   A . n 
A 1 2   SER 2   0   ?   ?   ?   A . n 
A 1 3   ASN 3   1   1   ASN ASN A . n 
A 1 4   GLN 4   2   2   GLN GLN A . n 
A 1 5   ASN 5   3   3   ASN ASN A . n 
A 1 6   THR 6   4   4   THR THR A . n 
A 1 7   THR 7   5   5   THR THR A . n 
A 1 8   GLU 8   6   6   GLU GLU A . n 
A 1 9   PRO 9   7   7   PRO PRO A . n 
A 1 10  VAL 10  8   8   VAL VAL A . n 
A 1 11  ALA 11  9   9   ALA ALA A . n 
A 1 12  ALA 12  10  10  ALA ALA A . n 
A 1 13  THR 13  11  11  THR THR A . n 
A 1 14  GLU 14  12  12  GLU GLU A . n 
A 1 15  THR 15  13  13  THR THR A . n 
A 1 16  LEU 16  14  14  LEU LEU A . n 
A 1 17  ALA 17  15  15  ALA ALA A . n 
A 1 18  GLU 18  16  16  GLU GLU A . n 
A 1 19  VAL 19  17  17  VAL VAL A . n 
A 1 20  PRO 20  18  18  PRO PRO A . n 
A 1 21  GLU 21  19  19  GLU GLU A . n 
A 1 22  HIS 22  20  20  HIS HIS A . n 
A 1 23  VAL 23  21  21  VAL VAL A . n 
A 1 24  LEU 24  22  22  LEU LEU A . n 
A 1 25  ARG 25  23  23  ARG ARG A . n 
A 1 26  GLY 26  24  24  GLY GLY A . n 
A 1 27  LEU 27  25  25  LEU LEU A . n 
A 1 28  PRO 28  26  26  PRO PRO A . n 
A 1 29  GLU 29  27  27  GLU GLU A . n 
A 1 30  GLU 30  28  28  GLU GLU A . n 
A 1 31  VAL 31  29  29  VAL VAL A . n 
A 1 32  ARG 32  30  30  ARG ARG A . n 
A 1 33  LEU 33  31  31  LEU LEU A . n 
A 1 34  PHE 34  32  32  PHE PHE A . n 
A 1 35  PRO 35  33  33  PRO PRO A . n 
A 1 36  SER 36  34  34  SER SER A . n 
A 1 37  ALA 37  35  35  ALA ALA A . n 
A 1 38  VAL 38  36  36  VAL VAL A . n 
A 1 39  ASP 39  37  37  ASP ASP A . n 
A 1 40  LYS 40  38  38  LYS LYS A . n 
A 1 41  THR 41  39  39  THR THR A . n 
A 1 42  ARG 42  40  40  ARG ARG A . n 
A 1 43  ILE 43  41  41  ILE ILE A . n 
A 1 44  GLY 44  42  42  GLY GLY A . n 
A 1 45  VAL 45  43  43  VAL VAL A . n 
A 1 46  TRP 46  44  44  TRP TRP A . n 
A 1 47  ALA 47  45  45  ALA ALA A . n 
A 1 48  THR 48  46  46  THR THR A . n 
A 1 49  LYS 49  47  47  LYS LYS A . n 
A 1 50  PRO 50  48  48  PRO PRO A . n 
A 1 51  ILE 51  49  49  ILE ILE A . n 
A 1 52  LEU 52  50  50  LEU LEU A . n 
A 1 53  LYS 53  51  51  LYS LYS A . n 
A 1 54  GLY 54  52  52  GLY GLY A . n 
A 1 55  LYS 55  53  53  LYS LYS A . n 
A 1 56  LYS 56  54  54  LYS LYS A . n 
A 1 57  PHE 57  55  55  PHE PHE A . n 
A 1 58  GLY 58  56  56  GLY GLY A . n 
A 1 59  PRO 59  57  57  PRO PRO A . n 
A 1 60  PHE 60  58  58  PHE PHE A . n 
A 1 61  VAL 61  59  59  VAL VAL A . n 
A 1 62  GLY 62  60  60  GLY GLY A . n 
A 1 63  ASP 63  61  61  ASP ASP A . n 
A 1 64  LYS 64  62  62  LYS LYS A . n 
A 1 65  LYS 65  63  63  LYS LYS A . n 
A 1 66  LYS 66  64  64  LYS LYS A . n 
A 1 67  ARG 67  65  65  ARG ARG A . n 
A 1 68  SER 68  66  66  SER SER A . n 
A 1 69  GLN 69  67  67  GLN GLN A . n 
A 1 70  VAL 70  68  68  VAL VAL A . n 
A 1 71  LYS 71  69  69  LYS LYS A . n 
A 1 72  ASN 72  70  70  ASN ASN A . n 
A 1 73  ASN 73  71  71  ASN ASN A . n 
A 1 74  VAL 74  72  72  VAL VAL A . n 
A 1 75  TYR 75  73  73  TYR TYR A . n 
A 1 76  MET 76  74  74  MET MET A . n 
A 1 77  TRP 77  75  75  TRP TRP A . n 
A 1 78  GLU 78  76  76  GLU GLU A . n 
A 1 79  VAL 79  77  77  VAL VAL A . n 
A 1 80  TYR 80  78  78  TYR TYR A . n 
A 1 81  TYR 81  79  79  TYR TYR A . n 
A 1 82  PRO 82  80  80  PRO PRO A . n 
A 1 83  ASN 83  81  81  ASN ASN A . n 
A 1 84  LEU 84  82  82  LEU LEU A . n 
A 1 85  GLY 85  83  83  GLY GLY A . n 
A 1 86  TRP 86  84  84  TRP TRP A . n 
A 1 87  MET 87  85  85  MET MET A . n 
A 1 88  CYS 88  86  86  CYS CYS A . n 
A 1 89  ILE 89  87  87  ILE ILE A . n 
A 1 90  ASP 90  88  88  ASP ASP A . n 
A 1 91  ALA 91  89  89  ALA ALA A . n 
A 1 92  THR 92  90  90  THR THR A . n 
A 1 93  ASP 93  91  91  ASP ASP A . n 
A 1 94  PRO 94  92  92  PRO PRO A . n 
A 1 95  GLU 95  93  93  GLU GLU A . n 
A 1 96  LYS 96  94  94  LYS LYS A . n 
A 1 97  GLY 97  95  95  GLY GLY A . n 
A 1 98  ASN 98  96  96  ASN ASN A . n 
A 1 99  TRP 99  97  97  TRP TRP A . n 
A 1 100 LEU 100 98  98  LEU LEU A . n 
A 1 101 ARG 101 99  99  ARG ARG A . n 
A 1 102 TYR 102 100 100 TYR TYR A . n 
A 1 103 VAL 103 101 101 VAL VAL A . n 
A 1 104 ASN 104 102 102 ASN ASN A . n 
A 1 105 TRP 105 103 103 TRP TRP A . n 
A 1 106 ALA 106 104 104 ALA ALA A . n 
A 1 107 CYS 107 105 105 CYS CYS A . n 
A 1 108 SER 108 106 106 SER SER A . n 
A 1 109 GLY 109 107 107 GLY GLY A . n 
A 1 110 GLU 110 108 108 GLU GLU A . n 
A 1 111 GLU 111 109 109 GLU GLU A . n 
A 1 112 GLN 112 110 110 GLN GLN A . n 
A 1 113 ASN 113 111 111 ASN ASN A . n 
A 1 114 LEU 114 112 112 LEU LEU A . n 
A 1 115 PHE 115 113 113 PHE PHE A . n 
A 1 116 PRO 116 114 114 PRO PRO A . n 
A 1 117 LEU 117 115 115 LEU LEU A . n 
A 1 118 GLU 118 116 116 GLU GLU A . n 
A 1 119 ILE 119 117 117 ILE ILE A . n 
A 1 120 ASN 120 118 118 ASN ASN A . n 
A 1 121 ARG 121 119 119 ARG ARG A . n 
A 1 122 ALA 122 120 120 ALA ALA A . n 
A 1 123 ILE 123 121 121 ILE ILE A . n 
A 1 124 TYR 124 122 122 TYR TYR A . n 
A 1 125 TYR 125 123 123 TYR TYR A . n 
A 1 126 LYS 126 124 124 LYS LYS A . n 
A 1 127 THR 127 125 125 THR THR A . n 
A 1 128 LEU 128 126 126 LEU LEU A . n 
A 1 129 LYS 129 127 127 LYS LYS A . n 
A 1 130 PRO 130 128 128 PRO PRO A . n 
A 1 131 ILE 131 129 129 ILE ILE A . n 
A 1 132 ALA 132 130 130 ALA ALA A . n 
A 1 133 PRO 133 131 131 PRO PRO A . n 
A 1 134 GLY 134 132 132 GLY GLY A . n 
A 1 135 GLU 135 133 133 GLU GLU A . n 
A 1 136 GLU 136 134 134 GLU GLU A . n 
A 1 137 LEU 137 135 135 LEU LEU A . n 
A 1 138 LEU 138 136 136 LEU LEU A . n 
A 1 139 VAL 139 137 137 VAL VAL A . n 
A 1 140 TRP 140 138 138 TRP TRP A . n 
A 1 141 TYR 141 139 139 TYR TYR A . n 
A 1 142 ASN 142 140 140 ASN ASN A . n 
A 1 143 GLY 143 141 141 GLY GLY A . n 
A 1 144 GLU 144 142 142 GLU GLU A . n 
A 1 145 ASP 145 143 143 ASP ASP A . n 
A 1 146 ASN 146 144 144 ASN ASN A . n 
A 1 147 PRO 147 145 145 PRO PRO A . n 
A 1 148 GLU 148 146 146 GLU GLU A . n 
A 1 149 ILE 149 147 147 ILE ILE A . n 
# 
loop_
_pdbx_nonpoly_scheme.asym_id 
_pdbx_nonpoly_scheme.entity_id 
_pdbx_nonpoly_scheme.mon_id 
_pdbx_nonpoly_scheme.ndb_seq_num 
_pdbx_nonpoly_scheme.pdb_seq_num 
_pdbx_nonpoly_scheme.auth_seq_num 
_pdbx_nonpoly_scheme.pdb_mon_id 
_pdbx_nonpoly_scheme.auth_mon_id 
_pdbx_nonpoly_scheme.pdb_strand_id 
_pdbx_nonpoly_scheme.pdb_ins_code 
B 2 HOH 1   148 2   HOH HOH A . 
B 2 HOH 2   149 3   HOH HOH A . 
B 2 HOH 3   150 4   HOH HOH A . 
B 2 HOH 4   151 5   HOH HOH A . 
B 2 HOH 5   152 7   HOH HOH A . 
B 2 HOH 6   153 9   HOH HOH A . 
B 2 HOH 7   154 10  HOH HOH A . 
B 2 HOH 8   155 11  HOH HOH A . 
B 2 HOH 9   156 12  HOH HOH A . 
B 2 HOH 10  157 13  HOH HOH A . 
B 2 HOH 11  158 14  HOH HOH A . 
B 2 HOH 12  159 15  HOH HOH A . 
B 2 HOH 13  160 17  HOH HOH A . 
B 2 HOH 14  161 18  HOH HOH A . 
B 2 HOH 15  162 19  HOH HOH A . 
B 2 HOH 16  163 20  HOH HOH A . 
B 2 HOH 17  164 21  HOH HOH A . 
B 2 HOH 18  165 22  HOH HOH A . 
B 2 HOH 19  166 23  HOH HOH A . 
B 2 HOH 20  167 24  HOH HOH A . 
B 2 HOH 21  168 25  HOH HOH A . 
B 2 HOH 22  169 26  HOH HOH A . 
B 2 HOH 23  170 27  HOH HOH A . 
B 2 HOH 24  171 28  HOH HOH A . 
B 2 HOH 25  172 30  HOH HOH A . 
B 2 HOH 26  173 31  HOH HOH A . 
B 2 HOH 27  174 32  HOH HOH A . 
B 2 HOH 28  175 33  HOH HOH A . 
B 2 HOH 29  176 35  HOH HOH A . 
B 2 HOH 30  177 36  HOH HOH A . 
B 2 HOH 31  178 37  HOH HOH A . 
B 2 HOH 32  179 38  HOH HOH A . 
B 2 HOH 33  180 39  HOH HOH A . 
B 2 HOH 34  181 40  HOH HOH A . 
B 2 HOH 35  182 41  HOH HOH A . 
B 2 HOH 36  183 42  HOH HOH A . 
B 2 HOH 37  184 43  HOH HOH A . 
B 2 HOH 38  185 44  HOH HOH A . 
B 2 HOH 39  186 45  HOH HOH A . 
B 2 HOH 40  187 46  HOH HOH A . 
B 2 HOH 41  188 47  HOH HOH A . 
B 2 HOH 42  189 49  HOH HOH A . 
B 2 HOH 43  190 52  HOH HOH A . 
B 2 HOH 44  191 53  HOH HOH A . 
B 2 HOH 45  192 54  HOH HOH A . 
B 2 HOH 46  193 55  HOH HOH A . 
B 2 HOH 47  194 56  HOH HOH A . 
B 2 HOH 48  195 57  HOH HOH A . 
B 2 HOH 49  196 58  HOH HOH A . 
B 2 HOH 50  197 60  HOH HOH A . 
B 2 HOH 51  198 61  HOH HOH A . 
B 2 HOH 52  199 62  HOH HOH A . 
B 2 HOH 53  200 63  HOH HOH A . 
B 2 HOH 54  201 64  HOH HOH A . 
B 2 HOH 55  202 65  HOH HOH A . 
B 2 HOH 56  203 66  HOH HOH A . 
B 2 HOH 57  204 67  HOH HOH A . 
B 2 HOH 58  205 68  HOH HOH A . 
B 2 HOH 59  206 69  HOH HOH A . 
B 2 HOH 60  207 70  HOH HOH A . 
B 2 HOH 61  208 71  HOH HOH A . 
B 2 HOH 62  209 72  HOH HOH A . 
B 2 HOH 63  210 73  HOH HOH A . 
B 2 HOH 64  211 74  HOH HOH A . 
B 2 HOH 65  212 75  HOH HOH A . 
B 2 HOH 66  213 76  HOH HOH A . 
B 2 HOH 67  214 77  HOH HOH A . 
B 2 HOH 68  215 79  HOH HOH A . 
B 2 HOH 69  216 80  HOH HOH A . 
B 2 HOH 70  217 81  HOH HOH A . 
B 2 HOH 71  218 82  HOH HOH A . 
B 2 HOH 72  219 83  HOH HOH A . 
B 2 HOH 73  220 86  HOH HOH A . 
B 2 HOH 74  221 88  HOH HOH A . 
B 2 HOH 75  222 89  HOH HOH A . 
B 2 HOH 76  223 90  HOH HOH A . 
B 2 HOH 77  224 91  HOH HOH A . 
B 2 HOH 78  225 92  HOH HOH A . 
B 2 HOH 79  226 93  HOH HOH A . 
B 2 HOH 80  227 95  HOH HOH A . 
B 2 HOH 81  228 98  HOH HOH A . 
B 2 HOH 82  229 99  HOH HOH A . 
B 2 HOH 83  230 100 HOH HOH A . 
B 2 HOH 84  231 101 HOH HOH A . 
B 2 HOH 85  232 102 HOH HOH A . 
B 2 HOH 86  233 103 HOH HOH A . 
B 2 HOH 87  234 104 HOH HOH A . 
B 2 HOH 88  235 105 HOH HOH A . 
B 2 HOH 89  236 106 HOH HOH A . 
B 2 HOH 90  237 108 HOH HOH A . 
B 2 HOH 91  238 109 HOH HOH A . 
B 2 HOH 92  239 112 HOH HOH A . 
B 2 HOH 93  240 114 HOH HOH A . 
B 2 HOH 94  241 115 HOH HOH A . 
B 2 HOH 95  242 116 HOH HOH A . 
B 2 HOH 96  243 117 HOH HOH A . 
B 2 HOH 97  244 119 HOH HOH A . 
B 2 HOH 98  245 121 HOH HOH A . 
B 2 HOH 99  246 123 HOH HOH A . 
B 2 HOH 100 247 124 HOH HOH A . 
B 2 HOH 101 248 125 HOH HOH A . 
B 2 HOH 102 249 126 HOH HOH A . 
B 2 HOH 103 250 127 HOH HOH A . 
B 2 HOH 104 251 128 HOH HOH A . 
B 2 HOH 105 252 129 HOH HOH A . 
B 2 HOH 106 253 130 HOH HOH A . 
B 2 HOH 107 254 132 HOH HOH A . 
B 2 HOH 108 255 133 HOH HOH A . 
B 2 HOH 109 256 134 HOH HOH A . 
B 2 HOH 110 257 135 HOH HOH A . 
B 2 HOH 111 258 136 HOH HOH A . 
B 2 HOH 112 259 137 HOH HOH A . 
B 2 HOH 113 260 138 HOH HOH A . 
B 2 HOH 114 261 139 HOH HOH A . 
B 2 HOH 115 262 140 HOH HOH A . 
B 2 HOH 116 263 141 HOH HOH A . 
B 2 HOH 117 264 142 HOH HOH A . 
B 2 HOH 118 265 143 HOH HOH A . 
B 2 HOH 119 266 144 HOH HOH A . 
B 2 HOH 120 267 146 HOH HOH A . 
B 2 HOH 121 268 147 HOH HOH A . 
B 2 HOH 122 269 148 HOH HOH A . 
B 2 HOH 123 270 149 HOH HOH A . 
B 2 HOH 124 271 150 HOH HOH A . 
B 2 HOH 125 272 151 HOH HOH A . 
B 2 HOH 126 273 152 HOH HOH A . 
B 2 HOH 127 274 153 HOH HOH A . 
B 2 HOH 128 275 154 HOH HOH A . 
B 2 HOH 129 276 155 HOH HOH A . 
B 2 HOH 130 277 156 HOH HOH A . 
B 2 HOH 131 278 158 HOH HOH A . 
B 2 HOH 132 279 159 HOH HOH A . 
B 2 HOH 133 280 160 HOH HOH A . 
B 2 HOH 134 281 161 HOH HOH A . 
B 2 HOH 135 282 166 HOH HOH A . 
B 2 HOH 136 283 167 HOH HOH A . 
B 2 HOH 137 284 168 HOH HOH A . 
B 2 HOH 138 285 169 HOH HOH A . 
B 2 HOH 139 286 170 HOH HOH A . 
B 2 HOH 140 287 171 HOH HOH A . 
B 2 HOH 141 288 172 HOH HOH A . 
B 2 HOH 142 289 173 HOH HOH A . 
B 2 HOH 143 290 174 HOH HOH A . 
B 2 HOH 144 291 175 HOH HOH A . 
B 2 HOH 145 292 176 HOH HOH A . 
# 
loop_
_pdbx_unobs_or_zero_occ_atoms.id 
_pdbx_unobs_or_zero_occ_atoms.PDB_model_num 
_pdbx_unobs_or_zero_occ_atoms.polymer_flag 
_pdbx_unobs_or_zero_occ_atoms.occupancy_flag 
_pdbx_unobs_or_zero_occ_atoms.auth_asym_id 
_pdbx_unobs_or_zero_occ_atoms.auth_comp_id 
_pdbx_unobs_or_zero_occ_atoms.auth_seq_id 
_pdbx_unobs_or_zero_occ_atoms.PDB_ins_code 
_pdbx_unobs_or_zero_occ_atoms.auth_atom_id 
_pdbx_unobs_or_zero_occ_atoms.label_alt_id 
_pdbx_unobs_or_zero_occ_atoms.label_asym_id 
_pdbx_unobs_or_zero_occ_atoms.label_comp_id 
_pdbx_unobs_or_zero_occ_atoms.label_seq_id 
_pdbx_unobs_or_zero_occ_atoms.label_atom_id 
1  1 Y 1 A GLU 108 ? CG  ? A GLU 110 CG  
2  1 Y 1 A GLU 108 ? CD  ? A GLU 110 CD  
3  1 Y 1 A GLU 108 ? OE1 ? A GLU 110 OE1 
4  1 Y 1 A GLU 108 ? OE2 ? A GLU 110 OE2 
5  1 Y 1 A GLU 109 ? CG  ? A GLU 111 CG  
6  1 Y 1 A GLU 109 ? CD  ? A GLU 111 CD  
7  1 Y 1 A GLU 109 ? OE1 ? A GLU 111 OE1 
8  1 Y 1 A GLU 109 ? OE2 ? A GLU 111 OE2 
9  1 Y 1 A ASP 143 ? CG  ? A ASP 145 CG  
10 1 Y 1 A ASP 143 ? OD1 ? A ASP 145 OD1 
11 1 Y 1 A ASP 143 ? OD2 ? A ASP 145 OD2 
# 
loop_
_software.name 
_software.classification 
_software.version 
_software.citation_id 
_software.pdbx_ordinal 
REFMAC   refinement        5.2.0019 ? 1 
ADSC     'data collection' Quantum  ? 2 
HKL-2000 'data reduction'  .        ? 3 
HKL-2000 'data scaling'    .        ? 4 
MOLREP   phasing           .        ? 5 
# 
_cell.entry_id           2QPW 
_cell.length_a           36.462 
_cell.length_b           51.196 
_cell.length_c           70.887 
_cell.angle_alpha        90.00 
_cell.angle_beta         90.00 
_cell.angle_gamma        90.00 
_cell.Z_PDB              4 
_cell.pdbx_unique_axis   ? 
_cell.length_a_esd       ? 
_cell.length_b_esd       ? 
_cell.length_c_esd       ? 
_cell.angle_alpha_esd    ? 
_cell.angle_beta_esd     ? 
_cell.angle_gamma_esd    ? 
# 
_symmetry.entry_id                         2QPW 
_symmetry.space_group_name_H-M             'P 21 21 21' 
_symmetry.pdbx_full_space_group_name_H-M   ? 
_symmetry.cell_setting                     ? 
_symmetry.Int_Tables_number                19 
_symmetry.space_group_name_Hall            ? 
# 
_exptl.entry_id          2QPW 
_exptl.method            'X-RAY DIFFRACTION' 
_exptl.crystals_number   2 
# 
_exptl_crystal.id                    1 
_exptl_crystal.density_meas          ? 
_exptl_crystal.density_Matthews      1.94 
_exptl_crystal.density_percent_sol   36.62 
_exptl_crystal.description           ? 
_exptl_crystal.F_000                 ? 
_exptl_crystal.preparation           ? 
# 
_exptl_crystal_grow.crystal_id      1 
_exptl_crystal_grow.method          'VAPOR DIFFUSION, HANGING DROP' 
_exptl_crystal_grow.temp            298 
_exptl_crystal_grow.temp_details    ? 
_exptl_crystal_grow.pH              7.0 
_exptl_crystal_grow.pdbx_details    
'22% PEG 5000 MME, 0.2 M Ammonium sulfate, 0.1 M MES pH 7.0, VAPOR DIFFUSION, HANGING DROP, temperature 298K' 
_exptl_crystal_grow.pdbx_pH_range   . 
# 
_diffrn.id                     1 
_diffrn.ambient_temp           100 
_diffrn.ambient_temp_details   ? 
_diffrn.crystal_id             1 
# 
_diffrn_detector.diffrn_id              1 
_diffrn_detector.detector               CCD 
_diffrn_detector.type                   'ADSC QUANTUM 210' 
_diffrn_detector.pdbx_collection_date   2007-06-24 
_diffrn_detector.details                ? 
# 
_diffrn_radiation.diffrn_id                        1 
_diffrn_radiation.wavelength_id                    1 
_diffrn_radiation.pdbx_monochromatic_or_laue_m_l   M 
_diffrn_radiation.monochromator                    ? 
_diffrn_radiation.pdbx_diffrn_protocol             'SINGLE WAVELENGTH' 
_diffrn_radiation.pdbx_scattering_type             x-ray 
# 
_diffrn_radiation_wavelength.id           1 
_diffrn_radiation_wavelength.wavelength   0.97770 
_diffrn_radiation_wavelength.wt           1.0 
# 
_diffrn_source.diffrn_id                   1 
_diffrn_source.source                      SYNCHROTRON 
_diffrn_source.type                        'CHESS BEAMLINE A1' 
_diffrn_source.pdbx_synchrotron_site       CHESS 
_diffrn_source.pdbx_synchrotron_beamline   A1 
_diffrn_source.pdbx_wavelength             ? 
_diffrn_source.pdbx_wavelength_list        0.97770 
# 
_reflns.entry_id                     2QPW 
_reflns.observed_criterion_sigma_F   0 
_reflns.observed_criterion_sigma_I   0 
_reflns.d_resolution_high            1.79 
_reflns.d_resolution_low             50.0 
_reflns.number_all                   23999 
_reflns.number_obs                   23999 
_reflns.percent_possible_obs         99.7 
_reflns.pdbx_Rmerge_I_obs            ? 
_reflns.pdbx_Rsym_value              0.063 
_reflns.pdbx_netI_over_sigmaI        34.3 
_reflns.B_iso_Wilson_estimate        ? 
_reflns.pdbx_redundancy              7.2 
_reflns.R_free_details               ? 
_reflns.limit_h_max                  ? 
_reflns.limit_h_min                  ? 
_reflns.limit_k_max                  ? 
_reflns.limit_k_min                  ? 
_reflns.limit_l_max                  ? 
_reflns.limit_l_min                  ? 
_reflns.observed_criterion_F_max     ? 
_reflns.observed_criterion_F_min     ? 
_reflns.pdbx_chi_squared             ? 
_reflns.pdbx_scaling_rejects         ? 
_reflns.pdbx_diffrn_id               1 
_reflns.pdbx_ordinal                 1 
# 
_reflns_shell.d_res_high             1.79 
_reflns_shell.d_res_low              1.86 
_reflns_shell.percent_possible_all   99.3 
_reflns_shell.Rmerge_I_obs           ? 
_reflns_shell.pdbx_Rsym_value        0.301 
_reflns_shell.meanI_over_sigI_obs    6 
_reflns_shell.pdbx_redundancy        6.4 
_reflns_shell.percent_possible_obs   ? 
_reflns_shell.number_unique_all      2407 
_reflns_shell.number_measured_all    ? 
_reflns_shell.number_measured_obs    ? 
_reflns_shell.number_unique_obs      ? 
_reflns_shell.pdbx_chi_squared       ? 
_reflns_shell.pdbx_diffrn_id         ? 
_reflns_shell.pdbx_ordinal           1 
# 
_refine.entry_id                                 2QPW 
_refine.ls_number_reflns_obs                     12305 
_refine.ls_number_reflns_all                     12305 
_refine.pdbx_ls_sigma_I                          0 
_refine.pdbx_ls_sigma_F                          0 
_refine.pdbx_data_cutoff_high_absF               ? 
_refine.pdbx_data_cutoff_low_absF                ? 
_refine.pdbx_data_cutoff_high_rms_absF           ? 
_refine.ls_d_res_low                             41.49 
_refine.ls_d_res_high                            1.79 
_refine.ls_percent_reflns_obs                    99.41 
_refine.ls_R_factor_obs                          0.17104 
_refine.ls_R_factor_all                          0.17104 
_refine.ls_R_factor_R_work                       0.16842 
_refine.ls_R_factor_R_free                       0.22157 
_refine.ls_R_factor_R_free_error                 ? 
_refine.ls_R_factor_R_free_error_details         ? 
_refine.ls_percent_reflns_R_free                 4.9 
_refine.ls_number_reflns_R_free                  631 
_refine.ls_number_parameters                     ? 
_refine.ls_number_restraints                     ? 
_refine.occupancy_min                            ? 
_refine.occupancy_max                            ? 
_refine.correlation_coeff_Fo_to_Fc               0.965 
_refine.correlation_coeff_Fo_to_Fc_free          0.940 
_refine.B_iso_mean                               23.169 
_refine.aniso_B[1][1]                            -0.81 
_refine.aniso_B[2][2]                            -0.44 
_refine.aniso_B[3][3]                            1.26 
_refine.aniso_B[1][2]                            0.00 
_refine.aniso_B[1][3]                            0.00 
_refine.aniso_B[2][3]                            0.00 
_refine.solvent_model_details                    MASK 
_refine.solvent_model_param_ksol                 ? 
_refine.solvent_model_param_bsol                 ? 
_refine.pdbx_solvent_vdw_probe_radii             1.40 
_refine.pdbx_solvent_ion_probe_radii             0.80 
_refine.pdbx_solvent_shrinkage_radii             0.80 
_refine.pdbx_ls_cross_valid_method               THROUGHOUT 
_refine.details                                  
'The Friedel pairs were used for phasing. HYDROGENS HAVE BEEN ADDED IN THE RIDING POSITIONS' 
_refine.pdbx_starting_model                      
'Obtained via Se-SAD from second crystal (different crystal form) at low resolution' 
_refine.pdbx_method_to_determine_struct          'MOLECULAR REPLACEMENT' 
_refine.pdbx_isotropic_thermal_model             ? 
_refine.pdbx_stereochemistry_target_values       'MAXIMUM LIKELIHOOD' 
_refine.pdbx_stereochem_target_val_spec_case     ? 
_refine.pdbx_R_Free_selection_details            RANDOM 
_refine.pdbx_overall_ESU_R                       0.135 
_refine.pdbx_overall_ESU_R_Free                  0.133 
_refine.overall_SU_ML                            0.087 
_refine.overall_SU_B                             2.718 
_refine.ls_redundancy_reflns_obs                 ? 
_refine.B_iso_min                                ? 
_refine.B_iso_max                                ? 
_refine.overall_SU_R_Cruickshank_DPI             ? 
_refine.overall_SU_R_free                        ? 
_refine.ls_wR_factor_R_free                      ? 
_refine.ls_wR_factor_R_work                      ? 
_refine.overall_FOM_free_R_set                   ? 
_refine.overall_FOM_work_R_set                   ? 
_refine.pdbx_refine_id                           'X-RAY DIFFRACTION' 
_refine.pdbx_diffrn_id                           1 
_refine.pdbx_TLS_residual_ADP_flag               ? 
_refine.pdbx_overall_phase_error                 ? 
_refine.pdbx_overall_SU_R_free_Cruickshank_DPI   ? 
_refine.pdbx_overall_SU_R_Blow_DPI               ? 
_refine.pdbx_overall_SU_R_free_Blow_DPI          ? 
# 
_refine_hist.pdbx_refine_id                   'X-RAY DIFFRACTION' 
_refine_hist.cycle_id                         LAST 
_refine_hist.pdbx_number_atoms_protein        1191 
_refine_hist.pdbx_number_atoms_nucleic_acid   0 
_refine_hist.pdbx_number_atoms_ligand         0 
_refine_hist.number_atoms_solvent             145 
_refine_hist.number_atoms_total               1336 
_refine_hist.d_res_high                       1.79 
_refine_hist.d_res_low                        41.49 
# 
loop_
_refine_ls_restr.type 
_refine_ls_restr.dev_ideal 
_refine_ls_restr.dev_ideal_target 
_refine_ls_restr.weight 
_refine_ls_restr.number 
_refine_ls_restr.pdbx_refine_id 
_refine_ls_restr.pdbx_restraint_function 
r_bond_refined_d             0.019  0.022  ? 1228 'X-RAY DIFFRACTION' ? 
r_bond_other_d               ?      ?      ? ?    'X-RAY DIFFRACTION' ? 
r_angle_refined_deg          1.507  1.957  ? 1679 'X-RAY DIFFRACTION' ? 
r_angle_other_deg            ?      ?      ? ?    'X-RAY DIFFRACTION' ? 
r_dihedral_angle_1_deg       5.947  5.000  ? 150  'X-RAY DIFFRACTION' ? 
r_dihedral_angle_2_deg       36.888 24.643 ? 56   'X-RAY DIFFRACTION' ? 
r_dihedral_angle_3_deg       14.279 15.000 ? 202  'X-RAY DIFFRACTION' ? 
r_dihedral_angle_4_deg       8.909  15.000 ? 6    'X-RAY DIFFRACTION' ? 
r_chiral_restr               0.118  0.200  ? 178  'X-RAY DIFFRACTION' ? 
r_gen_planes_refined         0.007  0.020  ? 952  'X-RAY DIFFRACTION' ? 
r_gen_planes_other           ?      ?      ? ?    'X-RAY DIFFRACTION' ? 
r_nbd_refined                0.206  0.200  ? 414  'X-RAY DIFFRACTION' ? 
r_nbd_other                  ?      ?      ? ?    'X-RAY DIFFRACTION' ? 
r_nbtor_refined              0.307  0.200  ? 802  'X-RAY DIFFRACTION' ? 
r_nbtor_other                ?      ?      ? ?    'X-RAY DIFFRACTION' ? 
r_xyhbond_nbd_refined        0.212  0.200  ? 78   'X-RAY DIFFRACTION' ? 
r_xyhbond_nbd_other          ?      ?      ? ?    'X-RAY DIFFRACTION' ? 
r_metal_ion_refined          ?      ?      ? ?    'X-RAY DIFFRACTION' ? 
r_metal_ion_other            ?      ?      ? ?    'X-RAY DIFFRACTION' ? 
r_symmetry_vdw_refined       0.177  0.200  ? 58   'X-RAY DIFFRACTION' ? 
r_symmetry_vdw_other         ?      ?      ? ?    'X-RAY DIFFRACTION' ? 
r_symmetry_hbond_refined     0.191  0.200  ? 21   'X-RAY DIFFRACTION' ? 
r_symmetry_hbond_other       ?      ?      ? ?    'X-RAY DIFFRACTION' ? 
r_symmetry_metal_ion_refined ?      ?      ? ?    'X-RAY DIFFRACTION' ? 
r_symmetry_metal_ion_other   ?      ?      ? ?    'X-RAY DIFFRACTION' ? 
r_mcbond_it                  1.198  1.500  ? 772  'X-RAY DIFFRACTION' ? 
r_mcbond_other               ?      ?      ? ?    'X-RAY DIFFRACTION' ? 
r_mcangle_it                 1.815  2.000  ? 1208 'X-RAY DIFFRACTION' ? 
r_scbond_it                  2.835  3.000  ? 551  'X-RAY DIFFRACTION' ? 
r_scangle_it                 4.245  4.500  ? 469  'X-RAY DIFFRACTION' ? 
r_rigid_bond_restr           ?      ?      ? ?    'X-RAY DIFFRACTION' ? 
r_sphericity_free            ?      ?      ? ?    'X-RAY DIFFRACTION' ? 
r_sphericity_bonded          ?      ?      ? ?    'X-RAY DIFFRACTION' ? 
# 
_refine_ls_shell.pdbx_total_number_of_bins_used   20 
_refine_ls_shell.d_res_high                       1.79 
_refine_ls_shell.d_res_low                        1.84 
_refine_ls_shell.number_reflns_R_work             841 
_refine_ls_shell.R_factor_R_work                  0.198 
_refine_ls_shell.percent_reflns_obs               94.82 
_refine_ls_shell.R_factor_R_free                  0.254 
_refine_ls_shell.R_factor_R_free_error            ? 
_refine_ls_shell.percent_reflns_R_free            ? 
_refine_ls_shell.number_reflns_R_free             56 
_refine_ls_shell.number_reflns_all                ? 
_refine_ls_shell.R_factor_all                     ? 
_refine_ls_shell.number_reflns_obs                ? 
_refine_ls_shell.redundancy_reflns_obs            ? 
_refine_ls_shell.pdbx_refine_id                   'X-RAY DIFFRACTION' 
# 
_struct.entry_id                  2QPW 
_struct.title                     'Methyltransferase domain of human PR domain-containing protein 2' 
_struct.pdbx_model_details        ? 
_struct.pdbx_CASP_flag            N 
_struct.pdbx_model_type_details   ? 
# 
_struct_keywords.entry_id        2QPW 
_struct_keywords.pdbx_keywords   TRANSCRIPTION 
_struct_keywords.text            
;methyltransferase, Activator, Alternative initiation, Alternative splicing, DNA-binding, Metal-binding, Nucleus, Phosphorylation, Transcription, Transcription regulation, Zinc, Zinc-finger, Structural Genomics, Structural Genomics Consortium, SGC
;
# 
loop_
_struct_asym.id 
_struct_asym.pdbx_blank_PDB_chainid_flag 
_struct_asym.pdbx_modified 
_struct_asym.entity_id 
_struct_asym.details 
A N N 1 ? 
B N N 2 ? 
# 
_struct_ref.id                         1 
_struct_ref.db_name                    UNP 
_struct_ref.db_code                    PRDM2_HUMAN 
_struct_ref.pdbx_db_accession          Q13029 
_struct_ref.entity_id                  1 
_struct_ref.pdbx_seq_one_letter_code   
;NQNTTEPVAATETLAEVPEHVLRGLPEEVRLFPSAVDKTRIGVWATKPILKGKKFGPFVGDKKKRSQVKNNVYMWEVYYP
NLGWMCIDATDPEKGNWLRYVNWACSGEEQNLFPLEINRAIYYKTLKPIAPGEELLVWYNGEDNPEI
;
_struct_ref.pdbx_align_begin           2 
_struct_ref.pdbx_db_isoform            ? 
# 
_struct_ref_seq.align_id                      1 
_struct_ref_seq.ref_id                        1 
_struct_ref_seq.pdbx_PDB_id_code              2QPW 
_struct_ref_seq.pdbx_strand_id                A 
_struct_ref_seq.seq_align_beg                 3 
_struct_ref_seq.pdbx_seq_align_beg_ins_code   ? 
_struct_ref_seq.seq_align_end                 149 
_struct_ref_seq.pdbx_seq_align_end_ins_code   ? 
_struct_ref_seq.pdbx_db_accession             Q13029 
_struct_ref_seq.db_align_beg                  2 
_struct_ref_seq.pdbx_db_align_beg_ins_code    ? 
_struct_ref_seq.db_align_end                  148 
_struct_ref_seq.pdbx_db_align_end_ins_code    ? 
_struct_ref_seq.pdbx_auth_seq_align_beg       1 
_struct_ref_seq.pdbx_auth_seq_align_end       147 
# 
loop_
_struct_ref_seq_dif.align_id 
_struct_ref_seq_dif.pdbx_pdb_id_code 
_struct_ref_seq_dif.mon_id 
_struct_ref_seq_dif.pdbx_pdb_strand_id 
_struct_ref_seq_dif.seq_num 
_struct_ref_seq_dif.pdbx_pdb_ins_code 
_struct_ref_seq_dif.pdbx_seq_db_name 
_struct_ref_seq_dif.pdbx_seq_db_accession_code 
_struct_ref_seq_dif.db_mon_id 
_struct_ref_seq_dif.pdbx_seq_db_seq_num 
_struct_ref_seq_dif.details 
_struct_ref_seq_dif.pdbx_auth_seq_num 
_struct_ref_seq_dif.pdbx_ordinal 
1 2QPW GLY A 1 ? UNP Q13029 ? ? 'expression tag' -1 1 
1 2QPW SER A 2 ? UNP Q13029 ? ? 'expression tag' 0  2 
# 
_pdbx_struct_assembly.id                   1 
_pdbx_struct_assembly.details              author_and_software_defined_assembly 
_pdbx_struct_assembly.method_details       PISA 
_pdbx_struct_assembly.oligomeric_details   monomeric 
_pdbx_struct_assembly.oligomeric_count     1 
# 
_pdbx_struct_assembly_gen.assembly_id       1 
_pdbx_struct_assembly_gen.oper_expression   1 
_pdbx_struct_assembly_gen.asym_id_list      A,B 
# 
_pdbx_struct_oper_list.id                   1 
_pdbx_struct_oper_list.type                 'identity operation' 
_pdbx_struct_oper_list.name                 1_555 
_pdbx_struct_oper_list.symmetry_operation   x,y,z 
_pdbx_struct_oper_list.matrix[1][1]         1.0000000000 
_pdbx_struct_oper_list.matrix[1][2]         0.0000000000 
_pdbx_struct_oper_list.matrix[1][3]         0.0000000000 
_pdbx_struct_oper_list.vector[1]            0.0000000000 
_pdbx_struct_oper_list.matrix[2][1]         0.0000000000 
_pdbx_struct_oper_list.matrix[2][2]         1.0000000000 
_pdbx_struct_oper_list.matrix[2][3]         0.0000000000 
_pdbx_struct_oper_list.vector[2]            0.0000000000 
_pdbx_struct_oper_list.matrix[3][1]         0.0000000000 
_pdbx_struct_oper_list.matrix[3][2]         0.0000000000 
_pdbx_struct_oper_list.matrix[3][3]         1.0000000000 
_pdbx_struct_oper_list.vector[3]            0.0000000000 
# 
_struct_biol.id   1 
# 
loop_
_struct_conf.conf_type_id 
_struct_conf.id 
_struct_conf.pdbx_PDB_helix_id 
_struct_conf.beg_label_comp_id 
_struct_conf.beg_label_asym_id 
_struct_conf.beg_label_seq_id 
_struct_conf.pdbx_beg_PDB_ins_code 
_struct_conf.end_label_comp_id 
_struct_conf.end_label_asym_id 
_struct_conf.end_label_seq_id 
_struct_conf.pdbx_end_PDB_ins_code 
_struct_conf.beg_auth_comp_id 
_struct_conf.beg_auth_asym_id 
_struct_conf.beg_auth_seq_id 
_struct_conf.end_auth_comp_id 
_struct_conf.end_auth_asym_id 
_struct_conf.end_auth_seq_id 
_struct_conf.pdbx_PDB_helix_class 
_struct_conf.details 
_struct_conf.pdbx_PDB_helix_length 
HELX_P HELX_P1 1 THR A 15 ? VAL A 19  ? THR A 13 VAL A 17  5 ? 5 
HELX_P HELX_P2 2 PRO A 20 ? GLY A 26  ? PRO A 18 GLY A 24  1 ? 7 
HELX_P HELX_P3 3 LYS A 66 ? VAL A 70  ? LYS A 64 VAL A 68  5 ? 5 
HELX_P HELX_P4 4 ASP A 93 ? GLY A 97  ? ASP A 91 GLY A 95  5 ? 5 
HELX_P HELX_P5 5 ASN A 98 ? VAL A 103 ? ASN A 96 VAL A 101 5 ? 6 
# 
_struct_conf_type.id          HELX_P 
_struct_conf_type.criteria    ? 
_struct_conf_type.reference   ? 
# 
_struct_mon_prot_cis.pdbx_id                1 
_struct_mon_prot_cis.label_comp_id          GLY 
_struct_mon_prot_cis.label_seq_id           58 
_struct_mon_prot_cis.label_asym_id          A 
_struct_mon_prot_cis.label_alt_id           . 
_struct_mon_prot_cis.pdbx_PDB_ins_code      ? 
_struct_mon_prot_cis.auth_comp_id           GLY 
_struct_mon_prot_cis.auth_seq_id            56 
_struct_mon_prot_cis.auth_asym_id           A 
_struct_mon_prot_cis.pdbx_label_comp_id_2   PRO 
_struct_mon_prot_cis.pdbx_label_seq_id_2    59 
_struct_mon_prot_cis.pdbx_label_asym_id_2   A 
_struct_mon_prot_cis.pdbx_PDB_ins_code_2    ? 
_struct_mon_prot_cis.pdbx_auth_comp_id_2    PRO 
_struct_mon_prot_cis.pdbx_auth_seq_id_2     57 
_struct_mon_prot_cis.pdbx_auth_asym_id_2    A 
_struct_mon_prot_cis.pdbx_PDB_model_num     1 
_struct_mon_prot_cis.pdbx_omega_angle       7.56 
# 
loop_
_struct_sheet.id 
_struct_sheet.type 
_struct_sheet.number_strands 
_struct_sheet.details 
A ? 2 ? 
B ? 3 ? 
C ? 3 ? 
D ? 2 ? 
# 
loop_
_struct_sheet_order.sheet_id 
_struct_sheet_order.range_id_1 
_struct_sheet_order.range_id_2 
_struct_sheet_order.offset 
_struct_sheet_order.sense 
A 1 2 ? anti-parallel 
B 1 2 ? anti-parallel 
B 2 3 ? anti-parallel 
C 1 2 ? anti-parallel 
C 2 3 ? anti-parallel 
D 1 2 ? parallel      
# 
loop_
_struct_sheet_range.sheet_id 
_struct_sheet_range.id 
_struct_sheet_range.beg_label_comp_id 
_struct_sheet_range.beg_label_asym_id 
_struct_sheet_range.beg_label_seq_id 
_struct_sheet_range.pdbx_beg_PDB_ins_code 
_struct_sheet_range.end_label_comp_id 
_struct_sheet_range.end_label_asym_id 
_struct_sheet_range.end_label_seq_id 
_struct_sheet_range.pdbx_end_PDB_ins_code 
_struct_sheet_range.beg_auth_comp_id 
_struct_sheet_range.beg_auth_asym_id 
_struct_sheet_range.beg_auth_seq_id 
_struct_sheet_range.end_auth_comp_id 
_struct_sheet_range.end_auth_asym_id 
_struct_sheet_range.end_auth_seq_id 
A 1 VAL A 31  ? PRO A 35  ? VAL A 29  PRO A 33  
A 2 ILE A 43  ? ALA A 47  ? ILE A 41  ALA A 45  
B 1 LYS A 56  ? PHE A 57  ? LYS A 54  PHE A 55  
B 2 ALA A 122 ? THR A 127 ? ALA A 120 THR A 125 
B 3 LEU A 114 ? ILE A 119 ? LEU A 112 ILE A 117 
C 1 ASP A 63  ? LYS A 65  ? ASP A 61  LYS A 63  
C 2 GLY A 85  ? ASP A 90  ? GLY A 83  ASP A 88  
C 3 MET A 76  ? TYR A 81  ? MET A 74  TYR A 79  
D 1 ASN A 104 ? TRP A 105 ? ASN A 102 TRP A 103 
D 2 LEU A 138 ? VAL A 139 ? LEU A 136 VAL A 137 
# 
loop_
_pdbx_struct_sheet_hbond.sheet_id 
_pdbx_struct_sheet_hbond.range_id_1 
_pdbx_struct_sheet_hbond.range_id_2 
_pdbx_struct_sheet_hbond.range_1_label_atom_id 
_pdbx_struct_sheet_hbond.range_1_label_comp_id 
_pdbx_struct_sheet_hbond.range_1_label_asym_id 
_pdbx_struct_sheet_hbond.range_1_label_seq_id 
_pdbx_struct_sheet_hbond.range_1_PDB_ins_code 
_pdbx_struct_sheet_hbond.range_1_auth_atom_id 
_pdbx_struct_sheet_hbond.range_1_auth_comp_id 
_pdbx_struct_sheet_hbond.range_1_auth_asym_id 
_pdbx_struct_sheet_hbond.range_1_auth_seq_id 
_pdbx_struct_sheet_hbond.range_2_label_atom_id 
_pdbx_struct_sheet_hbond.range_2_label_comp_id 
_pdbx_struct_sheet_hbond.range_2_label_asym_id 
_pdbx_struct_sheet_hbond.range_2_label_seq_id 
_pdbx_struct_sheet_hbond.range_2_PDB_ins_code 
_pdbx_struct_sheet_hbond.range_2_auth_atom_id 
_pdbx_struct_sheet_hbond.range_2_auth_comp_id 
_pdbx_struct_sheet_hbond.range_2_auth_asym_id 
_pdbx_struct_sheet_hbond.range_2_auth_seq_id 
A 1 2 N ARG A 32  ? N ARG A 30  O TRP A 46  ? O TRP A 44  
B 1 2 N PHE A 57  ? N PHE A 55  O TYR A 125 ? O TYR A 123 
B 2 3 O LYS A 126 ? O LYS A 124 N PHE A 115 ? N PHE A 113 
C 1 2 N LYS A 65  ? N LYS A 63  O CYS A 88  ? O CYS A 86  
C 2 3 O ILE A 89  ? O ILE A 87  N TRP A 77  ? N TRP A 75  
D 1 2 N ASN A 104 ? N ASN A 102 O VAL A 139 ? O VAL A 137 
# 
loop_
_pdbx_validate_close_contact.id 
_pdbx_validate_close_contact.PDB_model_num 
_pdbx_validate_close_contact.auth_atom_id_1 
_pdbx_validate_close_contact.auth_asym_id_1 
_pdbx_validate_close_contact.auth_comp_id_1 
_pdbx_validate_close_contact.auth_seq_id_1 
_pdbx_validate_close_contact.PDB_ins_code_1 
_pdbx_validate_close_contact.label_alt_id_1 
_pdbx_validate_close_contact.auth_atom_id_2 
_pdbx_validate_close_contact.auth_asym_id_2 
_pdbx_validate_close_contact.auth_comp_id_2 
_pdbx_validate_close_contact.auth_seq_id_2 
_pdbx_validate_close_contact.PDB_ins_code_2 
_pdbx_validate_close_contact.label_alt_id_2 
_pdbx_validate_close_contact.dist 
1 1 O   A HOH 177 ? ? O A HOH 268 ? ? 2.11 
2 1 OE2 A GLU 93  ? ? O A HOH 239 ? ? 2.17 
3 1 OE1 A GLN 67  ? ? O A HOH 266 ? ? 2.18 
# 
_pdbx_SG_project.id                    1 
_pdbx_SG_project.project_name          ? 
_pdbx_SG_project.full_name_of_center   'Structural Genomics Consortium' 
_pdbx_SG_project.initial_of_center     SGC 
# 
loop_
_pdbx_unobs_or_zero_occ_residues.id 
_pdbx_unobs_or_zero_occ_residues.PDB_model_num 
_pdbx_unobs_or_zero_occ_residues.polymer_flag 
_pdbx_unobs_or_zero_occ_residues.occupancy_flag 
_pdbx_unobs_or_zero_occ_residues.auth_asym_id 
_pdbx_unobs_or_zero_occ_residues.auth_comp_id 
_pdbx_unobs_or_zero_occ_residues.auth_seq_id 
_pdbx_unobs_or_zero_occ_residues.PDB_ins_code 
_pdbx_unobs_or_zero_occ_residues.label_asym_id 
_pdbx_unobs_or_zero_occ_residues.label_comp_id 
_pdbx_unobs_or_zero_occ_residues.label_seq_id 
1 1 Y 1 A GLY -1 ? A GLY 1 
2 1 Y 1 A SER 0  ? A SER 2 
# 
loop_
_chem_comp_atom.comp_id 
_chem_comp_atom.atom_id 
_chem_comp_atom.type_symbol 
_chem_comp_atom.pdbx_aromatic_flag 
_chem_comp_atom.pdbx_stereo_config 
_chem_comp_atom.pdbx_ordinal 
ALA N    N N N 1   
ALA CA   C N S 2   
ALA C    C N N 3   
ALA O    O N N 4   
ALA CB   C N N 5   
ALA OXT  O N N 6   
ALA H    H N N 7   
ALA H2   H N N 8   
ALA HA   H N N 9   
ALA HB1  H N N 10  
ALA HB2  H N N 11  
ALA HB3  H N N 12  
ALA HXT  H N N 13  
ARG N    N N N 14  
ARG CA   C N S 15  
ARG C    C N N 16  
ARG O    O N N 17  
ARG CB   C N N 18  
ARG CG   C N N 19  
ARG CD   C N N 20  
ARG NE   N N N 21  
ARG CZ   C N N 22  
ARG NH1  N N N 23  
ARG NH2  N N N 24  
ARG OXT  O N N 25  
ARG H    H N N 26  
ARG H2   H N N 27  
ARG HA   H N N 28  
ARG HB2  H N N 29  
ARG HB3  H N N 30  
ARG HG2  H N N 31  
ARG HG3  H N N 32  
ARG HD2  H N N 33  
ARG HD3  H N N 34  
ARG HE   H N N 35  
ARG HH11 H N N 36  
ARG HH12 H N N 37  
ARG HH21 H N N 38  
ARG HH22 H N N 39  
ARG HXT  H N N 40  
ASN N    N N N 41  
ASN CA   C N S 42  
ASN C    C N N 43  
ASN O    O N N 44  
ASN CB   C N N 45  
ASN CG   C N N 46  
ASN OD1  O N N 47  
ASN ND2  N N N 48  
ASN OXT  O N N 49  
ASN H    H N N 50  
ASN H2   H N N 51  
ASN HA   H N N 52  
ASN HB2  H N N 53  
ASN HB3  H N N 54  
ASN HD21 H N N 55  
ASN HD22 H N N 56  
ASN HXT  H N N 57  
ASP N    N N N 58  
ASP CA   C N S 59  
ASP C    C N N 60  
ASP O    O N N 61  
ASP CB   C N N 62  
ASP CG   C N N 63  
ASP OD1  O N N 64  
ASP OD2  O N N 65  
ASP OXT  O N N 66  
ASP H    H N N 67  
ASP H2   H N N 68  
ASP HA   H N N 69  
ASP HB2  H N N 70  
ASP HB3  H N N 71  
ASP HD2  H N N 72  
ASP HXT  H N N 73  
CYS N    N N N 74  
CYS CA   C N R 75  
CYS C    C N N 76  
CYS O    O N N 77  
CYS CB   C N N 78  
CYS SG   S N N 79  
CYS OXT  O N N 80  
CYS H    H N N 81  
CYS H2   H N N 82  
CYS HA   H N N 83  
CYS HB2  H N N 84  
CYS HB3  H N N 85  
CYS HG   H N N 86  
CYS HXT  H N N 87  
GLN N    N N N 88  
GLN CA   C N S 89  
GLN C    C N N 90  
GLN O    O N N 91  
GLN CB   C N N 92  
GLN CG   C N N 93  
GLN CD   C N N 94  
GLN OE1  O N N 95  
GLN NE2  N N N 96  
GLN OXT  O N N 97  
GLN H    H N N 98  
GLN H2   H N N 99  
GLN HA   H N N 100 
GLN HB2  H N N 101 
GLN HB3  H N N 102 
GLN HG2  H N N 103 
GLN HG3  H N N 104 
GLN HE21 H N N 105 
GLN HE22 H N N 106 
GLN HXT  H N N 107 
GLU N    N N N 108 
GLU CA   C N S 109 
GLU C    C N N 110 
GLU O    O N N 111 
GLU CB   C N N 112 
GLU CG   C N N 113 
GLU CD   C N N 114 
GLU OE1  O N N 115 
GLU OE2  O N N 116 
GLU OXT  O N N 117 
GLU H    H N N 118 
GLU H2   H N N 119 
GLU HA   H N N 120 
GLU HB2  H N N 121 
GLU HB3  H N N 122 
GLU HG2  H N N 123 
GLU HG3  H N N 124 
GLU HE2  H N N 125 
GLU HXT  H N N 126 
GLY N    N N N 127 
GLY CA   C N N 128 
GLY C    C N N 129 
GLY O    O N N 130 
GLY OXT  O N N 131 
GLY H    H N N 132 
GLY H2   H N N 133 
GLY HA2  H N N 134 
GLY HA3  H N N 135 
GLY HXT  H N N 136 
HIS N    N N N 137 
HIS CA   C N S 138 
HIS C    C N N 139 
HIS O    O N N 140 
HIS CB   C N N 141 
HIS CG   C Y N 142 
HIS ND1  N Y N 143 
HIS CD2  C Y N 144 
HIS CE1  C Y N 145 
HIS NE2  N Y N 146 
HIS OXT  O N N 147 
HIS H    H N N 148 
HIS H2   H N N 149 
HIS HA   H N N 150 
HIS HB2  H N N 151 
HIS HB3  H N N 152 
HIS HD1  H N N 153 
HIS HD2  H N N 154 
HIS HE1  H N N 155 
HIS HE2  H N N 156 
HIS HXT  H N N 157 
HOH O    O N N 158 
HOH H1   H N N 159 
HOH H2   H N N 160 
ILE N    N N N 161 
ILE CA   C N S 162 
ILE C    C N N 163 
ILE O    O N N 164 
ILE CB   C N S 165 
ILE CG1  C N N 166 
ILE CG2  C N N 167 
ILE CD1  C N N 168 
ILE OXT  O N N 169 
ILE H    H N N 170 
ILE H2   H N N 171 
ILE HA   H N N 172 
ILE HB   H N N 173 
ILE HG12 H N N 174 
ILE HG13 H N N 175 
ILE HG21 H N N 176 
ILE HG22 H N N 177 
ILE HG23 H N N 178 
ILE HD11 H N N 179 
ILE HD12 H N N 180 
ILE HD13 H N N 181 
ILE HXT  H N N 182 
LEU N    N N N 183 
LEU CA   C N S 184 
LEU C    C N N 185 
LEU O    O N N 186 
LEU CB   C N N 187 
LEU CG   C N N 188 
LEU CD1  C N N 189 
LEU CD2  C N N 190 
LEU OXT  O N N 191 
LEU H    H N N 192 
LEU H2   H N N 193 
LEU HA   H N N 194 
LEU HB2  H N N 195 
LEU HB3  H N N 196 
LEU HG   H N N 197 
LEU HD11 H N N 198 
LEU HD12 H N N 199 
LEU HD13 H N N 200 
LEU HD21 H N N 201 
LEU HD22 H N N 202 
LEU HD23 H N N 203 
LEU HXT  H N N 204 
LYS N    N N N 205 
LYS CA   C N S 206 
LYS C    C N N 207 
LYS O    O N N 208 
LYS CB   C N N 209 
LYS CG   C N N 210 
LYS CD   C N N 211 
LYS CE   C N N 212 
LYS NZ   N N N 213 
LYS OXT  O N N 214 
LYS H    H N N 215 
LYS H2   H N N 216 
LYS HA   H N N 217 
LYS HB2  H N N 218 
LYS HB3  H N N 219 
LYS HG2  H N N 220 
LYS HG3  H N N 221 
LYS HD2  H N N 222 
LYS HD3  H N N 223 
LYS HE2  H N N 224 
LYS HE3  H N N 225 
LYS HZ1  H N N 226 
LYS HZ2  H N N 227 
LYS HZ3  H N N 228 
LYS HXT  H N N 229 
MET N    N N N 230 
MET CA   C N S 231 
MET C    C N N 232 
MET O    O N N 233 
MET CB   C N N 234 
MET CG   C N N 235 
MET SD   S N N 236 
MET CE   C N N 237 
MET OXT  O N N 238 
MET H    H N N 239 
MET H2   H N N 240 
MET HA   H N N 241 
MET HB2  H N N 242 
MET HB3  H N N 243 
MET HG2  H N N 244 
MET HG3  H N N 245 
MET HE1  H N N 246 
MET HE2  H N N 247 
MET HE3  H N N 248 
MET HXT  H N N 249 
PHE N    N N N 250 
PHE CA   C N S 251 
PHE C    C N N 252 
PHE O    O N N 253 
PHE CB   C N N 254 
PHE CG   C Y N 255 
PHE CD1  C Y N 256 
PHE CD2  C Y N 257 
PHE CE1  C Y N 258 
PHE CE2  C Y N 259 
PHE CZ   C Y N 260 
PHE OXT  O N N 261 
PHE H    H N N 262 
PHE H2   H N N 263 
PHE HA   H N N 264 
PHE HB2  H N N 265 
PHE HB3  H N N 266 
PHE HD1  H N N 267 
PHE HD2  H N N 268 
PHE HE1  H N N 269 
PHE HE2  H N N 270 
PHE HZ   H N N 271 
PHE HXT  H N N 272 
PRO N    N N N 273 
PRO CA   C N S 274 
PRO C    C N N 275 
PRO O    O N N 276 
PRO CB   C N N 277 
PRO CG   C N N 278 
PRO CD   C N N 279 
PRO OXT  O N N 280 
PRO H    H N N 281 
PRO HA   H N N 282 
PRO HB2  H N N 283 
PRO HB3  H N N 284 
PRO HG2  H N N 285 
PRO HG3  H N N 286 
PRO HD2  H N N 287 
PRO HD3  H N N 288 
PRO HXT  H N N 289 
SER N    N N N 290 
SER CA   C N S 291 
SER C    C N N 292 
SER O    O N N 293 
SER CB   C N N 294 
SER OG   O N N 295 
SER OXT  O N N 296 
SER H    H N N 297 
SER H2   H N N 298 
SER HA   H N N 299 
SER HB2  H N N 300 
SER HB3  H N N 301 
SER HG   H N N 302 
SER HXT  H N N 303 
THR N    N N N 304 
THR CA   C N S 305 
THR C    C N N 306 
THR O    O N N 307 
THR CB   C N R 308 
THR OG1  O N N 309 
THR CG2  C N N 310 
THR OXT  O N N 311 
THR H    H N N 312 
THR H2   H N N 313 
THR HA   H N N 314 
THR HB   H N N 315 
THR HG1  H N N 316 
THR HG21 H N N 317 
THR HG22 H N N 318 
THR HG23 H N N 319 
THR HXT  H N N 320 
TRP N    N N N 321 
TRP CA   C N S 322 
TRP C    C N N 323 
TRP O    O N N 324 
TRP CB   C N N 325 
TRP CG   C Y N 326 
TRP CD1  C Y N 327 
TRP CD2  C Y N 328 
TRP NE1  N Y N 329 
TRP CE2  C Y N 330 
TRP CE3  C Y N 331 
TRP CZ2  C Y N 332 
TRP CZ3  C Y N 333 
TRP CH2  C Y N 334 
TRP OXT  O N N 335 
TRP H    H N N 336 
TRP H2   H N N 337 
TRP HA   H N N 338 
TRP HB2  H N N 339 
TRP HB3  H N N 340 
TRP HD1  H N N 341 
TRP HE1  H N N 342 
TRP HE3  H N N 343 
TRP HZ2  H N N 344 
TRP HZ3  H N N 345 
TRP HH2  H N N 346 
TRP HXT  H N N 347 
TYR N    N N N 348 
TYR CA   C N S 349 
TYR C    C N N 350 
TYR O    O N N 351 
TYR CB   C N N 352 
TYR CG   C Y N 353 
TYR CD1  C Y N 354 
TYR CD2  C Y N 355 
TYR CE1  C Y N 356 
TYR CE2  C Y N 357 
TYR CZ   C Y N 358 
TYR OH   O N N 359 
TYR OXT  O N N 360 
TYR H    H N N 361 
TYR H2   H N N 362 
TYR HA   H N N 363 
TYR HB2  H N N 364 
TYR HB3  H N N 365 
TYR HD1  H N N 366 
TYR HD2  H N N 367 
TYR HE1  H N N 368 
TYR HE2  H N N 369 
TYR HH   H N N 370 
TYR HXT  H N N 371 
VAL N    N N N 372 
VAL CA   C N S 373 
VAL C    C N N 374 
VAL O    O N N 375 
VAL CB   C N N 376 
VAL CG1  C N N 377 
VAL CG2  C N N 378 
VAL OXT  O N N 379 
VAL H    H N N 380 
VAL H2   H N N 381 
VAL HA   H N N 382 
VAL HB   H N N 383 
VAL HG11 H N N 384 
VAL HG12 H N N 385 
VAL HG13 H N N 386 
VAL HG21 H N N 387 
VAL HG22 H N N 388 
VAL HG23 H N N 389 
VAL HXT  H N N 390 
# 
loop_
_chem_comp_bond.comp_id 
_chem_comp_bond.atom_id_1 
_chem_comp_bond.atom_id_2 
_chem_comp_bond.value_order 
_chem_comp_bond.pdbx_aromatic_flag 
_chem_comp_bond.pdbx_stereo_config 
_chem_comp_bond.pdbx_ordinal 
ALA N   CA   sing N N 1   
ALA N   H    sing N N 2   
ALA N   H2   sing N N 3   
ALA CA  C    sing N N 4   
ALA CA  CB   sing N N 5   
ALA CA  HA   sing N N 6   
ALA C   O    doub N N 7   
ALA C   OXT  sing N N 8   
ALA CB  HB1  sing N N 9   
ALA CB  HB2  sing N N 10  
ALA CB  HB3  sing N N 11  
ALA OXT HXT  sing N N 12  
ARG N   CA   sing N N 13  
ARG N   H    sing N N 14  
ARG N   H2   sing N N 15  
ARG CA  C    sing N N 16  
ARG CA  CB   sing N N 17  
ARG CA  HA   sing N N 18  
ARG C   O    doub N N 19  
ARG C   OXT  sing N N 20  
ARG CB  CG   sing N N 21  
ARG CB  HB2  sing N N 22  
ARG CB  HB3  sing N N 23  
ARG CG  CD   sing N N 24  
ARG CG  HG2  sing N N 25  
ARG CG  HG3  sing N N 26  
ARG CD  NE   sing N N 27  
ARG CD  HD2  sing N N 28  
ARG CD  HD3  sing N N 29  
ARG NE  CZ   sing N N 30  
ARG NE  HE   sing N N 31  
ARG CZ  NH1  sing N N 32  
ARG CZ  NH2  doub N N 33  
ARG NH1 HH11 sing N N 34  
ARG NH1 HH12 sing N N 35  
ARG NH2 HH21 sing N N 36  
ARG NH2 HH22 sing N N 37  
ARG OXT HXT  sing N N 38  
ASN N   CA   sing N N 39  
ASN N   H    sing N N 40  
ASN N   H2   sing N N 41  
ASN CA  C    sing N N 42  
ASN CA  CB   sing N N 43  
ASN CA  HA   sing N N 44  
ASN C   O    doub N N 45  
ASN C   OXT  sing N N 46  
ASN CB  CG   sing N N 47  
ASN CB  HB2  sing N N 48  
ASN CB  HB3  sing N N 49  
ASN CG  OD1  doub N N 50  
ASN CG  ND2  sing N N 51  
ASN ND2 HD21 sing N N 52  
ASN ND2 HD22 sing N N 53  
ASN OXT HXT  sing N N 54  
ASP N   CA   sing N N 55  
ASP N   H    sing N N 56  
ASP N   H2   sing N N 57  
ASP CA  C    sing N N 58  
ASP CA  CB   sing N N 59  
ASP CA  HA   sing N N 60  
ASP C   O    doub N N 61  
ASP C   OXT  sing N N 62  
ASP CB  CG   sing N N 63  
ASP CB  HB2  sing N N 64  
ASP CB  HB3  sing N N 65  
ASP CG  OD1  doub N N 66  
ASP CG  OD2  sing N N 67  
ASP OD2 HD2  sing N N 68  
ASP OXT HXT  sing N N 69  
CYS N   CA   sing N N 70  
CYS N   H    sing N N 71  
CYS N   H2   sing N N 72  
CYS CA  C    sing N N 73  
CYS CA  CB   sing N N 74  
CYS CA  HA   sing N N 75  
CYS C   O    doub N N 76  
CYS C   OXT  sing N N 77  
CYS CB  SG   sing N N 78  
CYS CB  HB2  sing N N 79  
CYS CB  HB3  sing N N 80  
CYS SG  HG   sing N N 81  
CYS OXT HXT  sing N N 82  
GLN N   CA   sing N N 83  
GLN N   H    sing N N 84  
GLN N   H2   sing N N 85  
GLN CA  C    sing N N 86  
GLN CA  CB   sing N N 87  
GLN CA  HA   sing N N 88  
GLN C   O    doub N N 89  
GLN C   OXT  sing N N 90  
GLN CB  CG   sing N N 91  
GLN CB  HB2  sing N N 92  
GLN CB  HB3  sing N N 93  
GLN CG  CD   sing N N 94  
GLN CG  HG2  sing N N 95  
GLN CG  HG3  sing N N 96  
GLN CD  OE1  doub N N 97  
GLN CD  NE2  sing N N 98  
GLN NE2 HE21 sing N N 99  
GLN NE2 HE22 sing N N 100 
GLN OXT HXT  sing N N 101 
GLU N   CA   sing N N 102 
GLU N   H    sing N N 103 
GLU N   H2   sing N N 104 
GLU CA  C    sing N N 105 
GLU CA  CB   sing N N 106 
GLU CA  HA   sing N N 107 
GLU C   O    doub N N 108 
GLU C   OXT  sing N N 109 
GLU CB  CG   sing N N 110 
GLU CB  HB2  sing N N 111 
GLU CB  HB3  sing N N 112 
GLU CG  CD   sing N N 113 
GLU CG  HG2  sing N N 114 
GLU CG  HG3  sing N N 115 
GLU CD  OE1  doub N N 116 
GLU CD  OE2  sing N N 117 
GLU OE2 HE2  sing N N 118 
GLU OXT HXT  sing N N 119 
GLY N   CA   sing N N 120 
GLY N   H    sing N N 121 
GLY N   H2   sing N N 122 
GLY CA  C    sing N N 123 
GLY CA  HA2  sing N N 124 
GLY CA  HA3  sing N N 125 
GLY C   O    doub N N 126 
GLY C   OXT  sing N N 127 
GLY OXT HXT  sing N N 128 
HIS N   CA   sing N N 129 
HIS N   H    sing N N 130 
HIS N   H2   sing N N 131 
HIS CA  C    sing N N 132 
HIS CA  CB   sing N N 133 
HIS CA  HA   sing N N 134 
HIS C   O    doub N N 135 
HIS C   OXT  sing N N 136 
HIS CB  CG   sing N N 137 
HIS CB  HB2  sing N N 138 
HIS CB  HB3  sing N N 139 
HIS CG  ND1  sing Y N 140 
HIS CG  CD2  doub Y N 141 
HIS ND1 CE1  doub Y N 142 
HIS ND1 HD1  sing N N 143 
HIS CD2 NE2  sing Y N 144 
HIS CD2 HD2  sing N N 145 
HIS CE1 NE2  sing Y N 146 
HIS CE1 HE1  sing N N 147 
HIS NE2 HE2  sing N N 148 
HIS OXT HXT  sing N N 149 
HOH O   H1   sing N N 150 
HOH O   H2   sing N N 151 
ILE N   CA   sing N N 152 
ILE N   H    sing N N 153 
ILE N   H2   sing N N 154 
ILE CA  C    sing N N 155 
ILE CA  CB   sing N N 156 
ILE CA  HA   sing N N 157 
ILE C   O    doub N N 158 
ILE C   OXT  sing N N 159 
ILE CB  CG1  sing N N 160 
ILE CB  CG2  sing N N 161 
ILE CB  HB   sing N N 162 
ILE CG1 CD1  sing N N 163 
ILE CG1 HG12 sing N N 164 
ILE CG1 HG13 sing N N 165 
ILE CG2 HG21 sing N N 166 
ILE CG2 HG22 sing N N 167 
ILE CG2 HG23 sing N N 168 
ILE CD1 HD11 sing N N 169 
ILE CD1 HD12 sing N N 170 
ILE CD1 HD13 sing N N 171 
ILE OXT HXT  sing N N 172 
LEU N   CA   sing N N 173 
LEU N   H    sing N N 174 
LEU N   H2   sing N N 175 
LEU CA  C    sing N N 176 
LEU CA  CB   sing N N 177 
LEU CA  HA   sing N N 178 
LEU C   O    doub N N 179 
LEU C   OXT  sing N N 180 
LEU CB  CG   sing N N 181 
LEU CB  HB2  sing N N 182 
LEU CB  HB3  sing N N 183 
LEU CG  CD1  sing N N 184 
LEU CG  CD2  sing N N 185 
LEU CG  HG   sing N N 186 
LEU CD1 HD11 sing N N 187 
LEU CD1 HD12 sing N N 188 
LEU CD1 HD13 sing N N 189 
LEU CD2 HD21 sing N N 190 
LEU CD2 HD22 sing N N 191 
LEU CD2 HD23 sing N N 192 
LEU OXT HXT  sing N N 193 
LYS N   CA   sing N N 194 
LYS N   H    sing N N 195 
LYS N   H2   sing N N 196 
LYS CA  C    sing N N 197 
LYS CA  CB   sing N N 198 
LYS CA  HA   sing N N 199 
LYS C   O    doub N N 200 
LYS C   OXT  sing N N 201 
LYS CB  CG   sing N N 202 
LYS CB  HB2  sing N N 203 
LYS CB  HB3  sing N N 204 
LYS CG  CD   sing N N 205 
LYS CG  HG2  sing N N 206 
LYS CG  HG3  sing N N 207 
LYS CD  CE   sing N N 208 
LYS CD  HD2  sing N N 209 
LYS CD  HD3  sing N N 210 
LYS CE  NZ   sing N N 211 
LYS CE  HE2  sing N N 212 
LYS CE  HE3  sing N N 213 
LYS NZ  HZ1  sing N N 214 
LYS NZ  HZ2  sing N N 215 
LYS NZ  HZ3  sing N N 216 
LYS OXT HXT  sing N N 217 
MET N   CA   sing N N 218 
MET N   H    sing N N 219 
MET N   H2   sing N N 220 
MET CA  C    sing N N 221 
MET CA  CB   sing N N 222 
MET CA  HA   sing N N 223 
MET C   O    doub N N 224 
MET C   OXT  sing N N 225 
MET CB  CG   sing N N 226 
MET CB  HB2  sing N N 227 
MET CB  HB3  sing N N 228 
MET CG  SD   sing N N 229 
MET CG  HG2  sing N N 230 
MET CG  HG3  sing N N 231 
MET SD  CE   sing N N 232 
MET CE  HE1  sing N N 233 
MET CE  HE2  sing N N 234 
MET CE  HE3  sing N N 235 
MET OXT HXT  sing N N 236 
PHE N   CA   sing N N 237 
PHE N   H    sing N N 238 
PHE N   H2   sing N N 239 
PHE CA  C    sing N N 240 
PHE CA  CB   sing N N 241 
PHE CA  HA   sing N N 242 
PHE C   O    doub N N 243 
PHE C   OXT  sing N N 244 
PHE CB  CG   sing N N 245 
PHE CB  HB2  sing N N 246 
PHE CB  HB3  sing N N 247 
PHE CG  CD1  doub Y N 248 
PHE CG  CD2  sing Y N 249 
PHE CD1 CE1  sing Y N 250 
PHE CD1 HD1  sing N N 251 
PHE CD2 CE2  doub Y N 252 
PHE CD2 HD2  sing N N 253 
PHE CE1 CZ   doub Y N 254 
PHE CE1 HE1  sing N N 255 
PHE CE2 CZ   sing Y N 256 
PHE CE2 HE2  sing N N 257 
PHE CZ  HZ   sing N N 258 
PHE OXT HXT  sing N N 259 
PRO N   CA   sing N N 260 
PRO N   CD   sing N N 261 
PRO N   H    sing N N 262 
PRO CA  C    sing N N 263 
PRO CA  CB   sing N N 264 
PRO CA  HA   sing N N 265 
PRO C   O    doub N N 266 
PRO C   OXT  sing N N 267 
PRO CB  CG   sing N N 268 
PRO CB  HB2  sing N N 269 
PRO CB  HB3  sing N N 270 
PRO CG  CD   sing N N 271 
PRO CG  HG2  sing N N 272 
PRO CG  HG3  sing N N 273 
PRO CD  HD2  sing N N 274 
PRO CD  HD3  sing N N 275 
PRO OXT HXT  sing N N 276 
SER N   CA   sing N N 277 
SER N   H    sing N N 278 
SER N   H2   sing N N 279 
SER CA  C    sing N N 280 
SER CA  CB   sing N N 281 
SER CA  HA   sing N N 282 
SER C   O    doub N N 283 
SER C   OXT  sing N N 284 
SER CB  OG   sing N N 285 
SER CB  HB2  sing N N 286 
SER CB  HB3  sing N N 287 
SER OG  HG   sing N N 288 
SER OXT HXT  sing N N 289 
THR N   CA   sing N N 290 
THR N   H    sing N N 291 
THR N   H2   sing N N 292 
THR CA  C    sing N N 293 
THR CA  CB   sing N N 294 
THR CA  HA   sing N N 295 
THR C   O    doub N N 296 
THR C   OXT  sing N N 297 
THR CB  OG1  sing N N 298 
THR CB  CG2  sing N N 299 
THR CB  HB   sing N N 300 
THR OG1 HG1  sing N N 301 
THR CG2 HG21 sing N N 302 
THR CG2 HG22 sing N N 303 
THR CG2 HG23 sing N N 304 
THR OXT HXT  sing N N 305 
TRP N   CA   sing N N 306 
TRP N   H    sing N N 307 
TRP N   H2   sing N N 308 
TRP CA  C    sing N N 309 
TRP CA  CB   sing N N 310 
TRP CA  HA   sing N N 311 
TRP C   O    doub N N 312 
TRP C   OXT  sing N N 313 
TRP CB  CG   sing N N 314 
TRP CB  HB2  sing N N 315 
TRP CB  HB3  sing N N 316 
TRP CG  CD1  doub Y N 317 
TRP CG  CD2  sing Y N 318 
TRP CD1 NE1  sing Y N 319 
TRP CD1 HD1  sing N N 320 
TRP CD2 CE2  doub Y N 321 
TRP CD2 CE3  sing Y N 322 
TRP NE1 CE2  sing Y N 323 
TRP NE1 HE1  sing N N 324 
TRP CE2 CZ2  sing Y N 325 
TRP CE3 CZ3  doub Y N 326 
TRP CE3 HE3  sing N N 327 
TRP CZ2 CH2  doub Y N 328 
TRP CZ2 HZ2  sing N N 329 
TRP CZ3 CH2  sing Y N 330 
TRP CZ3 HZ3  sing N N 331 
TRP CH2 HH2  sing N N 332 
TRP OXT HXT  sing N N 333 
TYR N   CA   sing N N 334 
TYR N   H    sing N N 335 
TYR N   H2   sing N N 336 
TYR CA  C    sing N N 337 
TYR CA  CB   sing N N 338 
TYR CA  HA   sing N N 339 
TYR C   O    doub N N 340 
TYR C   OXT  sing N N 341 
TYR CB  CG   sing N N 342 
TYR CB  HB2  sing N N 343 
TYR CB  HB3  sing N N 344 
TYR CG  CD1  doub Y N 345 
TYR CG  CD2  sing Y N 346 
TYR CD1 CE1  sing Y N 347 
TYR CD1 HD1  sing N N 348 
TYR CD2 CE2  doub Y N 349 
TYR CD2 HD2  sing N N 350 
TYR CE1 CZ   doub Y N 351 
TYR CE1 HE1  sing N N 352 
TYR CE2 CZ   sing Y N 353 
TYR CE2 HE2  sing N N 354 
TYR CZ  OH   sing N N 355 
TYR OH  HH   sing N N 356 
TYR OXT HXT  sing N N 357 
VAL N   CA   sing N N 358 
VAL N   H    sing N N 359 
VAL N   H2   sing N N 360 
VAL CA  C    sing N N 361 
VAL CA  CB   sing N N 362 
VAL CA  HA   sing N N 363 
VAL C   O    doub N N 364 
VAL C   OXT  sing N N 365 
VAL CB  CG1  sing N N 366 
VAL CB  CG2  sing N N 367 
VAL CB  HB   sing N N 368 
VAL CG1 HG11 sing N N 369 
VAL CG1 HG12 sing N N 370 
VAL CG1 HG13 sing N N 371 
VAL CG2 HG21 sing N N 372 
VAL CG2 HG22 sing N N 373 
VAL CG2 HG23 sing N N 374 
VAL OXT HXT  sing N N 375 
# 
_pdbx_initial_refinement_model.accession_code   ? 
_pdbx_initial_refinement_model.id               1 
_pdbx_initial_refinement_model.entity_id_list   ? 
_pdbx_initial_refinement_model.type             'experimental model' 
_pdbx_initial_refinement_model.source_name      Other 
_pdbx_initial_refinement_model.details          
'Obtained via Se-SAD from second crystal (different crystal form) at low resolution' 
# 
_atom_sites.entry_id                    2QPW 
_atom_sites.fract_transf_matrix[1][1]   0.00186271 
_atom_sites.fract_transf_matrix[1][2]   -0.01215759 
_atom_sites.fract_transf_matrix[1][3]   0.02451344 
_atom_sites.fract_transf_matrix[2][1]   0.01142780 
_atom_sites.fract_transf_matrix[2][2]   0.01452021 
_atom_sites.fract_transf_matrix[2][3]   0.00633302 
_atom_sites.fract_transf_matrix[3][1]   -0.01140054 
_atom_sites.fract_transf_matrix[3][2]   0.00706619 
_atom_sites.fract_transf_matrix[3][3]   0.00437082 
_atom_sites.fract_transf_vector[1]      0.402082 
_atom_sites.fract_transf_vector[2]      0.044629 
_atom_sites.fract_transf_vector[3]      0.050801 
# 
loop_
_atom_type.symbol 
C 
N 
O 
S 
# 
loop_
_atom_site.group_PDB 
_atom_site.id 
_atom_site.type_symbol 
_atom_site.label_atom_id 
_atom_site.label_alt_id 
_atom_site.label_comp_id 
_atom_site.label_asym_id 
_atom_site.label_entity_id 
_atom_site.label_seq_id 
_atom_site.pdbx_PDB_ins_code 
_atom_site.Cartn_x 
_atom_site.Cartn_y 
_atom_site.Cartn_z 
_atom_site.occupancy 
_atom_site.B_iso_or_equiv 
_atom_site.pdbx_formal_charge 
_atom_site.auth_seq_id 
_atom_site.auth_comp_id 
_atom_site.auth_asym_id 
_atom_site.auth_atom_id 
_atom_site.pdbx_PDB_model_num 
ATOM   1    N N   . ASN A 1 3   ? 15.719  7.431   1.543   1.00 39.07 ? 1   ASN A N   1 
ATOM   2    C CA  . ASN A 1 3   ? 14.994  8.448   2.382   1.00 38.65 ? 1   ASN A CA  1 
ATOM   3    C C   . ASN A 1 3   ? 15.599  9.844   2.280   1.00 37.59 ? 1   ASN A C   1 
ATOM   4    O O   . ASN A 1 3   ? 15.402  10.689  3.175   1.00 37.66 ? 1   ASN A O   1 
ATOM   5    C CB  . ASN A 1 3   ? 14.895  8.010   3.860   1.00 38.99 ? 1   ASN A CB  1 
ATOM   6    C CG  . ASN A 1 3   ? 16.262  7.952   4.570   1.00 41.16 ? 1   ASN A CG  1 
ATOM   7    O OD1 . ASN A 1 3   ? 16.663  6.907   5.091   1.00 44.81 ? 1   ASN A OD1 1 
ATOM   8    N ND2 . ASN A 1 3   ? 16.951  9.081   4.628   1.00 44.83 ? 1   ASN A ND2 1 
ATOM   9    N N   . GLN A 1 4   ? 16.338  10.083  1.193   1.00 35.82 ? 2   GLN A N   1 
ATOM   10   C CA  . GLN A 1 4   ? 17.154  11.290  1.101   1.00 33.14 ? 2   GLN A CA  1 
ATOM   11   C C   . GLN A 1 4   ? 17.451  11.689  -0.353  1.00 30.77 ? 2   GLN A C   1 
ATOM   12   O O   . GLN A 1 4   ? 17.875  10.833  -1.146  1.00 30.57 ? 2   GLN A O   1 
ATOM   13   C CB  . GLN A 1 4   ? 18.456  11.121  1.907   1.00 33.02 ? 2   GLN A CB  1 
ATOM   14   C CG  . GLN A 1 4   ? 19.400  9.922   1.520   1.00 34.06 ? 2   GLN A CG  1 
ATOM   15   C CD  . GLN A 1 4   ? 20.661  9.864   2.396   1.00 35.64 ? 2   GLN A CD  1 
ATOM   16   O OE1 . GLN A 1 4   ? 20.687  10.444  3.500   1.00 37.99 ? 2   GLN A OE1 1 
ATOM   17   N NE2 . GLN A 1 4   ? 21.717  9.206   1.899   1.00 35.43 ? 2   GLN A NE2 1 
ATOM   18   N N   . ASN A 1 5   ? 17.198  12.966  -0.698  1.00 27.51 ? 3   ASN A N   1 
ATOM   19   C CA  . ASN A 1 5   ? 17.758  13.573  -1.929  1.00 24.70 ? 3   ASN A CA  1 
ATOM   20   C C   . ASN A 1 5   ? 19.209  13.991  -1.654  1.00 23.46 ? 3   ASN A C   1 
ATOM   21   O O   . ASN A 1 5   ? 19.460  15.138  -1.310  1.00 21.72 ? 3   ASN A O   1 
ATOM   22   C CB  . ASN A 1 5   ? 16.972  14.826  -2.386  1.00 23.46 ? 3   ASN A CB  1 
ATOM   23   C CG  . ASN A 1 5   ? 15.720  14.513  -3.218  1.00 26.42 ? 3   ASN A CG  1 
ATOM   24   O OD1 . ASN A 1 5   ? 15.304  13.356  -3.327  1.00 25.31 ? 3   ASN A OD1 1 
ATOM   25   N ND2 . ASN A 1 5   ? 15.084  15.563  -3.768  1.00 20.85 ? 3   ASN A ND2 1 
ATOM   26   N N   . THR A 1 6   ? 20.165  13.078  -1.797  1.00 22.71 ? 4   THR A N   1 
ATOM   27   C CA  . THR A 1 6   ? 21.588  13.398  -1.603  1.00 22.62 ? 4   THR A CA  1 
ATOM   28   C C   . THR A 1 6   ? 22.407  12.841  -2.779  1.00 21.67 ? 4   THR A C   1 
ATOM   29   O O   . THR A 1 6   ? 21.835  12.261  -3.735  1.00 21.11 ? 4   THR A O   1 
ATOM   30   C CB  . THR A 1 6   ? 22.167  12.817  -0.264  1.00 22.81 ? 4   THR A CB  1 
ATOM   31   O OG1 . THR A 1 6   ? 22.320  11.395  -0.394  1.00 25.02 ? 4   THR A OG1 1 
ATOM   32   C CG2 . THR A 1 6   ? 21.258  13.101  0.908   1.00 25.88 ? 4   THR A CG2 1 
ATOM   33   N N   . THR A 1 7   ? 23.724  13.000  -2.706  1.00 21.03 ? 5   THR A N   1 
ATOM   34   C CA  . THR A 1 7   ? 24.638  12.492  -3.729  1.00 20.78 ? 5   THR A CA  1 
ATOM   35   C C   . THR A 1 7   ? 25.127  11.033  -3.508  1.00 21.13 ? 5   THR A C   1 
ATOM   36   O O   . THR A 1 7   ? 25.848  10.477  -4.358  1.00 19.84 ? 5   THR A O   1 
ATOM   37   C CB  . THR A 1 7   ? 25.868  13.419  -3.911  1.00 21.43 ? 5   THR A CB  1 
ATOM   38   O OG1 . THR A 1 7   ? 26.726  13.292  -2.765  1.00 22.72 ? 5   THR A OG1 1 
ATOM   39   C CG2 . THR A 1 7   ? 25.431  14.902  -4.058  1.00 20.57 ? 5   THR A CG2 1 
ATOM   40   N N   . GLU A 1 8   ? 24.781  10.421  -2.376  1.00 21.89 ? 6   GLU A N   1 
ATOM   41   C CA  . GLU A 1 8   ? 25.185  8.999   -2.159  1.00 23.06 ? 6   GLU A CA  1 
ATOM   42   C C   . GLU A 1 8   ? 24.506  8.083   -3.195  1.00 22.38 ? 6   GLU A C   1 
ATOM   43   O O   . GLU A 1 8   ? 23.312  8.258   -3.526  1.00 21.16 ? 6   GLU A O   1 
ATOM   44   C CB  . GLU A 1 8   ? 24.895  8.524   -0.728  1.00 23.04 ? 6   GLU A CB  1 
ATOM   45   C CG  . GLU A 1 8   ? 25.904  9.044   0.306   1.00 29.80 ? 6   GLU A CG  1 
ATOM   46   C CD  . GLU A 1 8   ? 27.281  8.376   0.237   1.00 31.29 ? 6   GLU A CD  1 
ATOM   47   O OE1 . GLU A 1 8   ? 27.395  7.164   -0.061  1.00 36.61 ? 6   GLU A OE1 1 
ATOM   48   O OE2 . GLU A 1 8   ? 28.271  9.084   0.491   1.00 38.60 ? 6   GLU A OE2 1 
ATOM   49   N N   . PRO A 1 9   ? 25.276  7.145   -3.767  1.00 23.80 ? 7   PRO A N   1 
ATOM   50   C CA  . PRO A 1 9   ? 24.723  6.187   -4.739  1.00 24.70 ? 7   PRO A CA  1 
ATOM   51   C C   . PRO A 1 9   ? 23.545  5.377   -4.205  1.00 26.43 ? 7   PRO A C   1 
ATOM   52   O O   . PRO A 1 9   ? 23.551  4.983   -3.030  1.00 26.31 ? 7   PRO A O   1 
ATOM   53   C CB  . PRO A 1 9   ? 25.908  5.248   -5.020  1.00 25.20 ? 7   PRO A CB  1 
ATOM   54   C CG  . PRO A 1 9   ? 27.128  6.116   -4.757  1.00 26.48 ? 7   PRO A CG  1 
ATOM   55   C CD  . PRO A 1 9   ? 26.724  6.959   -3.576  1.00 23.60 ? 7   PRO A CD  1 
ATOM   56   N N   . VAL A 1 10  ? 22.562  5.112   -5.069  1.00 27.27 ? 8   VAL A N   1 
ATOM   57   C CA  . VAL A 1 10  ? 21.412  4.268   -4.701  1.00 30.47 ? 8   VAL A CA  1 
ATOM   58   C C   . VAL A 1 10  ? 21.691  2.819   -5.131  1.00 31.32 ? 8   VAL A C   1 
ATOM   59   O O   . VAL A 1 10  ? 22.184  2.572   -6.244  1.00 32.18 ? 8   VAL A O   1 
ATOM   60   C CB  . VAL A 1 10  ? 20.055  4.815   -5.234  1.00 30.64 ? 8   VAL A CB  1 
ATOM   61   C CG1 . VAL A 1 10  ? 19.874  6.275   -4.789  1.00 31.37 ? 8   VAL A CG1 1 
ATOM   62   C CG2 . VAL A 1 10  ? 19.965  4.750   -6.723  1.00 32.70 ? 8   VAL A CG2 1 
ATOM   63   N N   . ALA A 1 11  ? 21.387  1.879   -4.244  1.00 32.73 ? 9   ALA A N   1 
ATOM   64   C CA  . ALA A 1 11  ? 21.770  0.470   -4.449  1.00 33.70 ? 9   ALA A CA  1 
ATOM   65   C C   . ALA A 1 11  ? 20.791  -0.343  -5.295  1.00 33.86 ? 9   ALA A C   1 
ATOM   66   O O   . ALA A 1 11  ? 21.192  -1.336  -5.911  1.00 34.55 ? 9   ALA A O   1 
ATOM   67   C CB  . ALA A 1 11  ? 22.001  -0.215  -3.117  1.00 34.58 ? 9   ALA A CB  1 
ATOM   68   N N   . ALA A 1 12  ? 19.521  0.073   -5.320  1.00 33.98 ? 10  ALA A N   1 
ATOM   69   C CA  . ALA A 1 12  ? 18.454  -0.664  -6.019  1.00 33.21 ? 10  ALA A CA  1 
ATOM   70   C C   . ALA A 1 12  ? 17.369  0.298   -6.544  1.00 32.36 ? 10  ALA A C   1 
ATOM   71   O O   . ALA A 1 12  ? 16.999  1.263   -5.863  1.00 32.65 ? 10  ALA A O   1 
ATOM   72   C CB  . ALA A 1 12  ? 17.833  -1.700  -5.062  1.00 34.30 ? 10  ALA A CB  1 
ATOM   73   N N   . THR A 1 13  ? 16.893  0.056   -7.760  1.00 30.78 ? 11  THR A N   1 
ATOM   74   C CA  . THR A 1 13  ? 15.795  0.845   -8.329  1.00 28.88 ? 11  THR A CA  1 
ATOM   75   C C   . THR A 1 13  ? 14.709  -0.081  -8.890  1.00 27.81 ? 11  THR A C   1 
ATOM   76   O O   . THR A 1 13  ? 15.024  -1.067  -9.576  1.00 28.30 ? 11  THR A O   1 
ATOM   77   C CB  . THR A 1 13  ? 16.297  1.780   -9.455  1.00 28.83 ? 11  THR A CB  1 
ATOM   78   O OG1 . THR A 1 13  ? 17.324  2.649   -8.945  1.00 29.75 ? 11  THR A OG1 1 
ATOM   79   C CG2 . THR A 1 13  ? 15.159  2.628   -9.996  1.00 29.13 ? 11  THR A CG2 1 
ATOM   80   N N   . GLU A 1 14  ? 13.441  0.226   -8.605  1.00 25.88 ? 12  GLU A N   1 
ATOM   81   C CA  . GLU A 1 14  ? 12.314  -0.524  -9.157  1.00 24.70 ? 12  GLU A CA  1 
ATOM   82   C C   . GLU A 1 14  ? 11.601  0.354   -10.176 1.00 24.67 ? 12  GLU A C   1 
ATOM   83   O O   . GLU A 1 14  ? 11.111  1.440   -9.815  1.00 23.80 ? 12  GLU A O   1 
ATOM   84   C CB  . GLU A 1 14  ? 11.356  -0.874  -8.011  1.00 24.83 ? 12  GLU A CB  1 
ATOM   85   C CG  . GLU A 1 14  ? 10.118  -1.643  -8.396  1.00 27.20 ? 12  GLU A CG  1 
ATOM   86   C CD  . GLU A 1 14  ? 9.156   -1.706  -7.213  1.00 30.16 ? 12  GLU A CD  1 
ATOM   87   O OE1 . GLU A 1 14  ? 8.643   -0.635  -6.783  1.00 23.75 ? 12  GLU A OE1 1 
ATOM   88   O OE2 . GLU A 1 14  ? 8.964   -2.833  -6.686  1.00 30.56 ? 12  GLU A OE2 1 
ATOM   89   N N   . THR A 1 15  ? 11.522  -0.099  -11.436 1.00 23.23 ? 13  THR A N   1 
ATOM   90   C CA  . THR A 1 15  ? 10.840  0.662   -12.507 1.00 23.44 ? 13  THR A CA  1 
ATOM   91   C C   . THR A 1 15  ? 9.523   0.029   -12.992 1.00 22.90 ? 13  THR A C   1 
ATOM   92   O O   . THR A 1 15  ? 9.210   -1.091  -12.599 1.00 23.46 ? 13  THR A O   1 
ATOM   93   C CB  . THR A 1 15  ? 11.780  0.895   -13.710 1.00 24.75 ? 13  THR A CB  1 
ATOM   94   O OG1 . THR A 1 15  ? 11.825  -0.296  -14.522 1.00 25.32 ? 13  THR A OG1 1 
ATOM   95   C CG2 . THR A 1 15  ? 13.179  1.232   -13.199 1.00 23.40 ? 13  THR A CG2 1 
ATOM   96   N N   . LEU A 1 16  ? 8.750   0.738   -13.829 1.00 22.46 ? 14  LEU A N   1 
ATOM   97   C CA  . LEU A 1 16  ? 7.508   0.150   -14.368 1.00 22.13 ? 14  LEU A CA  1 
ATOM   98   C C   . LEU A 1 16  ? 7.761   -1.149  -15.138 1.00 23.53 ? 14  LEU A C   1 
ATOM   99   O O   . LEU A 1 16  ? 6.936   -2.086  -15.111 1.00 23.34 ? 14  LEU A O   1 
ATOM   100  C CB  . LEU A 1 16  ? 6.683   1.140   -15.224 1.00 22.49 ? 14  LEU A CB  1 
ATOM   101  C CG  . LEU A 1 16  ? 5.837   2.194   -14.542 1.00 22.37 ? 14  LEU A CG  1 
ATOM   102  C CD1 . LEU A 1 16  ? 5.289   3.203   -15.584 1.00 23.38 ? 14  LEU A CD1 1 
ATOM   103  C CD2 . LEU A 1 16  ? 4.677   1.568   -13.713 1.00 24.67 ? 14  LEU A CD2 1 
ATOM   104  N N   . ALA A 1 17  ? 8.917   -1.219  -15.803 1.00 24.18 ? 15  ALA A N   1 
ATOM   105  C CA  . ALA A 1 17  ? 9.283   -2.422  -16.539 1.00 26.17 ? 15  ALA A CA  1 
ATOM   106  C C   . ALA A 1 17  ? 9.310   -3.680  -15.679 1.00 26.25 ? 15  ALA A C   1 
ATOM   107  O O   . ALA A 1 17  ? 9.082   -4.761  -16.215 1.00 27.98 ? 15  ALA A O   1 
ATOM   108  C CB  . ALA A 1 17  ? 10.623  -2.227  -17.264 1.00 26.42 ? 15  ALA A CB  1 
ATOM   109  N N   . GLU A 1 18  ? 9.567   -3.566  -14.367 1.00 26.76 ? 16  GLU A N   1 
ATOM   110  C CA  . GLU A 1 18  ? 9.636   -4.757  -13.503 1.00 27.10 ? 16  GLU A CA  1 
ATOM   111  C C   . GLU A 1 18  ? 8.347   -5.216  -12.800 1.00 25.10 ? 16  GLU A C   1 
ATOM   112  O O   . GLU A 1 18  ? 8.372   -6.179  -12.021 1.00 25.77 ? 16  GLU A O   1 
ATOM   113  C CB  . GLU A 1 18  ? 10.738  -4.691  -12.452 1.00 28.57 ? 16  GLU A CB  1 
ATOM   114  C CG  . GLU A 1 18  ? 11.342  -3.394  -12.148 1.00 35.87 ? 16  GLU A CG  1 
ATOM   115  C CD  . GLU A 1 18  ? 12.397  -2.991  -13.162 1.00 41.28 ? 16  GLU A CD  1 
ATOM   116  O OE1 . GLU A 1 18  ? 13.011  -1.933  -12.949 1.00 43.68 ? 16  GLU A OE1 1 
ATOM   117  O OE2 . GLU A 1 18  ? 12.610  -3.707  -14.170 1.00 44.40 ? 16  GLU A OE2 1 
ATOM   118  N N   . VAL A 1 19  ? 7.247   -4.522  -13.034 1.00 21.25 ? 17  VAL A N   1 
ATOM   119  C CA  . VAL A 1 19  ? 5.999   -4.915  -12.386 1.00 18.98 ? 17  VAL A CA  1 
ATOM   120  C C   . VAL A 1 19  ? 5.484   -6.162  -13.154 1.00 19.05 ? 17  VAL A C   1 
ATOM   121  O O   . VAL A 1 19  ? 5.573   -6.175  -14.401 1.00 19.44 ? 17  VAL A O   1 
ATOM   122  C CB  . VAL A 1 19  ? 4.968   -3.781  -12.457 1.00 17.64 ? 17  VAL A CB  1 
ATOM   123  C CG1 . VAL A 1 19  ? 3.615   -4.224  -11.840 1.00 15.71 ? 17  VAL A CG1 1 
ATOM   124  C CG2 . VAL A 1 19  ? 5.522   -2.516  -11.771 1.00 15.98 ? 17  VAL A CG2 1 
ATOM   125  N N   . PRO A 1 20  ? 4.991   -7.198  -12.433 1.00 18.72 ? 18  PRO A N   1 
ATOM   126  C CA  . PRO A 1 20  ? 4.406   -8.353  -13.155 1.00 18.30 ? 18  PRO A CA  1 
ATOM   127  C C   . PRO A 1 20  ? 3.282   -7.925  -14.109 1.00 19.03 ? 18  PRO A C   1 
ATOM   128  O O   . PRO A 1 20  ? 2.469   -7.070  -13.761 1.00 18.25 ? 18  PRO A O   1 
ATOM   129  C CB  . PRO A 1 20  ? 3.838   -9.227  -12.025 1.00 18.63 ? 18  PRO A CB  1 
ATOM   130  C CG  . PRO A 1 20  ? 4.698   -8.903  -10.819 1.00 19.87 ? 18  PRO A CG  1 
ATOM   131  C CD  . PRO A 1 20  ? 4.974   -7.407  -10.967 1.00 18.61 ? 18  PRO A CD  1 
ATOM   132  N N   . GLU A 1 21  ? 3.224   -8.521  -15.312 1.00 19.97 ? 19  GLU A N   1 
ATOM   133  C CA  . GLU A 1 21  ? 2.178   -8.183  -16.267 1.00 21.38 ? 19  GLU A CA  1 
ATOM   134  C C   . GLU A 1 21  ? 0.777   -8.346  -15.696 1.00 19.49 ? 19  GLU A C   1 
ATOM   135  O O   . GLU A 1 21  ? -0.096  -7.508  -15.921 1.00 19.96 ? 19  GLU A O   1 
ATOM   136  C CB  . GLU A 1 21  ? 2.306   -9.030  -17.556 1.00 22.70 ? 19  GLU A CB  1 
ATOM   137  C CG  . GLU A 1 21  ? 3.713   -9.053  -18.125 1.00 30.09 ? 19  GLU A CG  1 
ATOM   138  C CD  . GLU A 1 21  ? 4.036   -7.821  -18.959 1.00 37.58 ? 19  GLU A CD  1 
ATOM   139  O OE1 . GLU A 1 21  ? 5.250   -7.471  -19.033 1.00 45.02 ? 19  GLU A OE1 1 
ATOM   140  O OE2 . GLU A 1 21  ? 3.108   -7.217  -19.555 1.00 40.58 ? 19  GLU A OE2 1 
ATOM   141  N N   . HIS A 1 22  ? 0.523   -9.432  -14.959 1.00 19.49 ? 20  HIS A N   1 
ATOM   142  C CA  . HIS A 1 22  ? -0.833  -9.638  -14.446 1.00 18.45 ? 20  HIS A CA  1 
ATOM   143  C C   . HIS A 1 22  ? -1.227  -8.618  -13.382 1.00 17.71 ? 20  HIS A C   1 
ATOM   144  O O   . HIS A 1 22  ? -2.426  -8.324  -13.205 1.00 16.46 ? 20  HIS A O   1 
ATOM   145  C CB  . HIS A 1 22  ? -1.071  -11.086 -13.923 1.00 19.73 ? 20  HIS A CB  1 
ATOM   146  C CG  . HIS A 1 22  ? -0.349  -11.400 -12.650 1.00 21.99 ? 20  HIS A CG  1 
ATOM   147  N ND1 . HIS A 1 22  ? 0.969   -11.795 -12.616 1.00 22.40 ? 20  HIS A ND1 1 
ATOM   148  C CD2 . HIS A 1 22  ? -0.774  -11.391 -11.360 1.00 24.32 ? 20  HIS A CD2 1 
ATOM   149  C CE1 . HIS A 1 22  ? 1.334   -12.006 -11.365 1.00 24.59 ? 20  HIS A CE1 1 
ATOM   150  N NE2 . HIS A 1 22  ? 0.293   -11.775 -10.584 1.00 24.41 ? 20  HIS A NE2 1 
ATOM   151  N N   . VAL A 1 23  ? -0.232  -8.033  -12.713 1.00 16.39 ? 21  VAL A N   1 
ATOM   152  C CA  . VAL A 1 23  ? -0.537  -6.975  -11.736 1.00 17.00 ? 21  VAL A CA  1 
ATOM   153  C C   . VAL A 1 23  ? -1.025  -5.686  -12.420 1.00 17.36 ? 21  VAL A C   1 
ATOM   154  O O   . VAL A 1 23  ? -2.044  -5.075  -12.014 1.00 16.68 ? 21  VAL A O   1 
ATOM   155  C CB  . VAL A 1 23  ? 0.674   -6.767  -10.789 1.00 17.20 ? 21  VAL A CB  1 
ATOM   156  C CG1 . VAL A 1 23  ? 0.477   -5.533  -9.946  1.00 18.58 ? 21  VAL A CG1 1 
ATOM   157  C CG2 . VAL A 1 23  ? 0.836   -8.039  -9.913  1.00 18.35 ? 21  VAL A CG2 1 
ATOM   158  N N   . LEU A 1 24  ? -0.346  -5.306  -13.508 1.00 18.47 ? 22  LEU A N   1 
ATOM   159  C CA  . LEU A 1 24  ? -0.795  -4.156  -14.337 1.00 19.99 ? 22  LEU A CA  1 
ATOM   160  C C   . LEU A 1 24  ? -2.192  -4.305  -14.934 1.00 20.41 ? 22  LEU A C   1 
ATOM   161  O O   . LEU A 1 24  ? -2.959  -3.318  -15.019 1.00 19.94 ? 22  LEU A O   1 
ATOM   162  C CB  . LEU A 1 24  ? 0.216   -3.861  -15.461 1.00 20.23 ? 22  LEU A CB  1 
ATOM   163  C CG  . LEU A 1 24  ? 1.573   -3.259  -15.117 1.00 22.25 ? 22  LEU A CG  1 
ATOM   164  C CD1 . LEU A 1 24  ? 2.476   -3.347  -16.359 1.00 26.28 ? 22  LEU A CD1 1 
ATOM   165  C CD2 . LEU A 1 24  ? 1.459   -1.825  -14.676 1.00 24.15 ? 22  LEU A CD2 1 
ATOM   166  N N   . ARG A 1 25  ? -2.555  -5.538  -15.328 1.00 20.07 ? 23  ARG A N   1 
ATOM   167  C CA  . ARG A 1 25  ? -3.872  -5.766  -15.956 1.00 21.69 ? 23  ARG A CA  1 
ATOM   168  C C   . ARG A 1 25  ? -5.021  -5.664  -14.982 1.00 21.35 ? 23  ARG A C   1 
ATOM   169  O O   . ARG A 1 25  ? -6.194  -5.518  -15.372 1.00 22.25 ? 23  ARG A O   1 
ATOM   170  C CB  . ARG A 1 25  ? -3.938  -7.131  -16.672 1.00 22.89 ? 23  ARG A CB  1 
ATOM   171  C CG  . ARG A 1 25  ? -2.949  -7.306  -17.808 1.00 23.07 ? 23  ARG A CG  1 
ATOM   172  C CD  . ARG A 1 25  ? -3.363  -8.545  -18.684 1.00 24.07 ? 23  ARG A CD  1 
ATOM   173  N NE  . ARG A 1 25  ? -3.412  -9.756  -17.870 1.00 26.06 ? 23  ARG A NE  1 
ATOM   174  C CZ  . ARG A 1 25  ? -2.442  -10.671 -17.765 1.00 26.86 ? 23  ARG A CZ  1 
ATOM   175  N NH1 . ARG A 1 25  ? -1.311  -10.566 -18.448 1.00 27.12 ? 23  ARG A NH1 1 
ATOM   176  N NH2 . ARG A 1 25  ? -2.618  -11.693 -16.935 1.00 28.18 ? 23  ARG A NH2 1 
ATOM   177  N N   . GLY A 1 26  ? -4.694  -5.776  -13.689 1.00 19.94 ? 24  GLY A N   1 
ATOM   178  C CA  . GLY A 1 26  ? -5.689  -5.794  -12.650 1.00 20.49 ? 24  GLY A CA  1 
ATOM   179  C C   . GLY A 1 26  ? -6.188  -4.492  -12.041 1.00 21.10 ? 24  GLY A C   1 
ATOM   180  O O   . GLY A 1 26  ? -7.099  -4.543  -11.218 1.00 22.35 ? 24  GLY A O   1 
ATOM   181  N N   . LEU A 1 27  ? -5.613  -3.335  -12.422 1.00 20.48 ? 25  LEU A N   1 
ATOM   182  C CA  . LEU A 1 27  ? -5.968  -2.055  -11.794 1.00 21.01 ? 25  LEU A CA  1 
ATOM   183  C C   . LEU A 1 27  ? -7.385  -1.593  -12.221 1.00 20.14 ? 25  LEU A C   1 
ATOM   184  O O   . LEU A 1 27  ? -7.801  -1.832  -13.382 1.00 19.24 ? 25  LEU A O   1 
ATOM   185  C CB  . LEU A 1 27  ? -4.949  -0.964  -12.212 1.00 22.47 ? 25  LEU A CB  1 
ATOM   186  C CG  . LEU A 1 27  ? -3.538  -0.817  -11.608 1.00 25.83 ? 25  LEU A CG  1 
ATOM   187  C CD1 . LEU A 1 27  ? -2.659  -2.029  -11.877 1.00 28.71 ? 25  LEU A CD1 1 
ATOM   188  C CD2 . LEU A 1 27  ? -2.870  0.445   -12.124 1.00 23.70 ? 25  LEU A CD2 1 
ATOM   189  N N   . PRO A 1 28  ? -8.134  -0.938  -11.308 1.00 18.72 ? 26  PRO A N   1 
ATOM   190  C CA  . PRO A 1 28  ? -9.352  -0.275  -11.755 1.00 18.55 ? 26  PRO A CA  1 
ATOM   191  C C   . PRO A 1 28  ? -9.015  1.068   -12.435 1.00 18.37 ? 26  PRO A C   1 
ATOM   192  O O   . PRO A 1 28  ? -7.888  1.539   -12.341 1.00 17.06 ? 26  PRO A O   1 
ATOM   193  C CB  . PRO A 1 28  ? -10.107 -0.017  -10.438 1.00 18.40 ? 26  PRO A CB  1 
ATOM   194  C CG  . PRO A 1 28  ? -8.976  0.200   -9.431  1.00 17.37 ? 26  PRO A CG  1 
ATOM   195  C CD  . PRO A 1 28  ? -7.939  -0.811  -9.841  1.00 18.58 ? 26  PRO A CD  1 
ATOM   196  N N   . GLU A 1 29  ? -10.004 1.654   -13.113 1.00 18.18 ? 27  GLU A N   1 
ATOM   197  C CA  . GLU A 1 29  ? -9.797  2.874   -13.897 1.00 19.61 ? 27  GLU A CA  1 
ATOM   198  C C   . GLU A 1 29  ? -9.201  4.037   -13.087 1.00 18.48 ? 27  GLU A C   1 
ATOM   199  O O   . GLU A 1 29  ? -8.364  4.771   -13.623 1.00 19.84 ? 27  GLU A O   1 
ATOM   200  C CB  . GLU A 1 29  ? -11.126 3.301   -14.533 1.00 19.00 ? 27  GLU A CB  1 
ATOM   201  C CG  . GLU A 1 29  ? -11.022 4.428   -15.585 1.00 23.24 ? 27  GLU A CG  1 
ATOM   202  C CD  . GLU A 1 29  ? -12.360 4.764   -16.236 1.00 25.75 ? 27  GLU A CD  1 
ATOM   203  O OE1 . GLU A 1 29  ? -13.296 3.934   -16.193 1.00 34.17 ? 27  GLU A OE1 1 
ATOM   204  O OE2 . GLU A 1 29  ? -12.464 5.858   -16.832 1.00 33.73 ? 27  GLU A OE2 1 
ATOM   205  N N   . GLU A 1 30  ? -9.645  4.192   -11.827 1.00 18.87 ? 28  GLU A N   1 
ATOM   206  C CA  . GLU A 1 30  ? -9.318  5.330   -10.904 1.00 19.79 ? 28  GLU A CA  1 
ATOM   207  C C   . GLU A 1 30  ? -7.856  5.488   -10.569 1.00 17.68 ? 28  GLU A C   1 
ATOM   208  O O   . GLU A 1 30  ? -7.465  6.531   -10.006 1.00 17.41 ? 28  GLU A O   1 
ATOM   209  C CB  . GLU A 1 30  ? -9.941  5.100   -9.484  1.00 21.01 ? 28  GLU A CB  1 
ATOM   210  C CG  . GLU A 1 30  ? -11.383 4.931   -9.386  1.00 27.16 ? 28  GLU A CG  1 
ATOM   211  C CD  . GLU A 1 30  ? -11.774 3.498   -9.583  1.00 28.95 ? 28  GLU A CD  1 
ATOM   212  O OE1 . GLU A 1 30  ? -11.997 2.802   -8.578  1.00 36.44 ? 28  GLU A OE1 1 
ATOM   213  O OE2 . GLU A 1 30  ? -11.820 3.055   -10.725 1.00 29.83 ? 28  GLU A OE2 1 
ATOM   214  N N   . VAL A 1 31  ? -7.061  4.435   -10.803 1.00 16.52 ? 29  VAL A N   1 
ATOM   215  C CA  . VAL A 1 31  ? -5.642  4.455   -10.423 1.00 16.89 ? 29  VAL A CA  1 
ATOM   216  C C   . VAL A 1 31  ? -4.684  4.018   -11.540 1.00 17.17 ? 29  VAL A C   1 
ATOM   217  O O   . VAL A 1 31  ? -5.101  3.330   -12.512 1.00 17.31 ? 29  VAL A O   1 
ATOM   218  C CB  . VAL A 1 31  ? -5.364  3.570   -9.119  1.00 15.85 ? 29  VAL A CB  1 
ATOM   219  C CG1 . VAL A 1 31  ? -6.306  4.001   -7.988  1.00 17.95 ? 29  VAL A CG1 1 
ATOM   220  C CG2 . VAL A 1 31  ? -5.515  2.073   -9.415  1.00 17.66 ? 29  VAL A CG2 1 
ATOM   221  N N   . ARG A 1 32  ? -3.414  4.418   -11.409 1.00 17.28 ? 30  ARG A N   1 
ATOM   222  C CA  . ARG A 1 32  ? -2.339  3.950   -12.318 1.00 17.75 ? 30  ARG A CA  1 
ATOM   223  C C   . ARG A 1 32  ? -1.058  3.755   -11.522 1.00 17.92 ? 30  ARG A C   1 
ATOM   224  O O   . ARG A 1 32  ? -0.882  4.379   -10.459 1.00 17.90 ? 30  ARG A O   1 
ATOM   225  C CB  . ARG A 1 32  ? -2.079  4.982   -13.446 1.00 18.54 ? 30  ARG A CB  1 
ATOM   226  C CG  . ARG A 1 32  ? -1.410  6.286   -12.989 1.00 19.63 ? 30  ARG A CG  1 
ATOM   227  C CD  . ARG A 1 32  ? -0.902  7.112   -14.210 1.00 22.48 ? 30  ARG A CD  1 
ATOM   228  N NE  . ARG A 1 32  ? -2.032  7.589   -15.022 1.00 30.32 ? 30  ARG A NE  1 
ATOM   229  C CZ  . ARG A 1 32  ? -2.394  7.074   -16.202 1.00 33.76 ? 30  ARG A CZ  1 
ATOM   230  N NH1 . ARG A 1 32  ? -1.713  6.065   -16.751 1.00 34.83 ? 30  ARG A NH1 1 
ATOM   231  N NH2 . ARG A 1 32  ? -3.439  7.574   -16.842 1.00 33.04 ? 30  ARG A NH2 1 
ATOM   232  N N   . LEU A 1 33  ? -0.155  2.911   -12.032 1.00 18.22 ? 31  LEU A N   1 
ATOM   233  C CA  . LEU A 1 33  ? 1.197   2.758   -11.437 1.00 19.09 ? 31  LEU A CA  1 
ATOM   234  C C   . LEU A 1 33  ? 2.201   3.723   -12.074 1.00 20.15 ? 31  LEU A C   1 
ATOM   235  O O   . LEU A 1 33  ? 2.215   3.881   -13.314 1.00 20.45 ? 31  LEU A O   1 
ATOM   236  C CB  . LEU A 1 33  ? 1.697   1.305   -11.609 1.00 20.13 ? 31  LEU A CB  1 
ATOM   237  C CG  . LEU A 1 33  ? 0.826   0.198   -10.993 1.00 21.48 ? 31  LEU A CG  1 
ATOM   238  C CD1 . LEU A 1 33  ? 1.611   -1.112  -11.039 1.00 24.67 ? 31  LEU A CD1 1 
ATOM   239  C CD2 . LEU A 1 33  ? 0.453   0.512   -9.544  1.00 24.26 ? 31  LEU A CD2 1 
ATOM   240  N N   . PHE A 1 34  ? 3.044   4.355   -11.249 1.00 19.29 ? 32  PHE A N   1 
ATOM   241  C CA  . PHE A 1 34  ? 3.985   5.367   -11.721 1.00 20.27 ? 32  PHE A CA  1 
ATOM   242  C C   . PHE A 1 34  ? 4.977   5.609   -10.598 1.00 19.71 ? 32  PHE A C   1 
ATOM   243  O O   . PHE A 1 34  ? 4.597   5.482   -9.428  1.00 19.61 ? 32  PHE A O   1 
ATOM   244  C CB  . PHE A 1 34  ? 3.240   6.689   -12.086 1.00 20.61 ? 32  PHE A CB  1 
ATOM   245  C CG  . PHE A 1 34  ? 4.028   7.589   -13.003 1.00 24.10 ? 32  PHE A CG  1 
ATOM   246  C CD1 . PHE A 1 34  ? 4.215   7.248   -14.338 1.00 26.13 ? 32  PHE A CD1 1 
ATOM   247  C CD2 . PHE A 1 34  ? 4.645   8.727   -12.507 1.00 29.24 ? 32  PHE A CD2 1 
ATOM   248  C CE1 . PHE A 1 34  ? 4.981   8.042   -15.171 1.00 29.05 ? 32  PHE A CE1 1 
ATOM   249  C CE2 . PHE A 1 34  ? 5.404   9.548   -13.347 1.00 30.21 ? 32  PHE A CE2 1 
ATOM   250  C CZ  . PHE A 1 34  ? 5.574   9.190   -14.671 1.00 28.99 ? 32  PHE A CZ  1 
ATOM   251  N N   . PRO A 1 35  ? 6.270   5.932   -10.921 1.00 19.69 ? 33  PRO A N   1 
ATOM   252  C CA  . PRO A 1 35  ? 7.223   6.205   -9.817  1.00 18.58 ? 33  PRO A CA  1 
ATOM   253  C C   . PRO A 1 35  ? 6.663   7.050   -8.638  1.00 18.90 ? 33  PRO A C   1 
ATOM   254  O O   . PRO A 1 35  ? 5.962   8.058   -8.870  1.00 18.94 ? 33  PRO A O   1 
ATOM   255  C CB  . PRO A 1 35  ? 8.381   6.923   -10.545 1.00 19.47 ? 33  PRO A CB  1 
ATOM   256  C CG  . PRO A 1 35  ? 8.401   6.279   -11.882 1.00 20.20 ? 33  PRO A CG  1 
ATOM   257  C CD  . PRO A 1 35  ? 6.938   5.999   -12.242 1.00 20.30 ? 33  PRO A CD  1 
ATOM   258  N N   . SER A 1 36  ? 6.943   6.641   -7.396  1.00 17.09 ? 34  SER A N   1 
ATOM   259  C CA  . SER A 1 36  ? 6.425   7.330   -6.202  1.00 18.49 ? 34  SER A CA  1 
ATOM   260  C C   . SER A 1 36  ? 7.114   8.688   -6.046  1.00 18.78 ? 34  SER A C   1 
ATOM   261  O O   . SER A 1 36  ? 8.278   8.786   -6.375  1.00 21.18 ? 34  SER A O   1 
ATOM   262  C CB  . SER A 1 36  ? 6.734   6.513   -4.943  1.00 16.81 ? 34  SER A CB  1 
ATOM   263  O OG  . SER A 1 36  ? 6.194   7.163   -3.795  1.00 18.22 ? 34  SER A OG  1 
ATOM   264  N N   . ALA A 1 37  ? 6.407   9.718   -5.605  1.00 19.07 ? 35  ALA A N   1 
ATOM   265  C CA  . ALA A 1 37  ? 7.079   11.008  -5.291  1.00 19.64 ? 35  ALA A CA  1 
ATOM   266  C C   . ALA A 1 37  ? 7.704   10.969  -3.895  1.00 19.90 ? 35  ALA A C   1 
ATOM   267  O O   . ALA A 1 37  ? 8.692   11.688  -3.610  1.00 20.45 ? 35  ALA A O   1 
ATOM   268  C CB  . ALA A 1 37  ? 6.070   12.180  -5.395  1.00 19.82 ? 35  ALA A CB  1 
ATOM   269  N N   . VAL A 1 38  ? 7.120   10.164  -3.008  1.00 19.54 ? 36  VAL A N   1 
ATOM   270  C CA  . VAL A 1 38  ? 7.690   9.941   -1.653  1.00 20.30 ? 36  VAL A CA  1 
ATOM   271  C C   . VAL A 1 38  ? 9.076   9.236   -1.689  1.00 20.45 ? 36  VAL A C   1 
ATOM   272  O O   . VAL A 1 38  ? 9.968   9.608   -0.938  1.00 21.35 ? 36  VAL A O   1 
ATOM   273  C CB  . VAL A 1 38  ? 6.670   9.211   -0.714  1.00 20.33 ? 36  VAL A CB  1 
ATOM   274  C CG1 . VAL A 1 38  ? 7.266   8.940   0.629   1.00 23.20 ? 36  VAL A CG1 1 
ATOM   275  C CG2 . VAL A 1 38  ? 5.423   10.071  -0.518  1.00 20.78 ? 36  VAL A CG2 1 
ATOM   276  N N   . ASP A 1 39  ? 9.256   8.251   -2.583  1.00 20.75 ? 37  ASP A N   1 
ATOM   277  C CA  . ASP A 1 39  ? 10.519  7.543   -2.812  1.00 20.15 ? 37  ASP A CA  1 
ATOM   278  C C   . ASP A 1 39  ? 10.591  7.225   -4.308  1.00 20.15 ? 37  ASP A C   1 
ATOM   279  O O   . ASP A 1 39  ? 10.023  6.244   -4.782  1.00 18.46 ? 37  ASP A O   1 
ATOM   280  C CB  . ASP A 1 39  ? 10.622  6.270   -1.952  1.00 20.91 ? 37  ASP A CB  1 
ATOM   281  C CG  . ASP A 1 39  ? 11.915  5.482   -2.199  1.00 22.84 ? 37  ASP A CG  1 
ATOM   282  O OD1 . ASP A 1 39  ? 12.749  5.903   -3.037  1.00 24.71 ? 37  ASP A OD1 1 
ATOM   283  O OD2 . ASP A 1 39  ? 12.103  4.428   -1.552  1.00 24.72 ? 37  ASP A OD2 1 
ATOM   284  N N   . LYS A 1 40  ? 11.260  8.094   -5.074  1.00 20.43 ? 38  LYS A N   1 
ATOM   285  C CA  . LYS A 1 40  ? 11.241  7.921   -6.524  1.00 20.82 ? 38  LYS A CA  1 
ATOM   286  C C   . LYS A 1 40  ? 12.048  6.712   -6.992  1.00 19.58 ? 38  LYS A C   1 
ATOM   287  O O   . LYS A 1 40  ? 12.017  6.422   -8.170  1.00 19.33 ? 38  LYS A O   1 
ATOM   288  C CB  . LYS A 1 40  ? 11.652  9.190   -7.275  1.00 22.79 ? 38  LYS A CB  1 
ATOM   289  C CG  . LYS A 1 40  ? 12.887  9.838   -6.773  1.00 24.58 ? 38  LYS A CG  1 
ATOM   290  C CD  . LYS A 1 40  ? 13.244  11.095  -7.634  1.00 24.43 ? 38  LYS A CD  1 
ATOM   291  C CE  . LYS A 1 40  ? 12.444  12.353  -7.272  1.00 26.36 ? 38  LYS A CE  1 
ATOM   292  N NZ  . LYS A 1 40  ? 12.686  12.859  -5.904  1.00 29.20 ? 38  LYS A NZ  1 
ATOM   293  N N   . THR A 1 41  ? 12.722  6.004   -6.080  1.00 19.23 ? 39  THR A N   1 
ATOM   294  C CA  . THR A 1 41  ? 13.459  4.757   -6.449  1.00 19.83 ? 39  THR A CA  1 
ATOM   295  C C   . THR A 1 41  ? 12.521  3.538   -6.489  1.00 20.45 ? 39  THR A C   1 
ATOM   296  O O   . THR A 1 41  ? 12.945  2.411   -6.868  1.00 20.86 ? 39  THR A O   1 
ATOM   297  C CB  . THR A 1 41  ? 14.678  4.460   -5.519  1.00 21.91 ? 39  THR A CB  1 
ATOM   298  O OG1 . THR A 1 41  ? 14.215  4.026   -4.231  1.00 22.34 ? 39  THR A OG1 1 
ATOM   299  C CG2 . THR A 1 41  ? 15.597  5.697   -5.402  1.00 20.93 ? 39  THR A CG2 1 
ATOM   300  N N   . ARG A 1 42  ? 11.251  3.760   -6.105  1.00 19.35 ? 40  ARG A N   1 
ATOM   301  C CA  . ARG A 1 42  ? 10.206  2.705   -6.198  1.00 19.69 ? 40  ARG A CA  1 
ATOM   302  C C   . ARG A 1 42  ? 8.915   3.126   -6.927  1.00 18.66 ? 40  ARG A C   1 
ATOM   303  O O   . ARG A 1 42  ? 8.663   4.326   -7.145  1.00 17.85 ? 40  ARG A O   1 
ATOM   304  C CB  . ARG A 1 42  ? 9.910   2.049   -4.825  1.00 21.43 ? 40  ARG A CB  1 
ATOM   305  C CG  . ARG A 1 42  ? 9.425   2.946   -3.720  1.00 22.42 ? 40  ARG A CG  1 
ATOM   306  C CD  . ARG A 1 42  ? 8.874   2.127   -2.526  1.00 24.07 ? 40  ARG A CD  1 
ATOM   307  N NE  . ARG A 1 42  ? 7.520   1.633   -2.850  1.00 27.04 ? 40  ARG A NE  1 
ATOM   308  C CZ  . ARG A 1 42  ? 6.665   1.072   -1.990  1.00 29.14 ? 40  ARG A CZ  1 
ATOM   309  N NH1 . ARG A 1 42  ? 5.467   0.680   -2.420  1.00 30.07 ? 40  ARG A NH1 1 
ATOM   310  N NH2 . ARG A 1 42  ? 6.971   0.937   -0.715  1.00 22.21 ? 40  ARG A NH2 1 
ATOM   311  N N   . ILE A 1 43  ? 8.118   2.134   -7.338  1.00 17.85 ? 41  ILE A N   1 
ATOM   312  C CA  . ILE A 1 43  ? 6.846   2.397   -7.989  1.00 16.40 ? 41  ILE A CA  1 
ATOM   313  C C   . ILE A 1 43  ? 5.804   2.682   -6.923  1.00 17.26 ? 41  ILE A C   1 
ATOM   314  O O   . ILE A 1 43  ? 5.814   2.046   -5.856  1.00 17.03 ? 41  ILE A O   1 
ATOM   315  C CB  . ILE A 1 43  ? 6.433   1.210   -8.929  1.00 16.55 ? 41  ILE A CB  1 
ATOM   316  C CG1 . ILE A 1 43  ? 7.435   1.101   -10.107 1.00 15.34 ? 41  ILE A CG1 1 
ATOM   317  C CG2 . ILE A 1 43  ? 5.002   1.357   -9.401  1.00 16.96 ? 41  ILE A CG2 1 
ATOM   318  C CD1 . ILE A 1 43  ? 7.562   2.443   -10.959 1.00 17.28 ? 41  ILE A CD1 1 
ATOM   319  N N   . GLY A 1 44  ? 4.927   3.647   -7.213  1.00 16.15 ? 42  GLY A N   1 
ATOM   320  C CA  . GLY A 1 44  ? 3.786   3.997   -6.345  1.00 14.84 ? 42  GLY A CA  1 
ATOM   321  C C   . GLY A 1 44  ? 2.474   4.004   -7.158  1.00 15.00 ? 42  GLY A C   1 
ATOM   322  O O   . GLY A 1 44  ? 2.449   3.553   -8.305  1.00 15.40 ? 42  GLY A O   1 
ATOM   323  N N   . VAL A 1 45  ? 1.372   4.438   -6.518  1.00 13.98 ? 43  VAL A N   1 
ATOM   324  C CA  . VAL A 1 45  ? 0.025   4.408   -7.106  1.00 14.82 ? 43  VAL A CA  1 
ATOM   325  C C   . VAL A 1 45  ? -0.552  5.821   -7.062  1.00 15.08 ? 43  VAL A C   1 
ATOM   326  O O   . VAL A 1 45  ? -0.443  6.490   -6.037  1.00 14.76 ? 43  VAL A O   1 
ATOM   327  C CB  . VAL A 1 45  ? -0.924  3.463   -6.295  1.00 14.50 ? 43  VAL A CB  1 
ATOM   328  C CG1 . VAL A 1 45  ? -2.267  3.315   -6.977  1.00 15.71 ? 43  VAL A CG1 1 
ATOM   329  C CG2 . VAL A 1 45  ? -0.242  2.058   -6.102  1.00 15.09 ? 43  VAL A CG2 1 
ATOM   330  N N   . TRP A 1 46  ? -1.166  6.237   -8.171  1.00 14.93 ? 44  TRP A N   1 
ATOM   331  C CA  . TRP A 1 46  ? -1.661  7.622   -8.362  1.00 16.04 ? 44  TRP A CA  1 
ATOM   332  C C   . TRP A 1 46  ? -3.092  7.658   -8.853  1.00 16.23 ? 44  TRP A C   1 
ATOM   333  O O   . TRP A 1 46  ? -3.508  6.808   -9.640  1.00 17.76 ? 44  TRP A O   1 
ATOM   334  C CB  . TRP A 1 46  ? -0.791  8.389   -9.379  1.00 17.14 ? 44  TRP A CB  1 
ATOM   335  C CG  . TRP A 1 46  ? 0.645   8.526   -8.977  1.00 15.83 ? 44  TRP A CG  1 
ATOM   336  C CD1 . TRP A 1 46  ? 1.592   7.566   -9.038  1.00 16.71 ? 44  TRP A CD1 1 
ATOM   337  C CD2 . TRP A 1 46  ? 1.299   9.713   -8.493  1.00 17.86 ? 44  TRP A CD2 1 
ATOM   338  N NE1 . TRP A 1 46  ? 2.812   8.054   -8.598  1.00 18.49 ? 44  TRP A NE1 1 
ATOM   339  C CE2 . TRP A 1 46  ? 2.657   9.370   -8.251  1.00 19.12 ? 44  TRP A CE2 1 
ATOM   340  C CE3 . TRP A 1 46  ? 0.862   11.017  -8.197  1.00 18.25 ? 44  TRP A CE3 1 
ATOM   341  C CZ2 . TRP A 1 46  ? 3.613   10.306  -7.750  1.00 19.96 ? 44  TRP A CZ2 1 
ATOM   342  C CZ3 . TRP A 1 46  ? 1.815   11.967  -7.702  1.00 17.59 ? 44  TRP A CZ3 1 
ATOM   343  C CH2 . TRP A 1 46  ? 3.169   11.579  -7.466  1.00 19.17 ? 44  TRP A CH2 1 
ATOM   344  N N   . ALA A 1 47  ? -3.859  8.643   -8.415  1.00 14.96 ? 45  ALA A N   1 
ATOM   345  C CA  . ALA A 1 47  ? -5.259  8.774   -8.893  1.00 15.18 ? 45  ALA A CA  1 
ATOM   346  C C   . ALA A 1 47  ? -5.258  9.325   -10.320 1.00 15.96 ? 45  ALA A C   1 
ATOM   347  O O   . ALA A 1 47  ? -4.426  10.194  -10.651 1.00 16.84 ? 45  ALA A O   1 
ATOM   348  C CB  . ALA A 1 47  ? -6.037  9.705   -7.971  1.00 15.22 ? 45  ALA A CB  1 
ATOM   349  N N   . THR A 1 48  ? -6.152  8.795   -11.155 1.00 17.60 ? 46  THR A N   1 
ATOM   350  C CA  . THR A 1 48  ? -6.272  9.265   -12.563 1.00 18.66 ? 46  THR A CA  1 
ATOM   351  C C   . THR A 1 48  ? -7.482  10.183  -12.757 1.00 18.99 ? 46  THR A C   1 
ATOM   352  O O   . THR A 1 48  ? -7.648  10.839  -13.829 1.00 20.04 ? 46  THR A O   1 
ATOM   353  C CB  . THR A 1 48  ? -6.442  8.076   -13.548 1.00 17.13 ? 46  THR A CB  1 
ATOM   354  O OG1 . THR A 1 48  ? -7.663  7.392   -13.248 1.00 20.70 ? 46  THR A OG1 1 
ATOM   355  C CG2 . THR A 1 48  ? -5.241  7.118   -13.507 1.00 17.92 ? 46  THR A CG2 1 
ATOM   356  N N   . LYS A 1 49  ? -8.347  10.204  -11.755 1.00 20.10 ? 47  LYS A N   1 
ATOM   357  C CA  . LYS A 1 49  ? -9.621  10.928  -11.788 1.00 21.98 ? 47  LYS A CA  1 
ATOM   358  C C   . LYS A 1 49  ? -10.091 11.124  -10.336 1.00 21.81 ? 47  LYS A C   1 
ATOM   359  O O   . LYS A 1 49  ? -9.505  10.519  -9.419  1.00 20.97 ? 47  LYS A O   1 
ATOM   360  C CB  . LYS A 1 49  ? -10.639 10.120  -12.601 1.00 22.32 ? 47  LYS A CB  1 
ATOM   361  C CG  . LYS A 1 49  ? -11.113 8.809   -12.015 1.00 24.00 ? 47  LYS A CG  1 
ATOM   362  C CD  . LYS A 1 49  ? -12.015 8.052   -13.029 1.00 27.00 ? 47  LYS A CD  1 
ATOM   363  C CE  . LYS A 1 49  ? -13.431 8.611   -12.985 1.00 33.92 ? 47  LYS A CE  1 
ATOM   364  N NZ  . LYS A 1 49  ? -14.473 7.810   -13.715 1.00 37.88 ? 47  LYS A NZ  1 
ATOM   365  N N   . PRO A 1 50  ? -11.114 11.978  -10.101 1.00 21.07 ? 48  PRO A N   1 
ATOM   366  C CA  . PRO A 1 50  ? -11.565 12.180  -8.699  1.00 20.95 ? 48  PRO A CA  1 
ATOM   367  C C   . PRO A 1 50  ? -12.052 10.876  -8.046  1.00 20.61 ? 48  PRO A C   1 
ATOM   368  O O   . PRO A 1 50  ? -12.810 10.098  -8.668  1.00 21.62 ? 48  PRO A O   1 
ATOM   369  C CB  . PRO A 1 50  ? -12.745 13.172  -8.836  1.00 21.76 ? 48  PRO A CB  1 
ATOM   370  C CG  . PRO A 1 50  ? -12.499 13.868  -10.140 1.00 22.64 ? 48  PRO A CG  1 
ATOM   371  C CD  . PRO A 1 50  ? -11.879 12.819  -11.051 1.00 21.68 ? 48  PRO A CD  1 
ATOM   372  N N   . ILE A 1 51  ? -11.604 10.647  -6.813  1.00 20.50 ? 49  ILE A N   1 
ATOM   373  C CA  . ILE A 1 51  ? -12.022 9.462   -6.013  1.00 19.03 ? 49  ILE A CA  1 
ATOM   374  C C   . ILE A 1 51  ? -12.756 10.009  -4.775  1.00 20.20 ? 49  ILE A C   1 
ATOM   375  O O   . ILE A 1 51  ? -12.203 10.826  -4.040  1.00 19.85 ? 49  ILE A O   1 
ATOM   376  C CB  . ILE A 1 51  ? -10.788 8.574   -5.584  1.00 19.54 ? 49  ILE A CB  1 
ATOM   377  C CG1 . ILE A 1 51  ? -9.920  8.175   -6.809  1.00 17.21 ? 49  ILE A CG1 1 
ATOM   378  C CG2 . ILE A 1 51  ? -11.283 7.282   -4.835  1.00 18.92 ? 49  ILE A CG2 1 
ATOM   379  C CD1 . ILE A 1 51  ? -8.625  7.370   -6.479  1.00 16.92 ? 49  ILE A CD1 1 
ATOM   380  N N   . LEU A 1 52  ? -14.001 9.568   -4.569  1.00 21.08 ? 50  LEU A N   1 
ATOM   381  C CA  . LEU A 1 52  ? -14.813 9.959   -3.410  1.00 21.34 ? 50  LEU A CA  1 
ATOM   382  C C   . LEU A 1 52  ? -14.281 9.431   -2.065  1.00 21.16 ? 50  LEU A C   1 
ATOM   383  O O   . LEU A 1 52  ? -13.624 8.382   -2.002  1.00 20.31 ? 50  LEU A O   1 
ATOM   384  C CB  . LEU A 1 52  ? -16.242 9.430   -3.584  1.00 22.17 ? 50  LEU A CB  1 
ATOM   385  C CG  . LEU A 1 52  ? -16.976 9.646   -4.927  1.00 25.75 ? 50  LEU A CG  1 
ATOM   386  C CD1 . LEU A 1 52  ? -18.436 9.123   -4.883  1.00 26.68 ? 50  LEU A CD1 1 
ATOM   387  C CD2 . LEU A 1 52  ? -16.933 11.087  -5.268  1.00 29.10 ? 50  LEU A CD2 1 
ATOM   388  N N   . LYS A 1 53  ? -14.572 10.153  -0.993  1.00 21.05 ? 51  LYS A N   1 
ATOM   389  C CA  . LYS A 1 53  ? -14.307 9.651   0.355   1.00 21.99 ? 51  LYS A CA  1 
ATOM   390  C C   . LYS A 1 53  ? -15.100 8.359   0.560   1.00 21.88 ? 51  LYS A C   1 
ATOM   391  O O   . LYS A 1 53  ? -16.257 8.244   0.112   1.00 22.39 ? 51  LYS A O   1 
ATOM   392  C CB  . LYS A 1 53  ? -14.708 10.708  1.388   1.00 23.30 ? 51  LYS A CB  1 
ATOM   393  C CG  . LYS A 1 53  ? -14.409 10.369  2.842   1.00 22.88 ? 51  LYS A CG  1 
ATOM   394  C CD  . LYS A 1 53  ? -14.858 11.541  3.760   1.00 24.99 ? 51  LYS A CD  1 
ATOM   395  C CE  . LYS A 1 53  ? -14.616 11.159  5.231   1.00 29.83 ? 51  LYS A CE  1 
ATOM   396  N NZ  . LYS A 1 53  ? -15.197 12.160  6.167   1.00 33.56 ? 51  LYS A NZ  1 
ATOM   397  N N   . GLY A 1 54  ? -14.513 7.384   1.255   1.00 21.82 ? 52  GLY A N   1 
ATOM   398  C CA  . GLY A 1 54  ? -15.174 6.088   1.449   1.00 21.79 ? 52  GLY A CA  1 
ATOM   399  C C   . GLY A 1 54  ? -15.033 4.999   0.377   1.00 21.15 ? 52  GLY A C   1 
ATOM   400  O O   . GLY A 1 54  ? -15.526 3.876   0.574   1.00 23.16 ? 52  GLY A O   1 
ATOM   401  N N   . LYS A 1 55  ? -14.346 5.275   -0.725  1.00 21.24 ? 53  LYS A N   1 
ATOM   402  C CA  . LYS A 1 55  ? -14.106 4.271   -1.767  1.00 20.48 ? 53  LYS A CA  1 
ATOM   403  C C   . LYS A 1 55  ? -13.163 3.153   -1.252  1.00 19.30 ? 53  LYS A C   1 
ATOM   404  O O   . LYS A 1 55  ? -12.104 3.465   -0.702  1.00 19.01 ? 53  LYS A O   1 
ATOM   405  C CB  . LYS A 1 55  ? -13.528 4.937   -3.027  1.00 21.61 ? 53  LYS A CB  1 
ATOM   406  C CG  . LYS A 1 55  ? -13.100 3.990   -4.175  1.00 21.87 ? 53  LYS A CG  1 
ATOM   407  C CD  . LYS A 1 55  ? -14.310 3.229   -4.826  1.00 26.64 ? 53  LYS A CD  1 
ATOM   408  C CE  . LYS A 1 55  ? -13.810 2.301   -5.953  1.00 25.54 ? 53  LYS A CE  1 
ATOM   409  N NZ  . LYS A 1 55  ? -14.925 1.520   -6.600  1.00 27.76 ? 53  LYS A NZ  1 
ATOM   410  N N   . LYS A 1 56  ? -13.557 1.887   -1.456  1.00 19.10 ? 54  LYS A N   1 
ATOM   411  C CA  . LYS A 1 56  ? -12.804 0.688   -1.002  1.00 18.97 ? 54  LYS A CA  1 
ATOM   412  C C   . LYS A 1 56  ? -12.017 0.010   -2.129  1.00 18.64 ? 54  LYS A C   1 
ATOM   413  O O   . LYS A 1 56  ? -12.545 -0.219  -3.223  1.00 19.06 ? 54  LYS A O   1 
ATOM   414  C CB  . LYS A 1 56  ? -13.802 -0.333  -0.448  1.00 19.87 ? 54  LYS A CB  1 
ATOM   415  C CG  . LYS A 1 56  ? -13.209 -1.561  0.181   1.00 23.90 ? 54  LYS A CG  1 
ATOM   416  C CD  . LYS A 1 56  ? -14.311 -2.334  0.908   1.00 32.07 ? 54  LYS A CD  1 
ATOM   417  C CE  . LYS A 1 56  ? -15.465 -2.765  0.007   1.00 35.72 ? 54  LYS A CE  1 
ATOM   418  N NZ  . LYS A 1 56  ? -15.142 -3.961  -0.806  1.00 38.86 ? 54  LYS A NZ  1 
ATOM   419  N N   . PHE A 1 57  ? -10.770 -0.334  -1.857  1.00 16.63 ? 55  PHE A N   1 
ATOM   420  C CA  . PHE A 1 57  ? -9.937  -1.087  -2.809  1.00 16.02 ? 55  PHE A CA  1 
ATOM   421  C C   . PHE A 1 57  ? -9.431  -2.353  -2.130  1.00 16.48 ? 55  PHE A C   1 
ATOM   422  O O   . PHE A 1 57  ? -9.206  -2.344  -0.919  1.00 15.74 ? 55  PHE A O   1 
ATOM   423  C CB  . PHE A 1 57  ? -8.733  -0.260  -3.194  1.00 16.32 ? 55  PHE A CB  1 
ATOM   424  C CG  . PHE A 1 57  ? -9.085  1.047   -3.886  1.00 17.60 ? 55  PHE A CG  1 
ATOM   425  C CD1 . PHE A 1 57  ? -8.899  2.266   -3.231  1.00 18.40 ? 55  PHE A CD1 1 
ATOM   426  C CD2 . PHE A 1 57  ? -9.554  1.040   -5.191  1.00 20.98 ? 55  PHE A CD2 1 
ATOM   427  C CE1 . PHE A 1 57  ? -9.191  3.491   -3.881  1.00 20.68 ? 55  PHE A CE1 1 
ATOM   428  C CE2 . PHE A 1 57  ? -9.878  2.232   -5.838  1.00 19.46 ? 55  PHE A CE2 1 
ATOM   429  C CZ  . PHE A 1 57  ? -9.690  3.462   -5.184  1.00 17.12 ? 55  PHE A CZ  1 
ATOM   430  N N   . GLY A 1 58  ? -9.215  -3.411  -2.909  1.00 16.17 ? 56  GLY A N   1 
ATOM   431  C CA  . GLY A 1 58  ? -8.678  -4.657  -2.353  1.00 15.01 ? 56  GLY A CA  1 
ATOM   432  C C   . GLY A 1 58  ? -9.439  -5.914  -2.820  1.00 16.61 ? 56  GLY A C   1 
ATOM   433  O O   . GLY A 1 58  ? -10.276 -5.840  -3.726  1.00 16.35 ? 56  GLY A O   1 
ATOM   434  N N   . PRO A 1 59  ? -9.160  -7.072  -2.201  1.00 15.78 ? 57  PRO A N   1 
ATOM   435  C CA  . PRO A 1 59  ? -8.307  -7.197  -1.014  1.00 16.07 ? 57  PRO A CA  1 
ATOM   436  C C   . PRO A 1 59  ? -6.809  -7.143  -1.311  1.00 15.27 ? 57  PRO A C   1 
ATOM   437  O O   . PRO A 1 59  ? -6.367  -7.565  -2.394  1.00 15.44 ? 57  PRO A O   1 
ATOM   438  C CB  . PRO A 1 59  ? -8.633  -8.605  -0.506  1.00 16.34 ? 57  PRO A CB  1 
ATOM   439  C CG  . PRO A 1 59  ? -9.050  -9.365  -1.762  1.00 16.60 ? 57  PRO A CG  1 
ATOM   440  C CD  . PRO A 1 59  ? -9.737  -8.361  -2.627  1.00 16.24 ? 57  PRO A CD  1 
ATOM   441  N N   . PHE A 1 60  ? -6.031  -6.721  -0.311  1.00 15.00 ? 58  PHE A N   1 
ATOM   442  C CA  . PHE A 1 60  ? -4.565  -6.941  -0.303  1.00 15.65 ? 58  PHE A CA  1 
ATOM   443  C C   . PHE A 1 60  ? -4.304  -8.437  -0.157  1.00 15.83 ? 58  PHE A C   1 
ATOM   444  O O   . PHE A 1 60  ? -4.838  -9.061  0.762   1.00 15.69 ? 58  PHE A O   1 
ATOM   445  C CB  . PHE A 1 60  ? -3.935  -6.129  0.870   1.00 15.07 ? 58  PHE A CB  1 
ATOM   446  C CG  . PHE A 1 60  ? -2.413  -6.191  0.967   1.00 15.08 ? 58  PHE A CG  1 
ATOM   447  C CD1 . PHE A 1 60  ? -1.639  -5.090  0.585   1.00 17.05 ? 58  PHE A CD1 1 
ATOM   448  C CD2 . PHE A 1 60  ? -1.761  -7.314  1.507   1.00 14.56 ? 58  PHE A CD2 1 
ATOM   449  C CE1 . PHE A 1 60  ? -0.225  -5.120  0.689   1.00 14.93 ? 58  PHE A CE1 1 
ATOM   450  C CE2 . PHE A 1 60  ? -0.348  -7.358  1.630   1.00 15.88 ? 58  PHE A CE2 1 
ATOM   451  C CZ  . PHE A 1 60  ? 0.417   -6.260  1.192   1.00 15.80 ? 58  PHE A CZ  1 
ATOM   452  N N   . VAL A 1 61  ? -3.465  -9.024  -1.026  1.00 15.71 ? 59  VAL A N   1 
ATOM   453  C CA  . VAL A 1 61  ? -3.103  -10.470 -0.882  1.00 16.45 ? 59  VAL A CA  1 
ATOM   454  C C   . VAL A 1 61  ? -1.583  -10.713 -0.812  1.00 16.07 ? 59  VAL A C   1 
ATOM   455  O O   . VAL A 1 61  ? -0.792  -9.857  -1.206  1.00 15.36 ? 59  VAL A O   1 
ATOM   456  C CB  . VAL A 1 61  ? -3.752  -11.402 -1.981  1.00 17.85 ? 59  VAL A CB  1 
ATOM   457  C CG1 . VAL A 1 61  ? -5.292  -11.143 -2.086  1.00 19.28 ? 59  VAL A CG1 1 
ATOM   458  C CG2 . VAL A 1 61  ? -3.056  -11.217 -3.349  1.00 18.41 ? 59  VAL A CG2 1 
ATOM   459  N N   . GLY A 1 62  ? -1.199  -11.858 -0.263  1.00 15.65 ? 60  GLY A N   1 
ATOM   460  C CA  . GLY A 1 62  ? 0.235   -12.178 -0.076  1.00 15.71 ? 60  GLY A CA  1 
ATOM   461  C C   . GLY A 1 62  ? 0.366   -13.568 0.535   1.00 16.81 ? 60  GLY A C   1 
ATOM   462  O O   . GLY A 1 62  ? -0.642  -14.154 0.915   1.00 16.08 ? 60  GLY A O   1 
ATOM   463  N N   . ASP A 1 63  ? 1.601   -14.086 0.598   1.00 16.66 ? 61  ASP A N   1 
ATOM   464  C CA  . ASP A 1 63  ? 1.890   -15.408 1.192   1.00 18.15 ? 61  ASP A CA  1 
ATOM   465  C C   . ASP A 1 63  ? 1.647   -15.366 2.712   1.00 19.09 ? 61  ASP A C   1 
ATOM   466  O O   . ASP A 1 63  ? 2.037   -14.400 3.357   1.00 17.47 ? 61  ASP A O   1 
ATOM   467  C CB  . ASP A 1 63  ? 3.370   -15.781 0.907   1.00 17.70 ? 61  ASP A CB  1 
ATOM   468  C CG  . ASP A 1 63  ? 3.604   -16.382 -0.488  1.00 21.10 ? 61  ASP A CG  1 
ATOM   469  O OD1 . ASP A 1 63  ? 2.638   -16.689 -1.258  1.00 19.83 ? 61  ASP A OD1 1 
ATOM   470  O OD2 . ASP A 1 63  ? 4.801   -16.600 -0.791  1.00 23.06 ? 61  ASP A OD2 1 
ATOM   471  N N   . LYS A 1 64  ? 1.028   -16.403 3.272   1.00 19.27 ? 62  LYS A N   1 
ATOM   472  C CA  . LYS A 1 64  ? 0.866   -16.524 4.752   1.00 21.78 ? 62  LYS A CA  1 
ATOM   473  C C   . LYS A 1 64  ? 2.176   -17.034 5.374   1.00 22.26 ? 62  LYS A C   1 
ATOM   474  O O   . LYS A 1 64  ? 2.661   -18.113 4.987   1.00 22.40 ? 62  LYS A O   1 
ATOM   475  C CB  . LYS A 1 64  ? -0.249  -17.528 5.072   1.00 22.36 ? 62  LYS A CB  1 
ATOM   476  C CG  . LYS A 1 64  ? -1.613  -16.950 5.066   1.00 25.12 ? 62  LYS A CG  1 
ATOM   477  C CD  . LYS A 1 64  ? -2.671  -17.951 5.593   1.00 24.05 ? 62  LYS A CD  1 
ATOM   478  C CE  . LYS A 1 64  ? -3.956  -17.680 4.813   1.00 29.76 ? 62  LYS A CE  1 
ATOM   479  N NZ  . LYS A 1 64  ? -5.172  -18.118 5.526   1.00 38.83 ? 62  LYS A NZ  1 
ATOM   480  N N   . LYS A 1 65  ? 2.760   -16.262 6.289   1.00 21.71 ? 63  LYS A N   1 
ATOM   481  C CA  . LYS A 1 65  ? 4.026   -16.629 6.938   1.00 22.69 ? 63  LYS A CA  1 
ATOM   482  C C   . LYS A 1 65  ? 3.975   -16.279 8.436   1.00 22.74 ? 63  LYS A C   1 
ATOM   483  O O   . LYS A 1 65  ? 3.224   -15.381 8.851   1.00 22.94 ? 63  LYS A O   1 
ATOM   484  C CB  . LYS A 1 65  ? 5.215   -15.883 6.312   1.00 22.31 ? 63  LYS A CB  1 
ATOM   485  C CG  . LYS A 1 65  ? 5.374   -16.046 4.778   1.00 23.00 ? 63  LYS A CG  1 
ATOM   486  C CD  . LYS A 1 65  ? 6.623   -15.330 4.312   1.00 24.37 ? 63  LYS A CD  1 
ATOM   487  C CE  . LYS A 1 65  ? 6.754   -15.380 2.804   1.00 25.75 ? 63  LYS A CE  1 
ATOM   488  N NZ  . LYS A 1 65  ? 7.973   -14.649 2.409   1.00 27.63 ? 63  LYS A NZ  1 
ATOM   489  N N   . LYS A 1 66  ? 4.757   -16.992 9.251   1.00 22.47 ? 64  LYS A N   1 
ATOM   490  C CA  . LYS A 1 66  ? 4.886   -16.600 10.678  1.00 23.74 ? 64  LYS A CA  1 
ATOM   491  C C   . LYS A 1 66  ? 5.711   -15.315 10.788  1.00 23.28 ? 64  LYS A C   1 
ATOM   492  O O   . LYS A 1 66  ? 6.566   -15.047 9.935   1.00 22.88 ? 64  LYS A O   1 
ATOM   493  C CB  . LYS A 1 66  ? 5.562   -17.685 11.521  1.00 23.45 ? 64  LYS A CB  1 
ATOM   494  C CG  . LYS A 1 66  ? 4.939   -19.054 11.449  1.00 26.48 ? 64  LYS A CG  1 
ATOM   495  C CD  . LYS A 1 66  ? 5.716   -20.016 12.351  1.00 30.02 ? 64  LYS A CD  1 
ATOM   496  C CE  . LYS A 1 66  ? 7.021   -20.447 11.674  1.00 33.38 ? 64  LYS A CE  1 
ATOM   497  N NZ  . LYS A 1 66  ? 7.884   -21.163 12.654  1.00 35.88 ? 64  LYS A NZ  1 
ATOM   498  N N   . ARG A 1 67  ? 5.473   -14.542 11.853  1.00 24.10 ? 65  ARG A N   1 
ATOM   499  C CA  . ARG A 1 67  ? 6.237   -13.287 12.060  1.00 25.61 ? 65  ARG A CA  1 
ATOM   500  C C   . ARG A 1 67  ? 7.752   -13.490 11.958  1.00 26.19 ? 65  ARG A C   1 
ATOM   501  O O   . ARG A 1 67  ? 8.478   -12.613 11.440  1.00 27.22 ? 65  ARG A O   1 
ATOM   502  C CB  . ARG A 1 67  ? 5.865   -12.623 13.396  1.00 26.85 ? 65  ARG A CB  1 
ATOM   503  C CG  . ARG A 1 67  ? 6.540   -11.247 13.647  1.00 29.17 ? 65  ARG A CG  1 
ATOM   504  C CD  . ARG A 1 67  ? 5.915   -10.145 12.755  1.00 38.07 ? 65  ARG A CD  1 
ATOM   505  N NE  . ARG A 1 67  ? 6.803   -9.015  12.429  1.00 45.29 ? 65  ARG A NE  1 
ATOM   506  C CZ  . ARG A 1 67  ? 7.700   -8.997  11.433  1.00 47.91 ? 65  ARG A CZ  1 
ATOM   507  N NH1 . ARG A 1 67  ? 7.878   -10.063 10.667  1.00 51.00 ? 65  ARG A NH1 1 
ATOM   508  N NH2 . ARG A 1 67  ? 8.445   -7.912  11.209  1.00 48.51 ? 65  ARG A NH2 1 
ATOM   509  N N   . SER A 1 68  ? 8.244   -14.629 12.467  1.00 26.29 ? 66  SER A N   1 
ATOM   510  C CA  . SER A 1 68  ? 9.689   -14.910 12.475  1.00 26.79 ? 66  SER A CA  1 
ATOM   511  C C   . SER A 1 68  ? 10.296  -15.137 11.073  1.00 27.48 ? 66  SER A C   1 
ATOM   512  O O   . SER A 1 68  ? 11.525  -15.198 10.926  1.00 27.90 ? 66  SER A O   1 
ATOM   513  C CB  . SER A 1 68  ? 10.005  -16.084 13.420  1.00 26.50 ? 66  SER A CB  1 
ATOM   514  O OG  . SER A 1 68  ? 9.417   -17.302 12.977  1.00 25.81 ? 66  SER A OG  1 
ATOM   515  N N   . GLN A 1 69  ? 9.448   -15.279 10.056  1.00 27.67 ? 67  GLN A N   1 
ATOM   516  C CA  . GLN A 1 69  ? 9.897   -15.512 8.665   1.00 28.50 ? 67  GLN A CA  1 
ATOM   517  C C   . GLN A 1 69  ? 9.858   -14.254 7.790   1.00 29.34 ? 67  GLN A C   1 
ATOM   518  O O   . GLN A 1 69  ? 10.393  -14.251 6.676   1.00 29.02 ? 67  GLN A O   1 
ATOM   519  C CB  . GLN A 1 69  ? 8.967   -16.526 7.985   1.00 28.24 ? 67  GLN A CB  1 
ATOM   520  C CG  . GLN A 1 69  ? 8.889   -17.907 8.609   1.00 28.52 ? 67  GLN A CG  1 
ATOM   521  C CD  . GLN A 1 69  ? 7.908   -18.813 7.867   1.00 31.25 ? 67  GLN A CD  1 
ATOM   522  O OE1 . GLN A 1 69  ? 6.670   -18.673 7.985   1.00 33.76 ? 67  GLN A OE1 1 
ATOM   523  N NE2 . GLN A 1 69  ? 8.455   -19.753 7.087   1.00 34.89 ? 67  GLN A NE2 1 
ATOM   524  N N   . VAL A 1 70  ? 9.179   -13.206 8.247   1.00 29.27 ? 68  VAL A N   1 
ATOM   525  C CA  . VAL A 1 70  ? 9.073   -11.972 7.444   1.00 30.32 ? 68  VAL A CA  1 
ATOM   526  C C   . VAL A 1 70  ? 10.191  -11.000 7.850   1.00 31.30 ? 68  VAL A C   1 
ATOM   527  O O   . VAL A 1 70  ? 10.518  -10.899 9.021   1.00 32.40 ? 68  VAL A O   1 
ATOM   528  C CB  . VAL A 1 70  ? 7.654   -11.360 7.513   1.00 30.71 ? 68  VAL A CB  1 
ATOM   529  C CG1 . VAL A 1 70  ? 7.541   -10.107 6.631   1.00 30.60 ? 68  VAL A CG1 1 
ATOM   530  C CG2 . VAL A 1 70  ? 6.630   -12.408 7.046   1.00 30.78 ? 68  VAL A CG2 1 
ATOM   531  N N   . LYS A 1 71  ? 10.772  -10.306 6.869   1.00 31.67 ? 69  LYS A N   1 
ATOM   532  C CA  . LYS A 1 71  ? 11.995  -9.495  7.067   1.00 32.24 ? 69  LYS A CA  1 
ATOM   533  C C   . LYS A 1 71  ? 11.793  -7.969  6.944   1.00 31.20 ? 69  LYS A C   1 
ATOM   534  O O   . LYS A 1 71  ? 12.741  -7.192  7.149   1.00 31.83 ? 69  LYS A O   1 
ATOM   535  C CB  . LYS A 1 71  ? 13.088  -9.947  6.086   1.00 33.10 ? 69  LYS A CB  1 
ATOM   536  C CG  . LYS A 1 71  ? 12.677  -11.042 5.064   1.00 37.31 ? 69  LYS A CG  1 
ATOM   537  C CD  . LYS A 1 71  ? 11.862  -10.537 3.841   1.00 39.28 ? 69  LYS A CD  1 
ATOM   538  C CE  . LYS A 1 71  ? 10.333  -10.694 4.001   1.00 41.79 ? 69  LYS A CE  1 
ATOM   539  N NZ  . LYS A 1 71  ? 9.707   -11.307 2.808   1.00 39.59 ? 69  LYS A NZ  1 
ATOM   540  N N   . ASN A 1 72  ? 10.578  -7.538  6.636   1.00 28.65 ? 70  ASN A N   1 
ATOM   541  C CA  . ASN A 1 72  ? 10.284  -6.113  6.596   1.00 27.56 ? 70  ASN A CA  1 
ATOM   542  C C   . ASN A 1 72  ? 8.857   -5.844  7.084   1.00 27.52 ? 70  ASN A C   1 
ATOM   543  O O   . ASN A 1 72  ? 8.051   -6.796  7.234   1.00 27.01 ? 70  ASN A O   1 
ATOM   544  C CB  . ASN A 1 72  ? 10.555  -5.535  5.196   1.00 27.05 ? 70  ASN A CB  1 
ATOM   545  C CG  . ASN A 1 72  ? 9.516   -5.975  4.176   1.00 25.76 ? 70  ASN A CG  1 
ATOM   546  O OD1 . ASN A 1 72  ? 8.440   -5.403  4.102   1.00 21.13 ? 70  ASN A OD1 1 
ATOM   547  N ND2 . ASN A 1 72  ? 9.831   -7.019  3.414   1.00 23.87 ? 70  ASN A ND2 1 
ATOM   548  N N   . ASN A 1 73  ? 8.552   -4.576  7.359   1.00 25.35 ? 71  ASN A N   1 
ATOM   549  C CA  . ASN A 1 73  ? 7.204   -4.169  7.760   1.00 25.31 ? 71  ASN A CA  1 
ATOM   550  C C   . ASN A 1 73  ? 6.566   -3.240  6.709   1.00 24.17 ? 71  ASN A C   1 
ATOM   551  O O   . ASN A 1 73  ? 5.687   -2.419  7.025   1.00 24.58 ? 71  ASN A O   1 
ATOM   552  C CB  . ASN A 1 73  ? 7.244   -3.449  9.122   1.00 26.76 ? 71  ASN A CB  1 
ATOM   553  C CG  . ASN A 1 73  ? 7.862   -4.286  10.223  1.00 29.26 ? 71  ASN A CG  1 
ATOM   554  O OD1 . ASN A 1 73  ? 7.427   -5.399  10.479  1.00 31.51 ? 71  ASN A OD1 1 
ATOM   555  N ND2 . ASN A 1 73  ? 8.877   -3.733  10.905  1.00 30.16 ? 71  ASN A ND2 1 
ATOM   556  N N   . VAL A 1 74  ? 7.041   -3.341  5.464   1.00 23.27 ? 72  VAL A N   1 
ATOM   557  C CA  . VAL A 1 74  ? 6.610   -2.434  4.395   1.00 22.22 ? 72  VAL A CA  1 
ATOM   558  C C   . VAL A 1 74  ? 5.561   -3.087  3.468   1.00 20.73 ? 72  VAL A C   1 
ATOM   559  O O   . VAL A 1 74  ? 4.500   -2.513  3.221   1.00 22.32 ? 72  VAL A O   1 
ATOM   560  C CB  . VAL A 1 74  ? 7.837   -1.927  3.577   1.00 21.79 ? 72  VAL A CB  1 
ATOM   561  C CG1 . VAL A 1 74  ? 7.361   -1.149  2.370   1.00 23.96 ? 72  VAL A CG1 1 
ATOM   562  C CG2 . VAL A 1 74  ? 8.754   -1.068  4.495   1.00 22.36 ? 72  VAL A CG2 1 
ATOM   563  N N   . TYR A 1 75  ? 5.846   -4.303  3.014   1.00 19.16 ? 73  TYR A N   1 
ATOM   564  C CA  . TYR A 1 75  ? 5.023   -4.993  2.026   1.00 16.74 ? 73  TYR A CA  1 
ATOM   565  C C   . TYR A 1 75  ? 4.127   -6.096  2.656   1.00 17.34 ? 73  TYR A C   1 
ATOM   566  O O   . TYR A 1 75  ? 3.839   -7.098  1.995   1.00 15.74 ? 73  TYR A O   1 
ATOM   567  C CB  . TYR A 1 75  ? 5.953   -5.577  0.946   1.00 17.54 ? 73  TYR A CB  1 
ATOM   568  C CG  . TYR A 1 75  ? 6.694   -4.535  0.130   1.00 18.75 ? 73  TYR A CG  1 
ATOM   569  C CD1 . TYR A 1 75  ? 5.988   -3.695  -0.740  1.00 19.87 ? 73  TYR A CD1 1 
ATOM   570  C CD2 . TYR A 1 75  ? 8.085   -4.401  0.203   1.00 22.10 ? 73  TYR A CD2 1 
ATOM   571  C CE1 . TYR A 1 75  ? 6.632   -2.760  -1.527  1.00 22.29 ? 73  TYR A CE1 1 
ATOM   572  C CE2 . TYR A 1 75  ? 8.756   -3.404  -0.604  1.00 22.45 ? 73  TYR A CE2 1 
ATOM   573  C CZ  . TYR A 1 75  ? 7.996   -2.608  -1.452  1.00 21.16 ? 73  TYR A CZ  1 
ATOM   574  O OH  . TYR A 1 75  ? 8.574   -1.651  -2.295  1.00 25.14 ? 73  TYR A OH  1 
ATOM   575  N N   . MET A 1 76  ? 3.661   -5.877  3.900   1.00 16.59 ? 74  MET A N   1 
ATOM   576  C CA  . MET A 1 76  ? 2.908   -6.894  4.662   1.00 17.54 ? 74  MET A CA  1 
ATOM   577  C C   . MET A 1 76  ? 1.886   -6.308  5.635   1.00 17.07 ? 74  MET A C   1 
ATOM   578  O O   . MET A 1 76  ? 2.041   -5.168  6.103   1.00 16.73 ? 74  MET A O   1 
ATOM   579  C CB  . MET A 1 76  ? 3.881   -7.818  5.438   1.00 17.93 ? 74  MET A CB  1 
ATOM   580  C CG  . MET A 1 76  ? 4.427   -7.243  6.777   1.00 21.11 ? 74  MET A CG  1 
ATOM   581  S SD  . MET A 1 76  ? 3.428   -7.731  8.254   1.00 17.34 ? 74  MET A SD  1 
ATOM   582  C CE  . MET A 1 76  ? 4.373   -7.072  9.604   1.00 26.85 ? 74  MET A CE  1 
ATOM   583  N N   . TRP A 1 77  ? 0.862   -7.108  5.939   1.00 15.38 ? 75  TRP A N   1 
ATOM   584  C CA  . TRP A 1 77  ? -0.115  -6.820  7.006   1.00 16.16 ? 75  TRP A CA  1 
ATOM   585  C C   . TRP A 1 77  ? -0.252  -8.066  7.897   1.00 16.99 ? 75  TRP A C   1 
ATOM   586  O O   . TRP A 1 77  ? -0.009  -9.195  7.443   1.00 17.80 ? 75  TRP A O   1 
ATOM   587  C CB  . TRP A 1 77  ? -1.497  -6.447  6.427   1.00 15.25 ? 75  TRP A CB  1 
ATOM   588  C CG  . TRP A 1 77  ? -1.475  -5.065  5.760   1.00 15.71 ? 75  TRP A CG  1 
ATOM   589  C CD1 . TRP A 1 77  ? -1.250  -4.793  4.427   1.00 16.85 ? 75  TRP A CD1 1 
ATOM   590  C CD2 . TRP A 1 77  ? -1.689  -3.799  6.398   1.00 15.56 ? 75  TRP A CD2 1 
ATOM   591  N NE1 . TRP A 1 77  ? -1.277  -3.426  4.211   1.00 15.50 ? 75  TRP A NE1 1 
ATOM   592  C CE2 . TRP A 1 77  ? -1.550  -2.793  5.395   1.00 14.41 ? 75  TRP A CE2 1 
ATOM   593  C CE3 . TRP A 1 77  ? -1.952  -3.404  7.724   1.00 14.76 ? 75  TRP A CE3 1 
ATOM   594  C CZ2 . TRP A 1 77  ? -1.686  -1.415  5.681   1.00 15.26 ? 75  TRP A CZ2 1 
ATOM   595  C CZ3 . TRP A 1 77  ? -2.087  -2.022  8.021   1.00 14.79 ? 75  TRP A CZ3 1 
ATOM   596  C CH2 . TRP A 1 77  ? -1.916  -1.042  6.983   1.00 14.91 ? 75  TRP A CH2 1 
ATOM   597  N N   . GLU A 1 78  ? -0.704  -7.868  9.133   1.00 17.88 ? 76  GLU A N   1 
ATOM   598  C CA  . GLU A 1 78  ? -0.953  -9.029  10.036  1.00 19.10 ? 76  GLU A CA  1 
ATOM   599  C C   . GLU A 1 78  ? -2.439  -9.304  10.188  1.00 18.11 ? 76  GLU A C   1 
ATOM   600  O O   . GLU A 1 78  ? -3.226  -8.367  10.409  1.00 17.56 ? 76  GLU A O   1 
ATOM   601  C CB  . GLU A 1 78  ? -0.252  -8.779  11.392  1.00 18.85 ? 76  GLU A CB  1 
ATOM   602  C CG  . GLU A 1 78  ? 1.282   -8.673  11.198  1.00 20.09 ? 76  GLU A CG  1 
ATOM   603  C CD  . GLU A 1 78  ? 2.036   -8.364  12.474  1.00 24.24 ? 76  GLU A CD  1 
ATOM   604  O OE1 . GLU A 1 78  ? 2.142   -9.287  13.316  1.00 25.03 ? 76  GLU A OE1 1 
ATOM   605  O OE2 . GLU A 1 78  ? 2.568   -7.223  12.601  1.00 29.45 ? 76  GLU A OE2 1 
ATOM   606  N N   . VAL A 1 79  ? -2.838  -10.574 10.040  1.00 17.01 ? 77  VAL A N   1 
ATOM   607  C CA  . VAL A 1 79  ? -4.250  -10.950 10.075  1.00 16.89 ? 77  VAL A CA  1 
ATOM   608  C C   . VAL A 1 79  ? -4.343  -12.249 10.863  1.00 16.39 ? 77  VAL A C   1 
ATOM   609  O O   . VAL A 1 79  ? -3.521  -13.133 10.667  1.00 16.89 ? 77  VAL A O   1 
ATOM   610  C CB  . VAL A 1 79  ? -4.821  -11.214 8.640   1.00 17.27 ? 77  VAL A CB  1 
ATOM   611  C CG1 . VAL A 1 79  ? -6.256  -11.728 8.719   1.00 19.19 ? 77  VAL A CG1 1 
ATOM   612  C CG2 . VAL A 1 79  ? -4.745  -9.893  7.789   1.00 18.43 ? 77  VAL A CG2 1 
ATOM   613  N N   . TYR A 1 80  ? -5.329  -12.339 11.742  1.00 15.95 ? 78  TYR A N   1 
ATOM   614  C CA  . TYR A 1 80  ? -5.516  -13.516 12.620  1.00 16.71 ? 78  TYR A CA  1 
ATOM   615  C C   . TYR A 1 80  ? -6.374  -14.555 11.927  1.00 16.68 ? 78  TYR A C   1 
ATOM   616  O O   . TYR A 1 80  ? -7.452  -14.219 11.392  1.00 16.66 ? 78  TYR A O   1 
ATOM   617  C CB  . TYR A 1 80  ? -6.237  -13.086 13.913  1.00 16.70 ? 78  TYR A CB  1 
ATOM   618  C CG  . TYR A 1 80  ? -6.575  -14.237 14.852  1.00 17.48 ? 78  TYR A CG  1 
ATOM   619  C CD1 . TYR A 1 80  ? -5.584  -14.805 15.648  1.00 20.61 ? 78  TYR A CD1 1 
ATOM   620  C CD2 . TYR A 1 80  ? -7.868  -14.772 14.907  1.00 20.90 ? 78  TYR A CD2 1 
ATOM   621  C CE1 . TYR A 1 80  ? -5.856  -15.881 16.505  1.00 19.66 ? 78  TYR A CE1 1 
ATOM   622  C CE2 . TYR A 1 80  ? -8.169  -15.864 15.795  1.00 20.78 ? 78  TYR A CE2 1 
ATOM   623  C CZ  . TYR A 1 80  ? -7.153  -16.395 16.578  1.00 21.14 ? 78  TYR A CZ  1 
ATOM   624  O OH  . TYR A 1 80  ? -7.414  -17.455 17.447  1.00 21.04 ? 78  TYR A OH  1 
ATOM   625  N N   . TYR A 1 81  ? -5.931  -15.819 11.998  1.00 17.22 ? 79  TYR A N   1 
ATOM   626  C CA  . TYR A 1 81  ? -6.728  -16.964 11.492  1.00 17.19 ? 79  TYR A CA  1 
ATOM   627  C C   . TYR A 1 81  ? -7.023  -17.963 12.620  1.00 17.36 ? 79  TYR A C   1 
ATOM   628  O O   . TYR A 1 81  ? -6.101  -18.537 13.178  1.00 16.46 ? 79  TYR A O   1 
ATOM   629  C CB  . TYR A 1 81  ? -5.984  -17.668 10.336  1.00 17.34 ? 79  TYR A CB  1 
ATOM   630  C CG  . TYR A 1 81  ? -5.867  -16.734 9.142   1.00 19.68 ? 79  TYR A CG  1 
ATOM   631  C CD1 . TYR A 1 81  ? -6.830  -16.723 8.141   1.00 24.39 ? 79  TYR A CD1 1 
ATOM   632  C CD2 . TYR A 1 81  ? -4.809  -15.811 9.068   1.00 22.42 ? 79  TYR A CD2 1 
ATOM   633  C CE1 . TYR A 1 81  ? -6.745  -15.807 7.063   1.00 24.16 ? 79  TYR A CE1 1 
ATOM   634  C CE2 . TYR A 1 81  ? -4.721  -14.895 8.026   1.00 24.37 ? 79  TYR A CE2 1 
ATOM   635  C CZ  . TYR A 1 81  ? -5.681  -14.900 7.010   1.00 24.38 ? 79  TYR A CZ  1 
ATOM   636  O OH  . TYR A 1 81  ? -5.573  -13.963 5.946   1.00 23.75 ? 79  TYR A OH  1 
ATOM   637  N N   . PRO A 1 82  ? -8.303  -18.191 12.922  1.00 17.95 ? 80  PRO A N   1 
ATOM   638  C CA  . PRO A 1 82  ? -8.664  -19.085 14.062  1.00 18.30 ? 80  PRO A CA  1 
ATOM   639  C C   . PRO A 1 82  ? -7.991  -20.448 13.959  1.00 17.24 ? 80  PRO A C   1 
ATOM   640  O O   . PRO A 1 82  ? -8.052  -21.079 12.895  1.00 18.03 ? 80  PRO A O   1 
ATOM   641  C CB  . PRO A 1 82  ? -10.167 -19.285 13.879  1.00 18.56 ? 80  PRO A CB  1 
ATOM   642  C CG  . PRO A 1 82  ? -10.621 -18.126 13.090  1.00 20.89 ? 80  PRO A CG  1 
ATOM   643  C CD  . PRO A 1 82  ? -9.489  -17.641 12.252  1.00 18.77 ? 80  PRO A CD  1 
ATOM   644  N N   . ASN A 1 83  ? -7.325  -20.884 15.044  1.00 17.13 ? 81  ASN A N   1 
ATOM   645  C CA  . ASN A 1 83  ? -6.682  -22.217 15.123  1.00 17.04 ? 81  ASN A CA  1 
ATOM   646  C C   . ASN A 1 83  ? -5.419  -22.396 14.268  1.00 16.88 ? 81  ASN A C   1 
ATOM   647  O O   . ASN A 1 83  ? -4.835  -23.512 14.227  1.00 18.94 ? 81  ASN A O   1 
ATOM   648  C CB  . ASN A 1 83  ? -7.728  -23.331 14.829  1.00 15.58 ? 81  ASN A CB  1 
ATOM   649  C CG  . ASN A 1 83  ? -8.945  -23.183 15.705  1.00 18.50 ? 81  ASN A CG  1 
ATOM   650  O OD1 . ASN A 1 83  ? -8.797  -23.086 16.929  1.00 16.59 ? 81  ASN A OD1 1 
ATOM   651  N ND2 . ASN A 1 83  ? -10.157 -23.113 15.104  1.00 14.70 ? 81  ASN A ND2 1 
ATOM   652  N N   . LEU A 1 84  ? -4.997  -21.294 13.620  1.00 16.79 ? 82  LEU A N   1 
ATOM   653  C CA  . LEU A 1 84  ? -3.710  -21.171 12.921  1.00 16.87 ? 82  LEU A CA  1 
ATOM   654  C C   . LEU A 1 84  ? -2.801  -20.108 13.585  1.00 15.76 ? 82  LEU A C   1 
ATOM   655  O O   . LEU A 1 84  ? -1.581  -20.289 13.661  1.00 17.50 ? 82  LEU A O   1 
ATOM   656  C CB  . LEU A 1 84  ? -3.922  -20.780 11.430  1.00 15.88 ? 82  LEU A CB  1 
ATOM   657  C CG  . LEU A 1 84  ? -2.650  -20.783 10.557  1.00 19.25 ? 82  LEU A CG  1 
ATOM   658  C CD1 . LEU A 1 84  ? -1.840  -22.094 10.553  1.00 18.98 ? 82  LEU A CD1 1 
ATOM   659  C CD2 . LEU A 1 84  ? -3.017  -20.306 9.090   1.00 16.42 ? 82  LEU A CD2 1 
ATOM   660  N N   . GLY A 1 85  ? -3.412  -19.034 14.074  1.00 16.01 ? 83  GLY A N   1 
ATOM   661  C CA  . GLY A 1 85  ? -2.710  -17.990 14.832  1.00 16.89 ? 83  GLY A CA  1 
ATOM   662  C C   . GLY A 1 85  ? -2.591  -16.657 14.065  1.00 16.62 ? 83  GLY A C   1 
ATOM   663  O O   . GLY A 1 85  ? -3.265  -16.468 13.076  1.00 16.76 ? 83  GLY A O   1 
ATOM   664  N N   . TRP A 1 86  ? -1.747  -15.753 14.564  1.00 16.38 ? 84  TRP A N   1 
ATOM   665  C CA  . TRP A 1 86  ? -1.437  -14.485 13.892  1.00 17.72 ? 84  TRP A CA  1 
ATOM   666  C C   . TRP A 1 86  ? -0.497  -14.757 12.726  1.00 18.33 ? 84  TRP A C   1 
ATOM   667  O O   . TRP A 1 86  ? 0.572   -15.361 12.916  1.00 19.28 ? 84  TRP A O   1 
ATOM   668  C CB  . TRP A 1 86  ? -0.820  -13.461 14.888  1.00 18.33 ? 84  TRP A CB  1 
ATOM   669  C CG  . TRP A 1 86  ? -1.883  -12.773 15.653  1.00 17.03 ? 84  TRP A CG  1 
ATOM   670  C CD1 . TRP A 1 86  ? -2.336  -13.057 16.949  1.00 17.77 ? 84  TRP A CD1 1 
ATOM   671  C CD2 . TRP A 1 86  ? -2.692  -11.710 15.166  1.00 16.74 ? 84  TRP A CD2 1 
ATOM   672  N NE1 . TRP A 1 86  ? -3.367  -12.195 17.272  1.00 16.83 ? 84  TRP A NE1 1 
ATOM   673  C CE2 . TRP A 1 86  ? -3.610  -11.366 16.192  1.00 17.01 ? 84  TRP A CE2 1 
ATOM   674  C CE3 . TRP A 1 86  ? -2.723  -10.996 13.953  1.00 13.41 ? 84  TRP A CE3 1 
ATOM   675  C CZ2 . TRP A 1 86  ? -4.553  -10.338 16.038  1.00 17.20 ? 84  TRP A CZ2 1 
ATOM   676  C CZ3 . TRP A 1 86  ? -3.681  -9.958  13.798  1.00 16.69 ? 84  TRP A CZ3 1 
ATOM   677  C CH2 . TRP A 1 86  ? -4.573  -9.649  14.826  1.00 16.87 ? 84  TRP A CH2 1 
ATOM   678  N N   . MET A 1 87  ? -0.900  -14.347 11.521  1.00 17.31 ? 85  MET A N   1 
ATOM   679  C CA  . MET A 1 87  ? -0.094  -14.608 10.358  1.00 18.55 ? 85  MET A CA  1 
ATOM   680  C C   . MET A 1 87  ? 0.256   -13.299 9.626   1.00 18.53 ? 85  MET A C   1 
ATOM   681  O O   . MET A 1 87  ? -0.500  -12.329 9.710   1.00 19.70 ? 85  MET A O   1 
ATOM   682  C CB  . MET A 1 87  ? -0.808  -15.663 9.481   1.00 19.07 ? 85  MET A CB  1 
ATOM   683  C CG  . MET A 1 87  ? -1.003  -17.044 10.324  1.00 21.74 ? 85  MET A CG  1 
ATOM   684  S SD  . MET A 1 87  ? 0.539   -17.958 10.546  1.00 20.59 ? 85  MET A SD  1 
ATOM   685  C CE  . MET A 1 87  ? 0.800   -18.196 8.913   1.00 16.79 ? 85  MET A CE  1 
ATOM   686  N N   . CYS A 1 88  ? 1.432   -13.247 9.012   1.00 18.32 ? 86  CYS A N   1 
ATOM   687  C CA  . CYS A 1 88  ? 1.795   -12.105 8.150   1.00 19.63 ? 86  CYS A CA  1 
ATOM   688  C C   . CYS A 1 88  ? 1.355   -12.445 6.734   1.00 19.74 ? 86  CYS A C   1 
ATOM   689  O O   . CYS A 1 88  ? 1.563   -13.582 6.269   1.00 20.92 ? 86  CYS A O   1 
ATOM   690  C CB  . CYS A 1 88  ? 3.308   -11.874 8.157   1.00 20.33 ? 86  CYS A CB  1 
ATOM   691  S SG  . CYS A 1 88  ? 3.937   -11.399 9.768   1.00 24.14 ? 86  CYS A SG  1 
ATOM   692  N N   . ILE A 1 89  ? 0.752   -11.468 6.049   1.00 17.76 ? 87  ILE A N   1 
ATOM   693  C CA  . ILE A 1 89  ? 0.324   -11.602 4.642   1.00 16.45 ? 87  ILE A CA  1 
ATOM   694  C C   . ILE A 1 89  ? 1.379   -10.818 3.835   1.00 16.31 ? 87  ILE A C   1 
ATOM   695  O O   . ILE A 1 89  ? 1.379   -9.576  3.880   1.00 14.88 ? 87  ILE A O   1 
ATOM   696  C CB  . ILE A 1 89  ? -1.081  -10.990 4.486   1.00 17.36 ? 87  ILE A CB  1 
ATOM   697  C CG1 . ILE A 1 89  ? -2.083  -11.634 5.476   1.00 18.10 ? 87  ILE A CG1 1 
ATOM   698  C CG2 . ILE A 1 89  ? -1.584  -11.117 3.029   1.00 17.08 ? 87  ILE A CG2 1 
ATOM   699  C CD1 . ILE A 1 89  ? -2.169  -13.226 5.416   1.00 20.33 ? 87  ILE A CD1 1 
ATOM   700  N N   . ASP A 1 90  ? 2.293   -11.543 3.187   1.00 15.98 ? 88  ASP A N   1 
ATOM   701  C CA  . ASP A 1 90  ? 3.562   -10.970 2.718   1.00 16.15 ? 88  ASP A CA  1 
ATOM   702  C C   . ASP A 1 90  ? 3.596   -10.859 1.186   1.00 16.22 ? 88  ASP A C   1 
ATOM   703  O O   . ASP A 1 90  ? 3.583   -11.883 0.479   1.00 16.83 ? 88  ASP A O   1 
ATOM   704  C CB  . ASP A 1 90  ? 4.741   -11.853 3.176   1.00 17.14 ? 88  ASP A CB  1 
ATOM   705  C CG  . ASP A 1 90  ? 6.095   -11.233 2.864   1.00 20.62 ? 88  ASP A CG  1 
ATOM   706  O OD1 . ASP A 1 90  ? 6.154   -10.028 2.521   1.00 21.00 ? 88  ASP A OD1 1 
ATOM   707  O OD2 . ASP A 1 90  ? 7.117   -11.955 3.004   1.00 23.44 ? 88  ASP A OD2 1 
ATOM   708  N N   . ALA A 1 91  ? 3.630   -9.619  0.693   1.00 16.30 ? 89  ALA A N   1 
ATOM   709  C CA  . ALA A 1 91  ? 3.693   -9.331  -0.743  1.00 15.55 ? 89  ALA A CA  1 
ATOM   710  C C   . ALA A 1 91  ? 5.063   -8.763  -1.131  1.00 16.43 ? 89  ALA A C   1 
ATOM   711  O O   . ALA A 1 91  ? 5.200   -8.122  -2.182  1.00 15.71 ? 89  ALA A O   1 
ATOM   712  C CB  . ALA A 1 91  ? 2.552   -8.364  -1.170  1.00 16.30 ? 89  ALA A CB  1 
ATOM   713  N N   . THR A 1 92  ? 6.081   -8.988  -0.297  1.00 16.44 ? 90  THR A N   1 
ATOM   714  C CA  . THR A 1 92  ? 7.461   -8.576  -0.644  1.00 17.09 ? 90  THR A CA  1 
ATOM   715  C C   . THR A 1 92  ? 7.849   -9.028  -2.074  1.00 17.44 ? 90  THR A C   1 
ATOM   716  O O   . THR A 1 92  ? 8.414   -8.239  -2.851  1.00 16.31 ? 90  THR A O   1 
ATOM   717  C CB  . THR A 1 92  ? 8.522   -9.048  0.421   1.00 17.50 ? 90  THR A CB  1 
ATOM   718  O OG1 . THR A 1 92  ? 8.193   -8.503  1.704   1.00 17.80 ? 90  THR A OG1 1 
ATOM   719  C CG2 . THR A 1 92  ? 9.903   -8.573  0.056   1.00 18.88 ? 90  THR A CG2 1 
ATOM   720  N N   . ASP A 1 93  ? 7.508   -10.282 -2.412  1.00 17.33 ? 91  ASP A N   1 
ATOM   721  C CA  . ASP A 1 93  ? 7.627   -10.814 -3.785  1.00 18.75 ? 91  ASP A CA  1 
ATOM   722  C C   . ASP A 1 93  ? 6.358   -10.393 -4.560  1.00 17.63 ? 91  ASP A C   1 
ATOM   723  O O   . ASP A 1 93  ? 5.259   -10.842 -4.257  1.00 16.27 ? 91  ASP A O   1 
ATOM   724  C CB  . ASP A 1 93  ? 7.743   -12.353 -3.728  1.00 18.31 ? 91  ASP A CB  1 
ATOM   725  C CG  . ASP A 1 93  ? 7.819   -13.002 -5.111  1.00 22.58 ? 91  ASP A CG  1 
ATOM   726  O OD1 . ASP A 1 93  ? 7.676   -12.280 -6.134  1.00 22.15 ? 91  ASP A OD1 1 
ATOM   727  O OD2 . ASP A 1 93  ? 7.995   -14.258 -5.146  1.00 21.53 ? 91  ASP A OD2 1 
ATOM   728  N N   . PRO A 1 94  ? 6.501   -9.503  -5.555  1.00 18.31 ? 92  PRO A N   1 
ATOM   729  C CA  . PRO A 1 94  ? 5.263   -8.987  -6.179  1.00 18.53 ? 92  PRO A CA  1 
ATOM   730  C C   . PRO A 1 94  ? 4.429   -10.019 -6.971  1.00 18.01 ? 92  PRO A C   1 
ATOM   731  O O   . PRO A 1 94  ? 3.236   -9.796  -7.195  1.00 17.87 ? 92  PRO A O   1 
ATOM   732  C CB  . PRO A 1 94  ? 5.761   -7.897  -7.128  1.00 18.72 ? 92  PRO A CB  1 
ATOM   733  C CG  . PRO A 1 94  ? 7.166   -8.224  -7.421  1.00 18.85 ? 92  PRO A CG  1 
ATOM   734  C CD  . PRO A 1 94  ? 7.723   -8.956  -6.177  1.00 19.02 ? 92  PRO A CD  1 
ATOM   735  N N   . GLU A 1 95  ? 5.046   -11.130 -7.364  1.00 17.82 ? 93  GLU A N   1 
ATOM   736  C CA  . GLU A 1 95  ? 4.314   -12.270 -7.939  1.00 18.34 ? 93  GLU A CA  1 
ATOM   737  C C   . GLU A 1 95  ? 3.278   -12.892 -7.001  1.00 18.17 ? 93  GLU A C   1 
ATOM   738  O O   . GLU A 1 95  ? 2.399   -13.640 -7.453  1.00 18.76 ? 93  GLU A O   1 
ATOM   739  C CB  . GLU A 1 95  ? 5.310   -13.357 -8.400  1.00 19.71 ? 93  GLU A CB  1 
ATOM   740  C CG  . GLU A 1 95  ? 6.229   -12.892 -9.553  1.00 24.16 ? 93  GLU A CG  1 
ATOM   741  C CD  . GLU A 1 95  ? 5.578   -12.964 -10.962 1.00 31.35 ? 93  GLU A CD  1 
ATOM   742  O OE1 . GLU A 1 95  ? 4.407   -13.372 -11.125 1.00 34.42 ? 93  GLU A OE1 1 
ATOM   743  O OE2 . GLU A 1 95  ? 6.285   -12.605 -11.929 1.00 38.92 ? 93  GLU A OE2 1 
ATOM   744  N N   . LYS A 1 96  ? 3.382   -12.612 -5.695  1.00 16.66 ? 94  LYS A N   1 
ATOM   745  C CA  . LYS A 1 96  ? 2.488   -13.184 -4.689  1.00 16.26 ? 94  LYS A CA  1 
ATOM   746  C C   . LYS A 1 96  ? 1.421   -12.182 -4.257  1.00 16.20 ? 94  LYS A C   1 
ATOM   747  O O   . LYS A 1 96  ? 0.559   -12.513 -3.446  1.00 16.45 ? 94  LYS A O   1 
ATOM   748  C CB  . LYS A 1 96  ? 3.274   -13.648 -3.439  1.00 16.34 ? 94  LYS A CB  1 
ATOM   749  C CG  . LYS A 1 96  ? 4.342   -14.773 -3.711  1.00 18.83 ? 94  LYS A CG  1 
ATOM   750  C CD  . LYS A 1 96  ? 3.814   -15.932 -4.583  1.00 21.70 ? 94  LYS A CD  1 
ATOM   751  C CE  . LYS A 1 96  ? 4.898   -16.999 -4.808  1.00 26.31 ? 94  LYS A CE  1 
ATOM   752  N NZ  . LYS A 1 96  ? 5.208   -17.678 -3.516  1.00 32.12 ? 94  LYS A NZ  1 
ATOM   753  N N   . GLY A 1 97  ? 1.495   -10.959 -4.782  1.00 15.60 ? 95  GLY A N   1 
ATOM   754  C CA  . GLY A 1 97  ? 0.533   -9.888  -4.416  1.00 15.26 ? 95  GLY A CA  1 
ATOM   755  C C   . GLY A 1 97  ? -0.189  -9.255  -5.611  1.00 15.90 ? 95  GLY A C   1 
ATOM   756  O O   . GLY A 1 97  ? -0.226  -9.833  -6.715  1.00 16.40 ? 95  GLY A O   1 
ATOM   757  N N   . ASN A 1 98  ? -0.830  -8.110  -5.381  1.00 15.05 ? 96  ASN A N   1 
ATOM   758  C CA  . ASN A 1 98  ? -1.515  -7.376  -6.454  1.00 14.88 ? 96  ASN A CA  1 
ATOM   759  C C   . ASN A 1 98  ? -1.141  -5.883  -6.413  1.00 14.11 ? 96  ASN A C   1 
ATOM   760  O O   . ASN A 1 98  ? -0.131  -5.485  -5.754  1.00 12.92 ? 96  ASN A O   1 
ATOM   761  C CB  . ASN A 1 98  ? -3.040  -7.588  -6.444  1.00 14.59 ? 96  ASN A CB  1 
ATOM   762  C CG  . ASN A 1 98  ? -3.668  -7.233  -5.096  1.00 16.73 ? 96  ASN A CG  1 
ATOM   763  O OD1 . ASN A 1 98  ? -3.273  -6.253  -4.450  1.00 14.43 ? 96  ASN A OD1 1 
ATOM   764  N ND2 . ASN A 1 98  ? -4.578  -8.087  -4.620  1.00 17.34 ? 96  ASN A ND2 1 
ATOM   765  N N   . TRP A 1 99  ? -1.920  -5.037  -7.099  1.00 13.01 ? 97  TRP A N   1 
ATOM   766  C CA  . TRP A 1 99  ? -1.488  -3.621  -7.184  1.00 13.22 ? 97  TRP A CA  1 
ATOM   767  C C   . TRP A 1 99  ? -1.457  -2.876  -5.837  1.00 13.10 ? 97  TRP A C   1 
ATOM   768  O O   . TRP A 1 99  ? -0.690  -1.885  -5.684  1.00 14.18 ? 97  TRP A O   1 
ATOM   769  C CB  . TRP A 1 99  ? -2.300  -2.825  -8.243  1.00 12.28 ? 97  TRP A CB  1 
ATOM   770  C CG  . TRP A 1 99  ? -3.769  -2.601  -7.854  1.00 12.20 ? 97  TRP A CG  1 
ATOM   771  C CD1 . TRP A 1 99  ? -4.850  -3.395  -8.206  1.00 13.60 ? 97  TRP A CD1 1 
ATOM   772  C CD2 . TRP A 1 99  ? -4.308  -1.498  -7.099  1.00 13.48 ? 97  TRP A CD2 1 
ATOM   773  N NE1 . TRP A 1 99  ? -6.026  -2.841  -7.694  1.00 14.54 ? 97  TRP A NE1 1 
ATOM   774  C CE2 . TRP A 1 99  ? -5.710  -1.673  -7.036  1.00 15.34 ? 97  TRP A CE2 1 
ATOM   775  C CE3 . TRP A 1 99  ? -3.737  -0.350  -6.467  1.00 11.20 ? 97  TRP A CE3 1 
ATOM   776  C CZ2 . TRP A 1 99  ? -6.552  -0.769  -6.360  1.00 13.67 ? 97  TRP A CZ2 1 
ATOM   777  C CZ3 . TRP A 1 99  ? -4.600  0.541   -5.794  1.00 12.17 ? 97  TRP A CZ3 1 
ATOM   778  C CH2 . TRP A 1 99  ? -5.968  0.329   -5.748  1.00 13.64 ? 97  TRP A CH2 1 
ATOM   779  N N   . LEU A 1 100 ? -2.218  -3.349  -4.844  1.00 12.45 ? 98  LEU A N   1 
ATOM   780  C CA  . LEU A 1 100 ? -2.152  -2.697  -3.492  1.00 13.28 ? 98  LEU A CA  1 
ATOM   781  C C   . LEU A 1 100 ? -0.780  -2.720  -2.853  1.00 13.19 ? 98  LEU A C   1 
ATOM   782  O O   . LEU A 1 100 ? -0.424  -1.796  -2.094  1.00 13.00 ? 98  LEU A O   1 
ATOM   783  C CB  . LEU A 1 100 ? -3.212  -3.263  -2.519  1.00 12.87 ? 98  LEU A CB  1 
ATOM   784  C CG  . LEU A 1 100 ? -4.654  -2.788  -2.738  1.00 13.35 ? 98  LEU A CG  1 
ATOM   785  C CD1 . LEU A 1 100 ? -5.328  -3.545  -3.935  1.00 15.83 ? 98  LEU A CD1 1 
ATOM   786  C CD2 . LEU A 1 100 ? -5.432  -2.997  -1.474  1.00 13.27 ? 98  LEU A CD2 1 
ATOM   787  N N   . ARG A 1 101 ? 0.035   -3.712  -3.222  1.00 13.08 ? 99  ARG A N   1 
ATOM   788  C CA  . ARG A 1 101 ? 1.455   -3.776  -2.778  1.00 13.07 ? 99  ARG A CA  1 
ATOM   789  C C   . ARG A 1 101 ? 2.248   -2.473  -3.043  1.00 14.26 ? 99  ARG A C   1 
ATOM   790  O O   . ARG A 1 101 ? 3.126   -2.041  -2.246  1.00 15.09 ? 99  ARG A O   1 
ATOM   791  C CB  . ARG A 1 101 ? 2.166   -4.918  -3.519  1.00 14.03 ? 99  ARG A CB  1 
ATOM   792  C CG  . ARG A 1 101 ? 3.694   -4.988  -3.205  1.00 13.75 ? 99  ARG A CG  1 
ATOM   793  C CD  . ARG A 1 101 ? 4.457   -5.811  -4.181  1.00 18.34 ? 99  ARG A CD  1 
ATOM   794  N NE  . ARG A 1 101 ? 5.859   -5.975  -3.803  1.00 16.61 ? 99  ARG A NE  1 
ATOM   795  C CZ  . ARG A 1 101 ? 6.870   -5.183  -4.162  1.00 18.24 ? 99  ARG A CZ  1 
ATOM   796  N NH1 . ARG A 1 101 ? 6.697   -4.103  -4.935  1.00 17.97 ? 99  ARG A NH1 1 
ATOM   797  N NH2 . ARG A 1 101 ? 8.088   -5.510  -3.777  1.00 18.18 ? 99  ARG A NH2 1 
ATOM   798  N N   . TYR A 1 102 ? 1.949   -1.858  -4.175  1.00 12.36 ? 100 TYR A N   1 
ATOM   799  C CA  . TYR A 1 102 ? 2.674   -0.659  -4.644  1.00 14.85 ? 100 TYR A CA  1 
ATOM   800  C C   . TYR A 1 102 ? 2.228   0.662   -3.986  1.00 14.71 ? 100 TYR A C   1 
ATOM   801  O O   . TYR A 1 102 ? 2.869   1.708   -4.214  1.00 15.63 ? 100 TYR A O   1 
ATOM   802  C CB  . TYR A 1 102 ? 2.567   -0.584  -6.174  1.00 14.63 ? 100 TYR A CB  1 
ATOM   803  C CG  . TYR A 1 102 ? 3.306   -1.720  -6.845  1.00 15.96 ? 100 TYR A CG  1 
ATOM   804  C CD1 . TYR A 1 102 ? 4.663   -1.600  -7.135  1.00 15.70 ? 100 TYR A CD1 1 
ATOM   805  C CD2 . TYR A 1 102 ? 2.660   -2.949  -7.149  1.00 15.30 ? 100 TYR A CD2 1 
ATOM   806  C CE1 . TYR A 1 102 ? 5.391   -2.651  -7.729  1.00 17.64 ? 100 TYR A CE1 1 
ATOM   807  C CE2 . TYR A 1 102 ? 3.381   -4.019  -7.725  1.00 15.58 ? 100 TYR A CE2 1 
ATOM   808  C CZ  . TYR A 1 102 ? 4.729   -3.850  -8.034  1.00 17.67 ? 100 TYR A CZ  1 
ATOM   809  O OH  . TYR A 1 102 ? 5.454   -4.855  -8.607  1.00 17.50 ? 100 TYR A OH  1 
ATOM   810  N N   . VAL A 1 103 ? 1.138   0.645   -3.199  1.00 13.31 ? 101 VAL A N   1 
ATOM   811  C CA  . VAL A 1 103 ? 0.726   1.854   -2.428  1.00 12.73 ? 101 VAL A CA  1 
ATOM   812  C C   . VAL A 1 103 ? 1.762   2.137   -1.319  1.00 12.50 ? 101 VAL A C   1 
ATOM   813  O O   . VAL A 1 103 ? 1.936   1.334   -0.354  1.00 12.99 ? 101 VAL A O   1 
ATOM   814  C CB  . VAL A 1 103 ? -0.680  1.683   -1.806  1.00 12.77 ? 101 VAL A CB  1 
ATOM   815  C CG1 . VAL A 1 103 ? -1.062  2.874   -0.893  1.00 13.80 ? 101 VAL A CG1 1 
ATOM   816  C CG2 . VAL A 1 103 ? -1.742  1.425   -2.904  1.00 11.35 ? 101 VAL A CG2 1 
ATOM   817  N N   . ASN A 1 104 ? 2.474   3.250   -1.461  1.00 13.87 ? 102 ASN A N   1 
ATOM   818  C CA  A ASN A 1 104 ? 3.485   3.621   -0.480  0.50 13.85 ? 102 ASN A CA  1 
ATOM   819  C CA  B ASN A 1 104 ? 3.489   3.650   -0.492  0.50 14.67 ? 102 ASN A CA  1 
ATOM   820  C C   . ASN A 1 104 ? 2.878   4.090   0.849   1.00 14.61 ? 102 ASN A C   1 
ATOM   821  O O   . ASN A 1 104 ? 1.709   4.455   0.912   1.00 14.88 ? 102 ASN A O   1 
ATOM   822  C CB  A ASN A 1 104 ? 4.423   4.695   -1.063  0.50 14.14 ? 102 ASN A CB  1 
ATOM   823  C CB  B ASN A 1 104 ? 4.372   4.781   -1.069  0.50 15.41 ? 102 ASN A CB  1 
ATOM   824  C CG  A ASN A 1 104 ? 5.831   4.649   -0.464  0.50 13.49 ? 102 ASN A CG  1 
ATOM   825  C CG  B ASN A 1 104 ? 5.425   4.281   -2.077  0.50 18.61 ? 102 ASN A CG  1 
ATOM   826  O OD1 A ASN A 1 104 ? 6.124   3.853   0.447   0.50 13.16 ? 102 ASN A OD1 1 
ATOM   827  O OD1 B ASN A 1 104 ? 5.096   3.691   -3.118  0.50 21.12 ? 102 ASN A OD1 1 
ATOM   828  N ND2 A ASN A 1 104 ? 6.714   5.534   -0.963  0.50 14.26 ? 102 ASN A ND2 1 
ATOM   829  N ND2 B ASN A 1 104 ? 6.697   4.569   -1.793  0.50 18.08 ? 102 ASN A ND2 1 
ATOM   830  N N   . TRP A 1 105 ? 3.692   4.094   1.921   1.00 14.92 ? 103 TRP A N   1 
ATOM   831  C CA  . TRP A 1 105 ? 3.244   4.535   3.239   1.00 15.73 ? 103 TRP A CA  1 
ATOM   832  C C   . TRP A 1 105 ? 3.506   6.049   3.413   1.00 16.01 ? 103 TRP A C   1 
ATOM   833  O O   . TRP A 1 105 ? 4.570   6.563   3.022   1.00 16.34 ? 103 TRP A O   1 
ATOM   834  C CB  . TRP A 1 105 ? 4.038   3.792   4.320   1.00 16.86 ? 103 TRP A CB  1 
ATOM   835  C CG  . TRP A 1 105 ? 3.685   2.365   4.490   1.00 16.80 ? 103 TRP A CG  1 
ATOM   836  C CD1 . TRP A 1 105 ? 4.088   1.305   3.700   1.00 19.43 ? 103 TRP A CD1 1 
ATOM   837  C CD2 . TRP A 1 105 ? 2.842   1.815   5.503   1.00 15.43 ? 103 TRP A CD2 1 
ATOM   838  N NE1 . TRP A 1 105 ? 3.551   0.131   4.179   1.00 20.96 ? 103 TRP A NE1 1 
ATOM   839  C CE2 . TRP A 1 105 ? 2.785   0.415   5.284   1.00 19.82 ? 103 TRP A CE2 1 
ATOM   840  C CE3 . TRP A 1 105 ? 2.155   2.361   6.595   1.00 17.71 ? 103 TRP A CE3 1 
ATOM   841  C CZ2 . TRP A 1 105 ? 2.080   -0.449  6.139   1.00 20.36 ? 103 TRP A CZ2 1 
ATOM   842  C CZ3 . TRP A 1 105 ? 1.466   1.503   7.447   1.00 19.31 ? 103 TRP A CZ3 1 
ATOM   843  C CH2 . TRP A 1 105 ? 1.404   0.124   7.189   1.00 17.33 ? 103 TRP A CH2 1 
ATOM   844  N N   . ALA A 1 106 ? 2.545   6.739   4.034   1.00 15.90 ? 104 ALA A N   1 
ATOM   845  C CA  . ALA A 1 106 ? 2.717   8.115   4.452   1.00 18.40 ? 104 ALA A CA  1 
ATOM   846  C C   . ALA A 1 106 ? 3.791   8.168   5.540   1.00 20.77 ? 104 ALA A C   1 
ATOM   847  O O   . ALA A 1 106 ? 3.961   7.200   6.275   1.00 21.30 ? 104 ALA A O   1 
ATOM   848  C CB  . ALA A 1 106 ? 1.405   8.643   4.965   1.00 18.16 ? 104 ALA A CB  1 
ATOM   849  N N   . CYS A 1 107 ? 4.554   9.270   5.583   1.00 23.46 ? 105 CYS A N   1 
ATOM   850  C CA  A CYS A 1 107 ? 5.579   9.483   6.622   0.70 25.66 ? 105 CYS A CA  1 
ATOM   851  C CA  B CYS A 1 107 ? 5.596   9.487   6.585   0.30 24.87 ? 105 CYS A CA  1 
ATOM   852  C C   . CYS A 1 107 ? 4.934   10.048  7.844   1.00 25.74 ? 105 CYS A C   1 
ATOM   853  O O   . CYS A 1 107 ? 4.438   11.203  7.806   1.00 28.09 ? 105 CYS A O   1 
ATOM   854  C CB  A CYS A 1 107 ? 6.642   10.478  6.147   0.70 25.67 ? 105 CYS A CB  1 
ATOM   855  C CB  B CYS A 1 107 ? 6.626   10.484  6.013   0.30 24.77 ? 105 CYS A CB  1 
ATOM   856  S SG  A CYS A 1 107 ? 7.662   9.789   4.934   0.70 31.67 ? 105 CYS A SG  1 
ATOM   857  S SG  B CYS A 1 107 ? 8.204   10.617  6.866   0.30 26.22 ? 105 CYS A SG  1 
ATOM   858  N N   . SER A 1 108 ? 4.923   9.269   8.936   1.00 24.96 ? 106 SER A N   1 
ATOM   859  C CA  . SER A 1 108 ? 4.242   9.661   10.182  1.00 26.60 ? 106 SER A CA  1 
ATOM   860  C C   . SER A 1 108 ? 2.792   10.146  9.879   1.00 27.38 ? 106 SER A C   1 
ATOM   861  O O   . SER A 1 108 ? 2.265   11.056  10.528  1.00 27.60 ? 106 SER A O   1 
ATOM   862  C CB  . SER A 1 108 ? 5.017   10.770  10.922  1.00 26.72 ? 106 SER A CB  1 
ATOM   863  O OG  . SER A 1 108 ? 6.370   10.412  11.168  1.00 25.68 ? 106 SER A OG  1 
ATOM   864  N N   . GLY A 1 109 ? 2.167   9.545   8.878   1.00 27.36 ? 107 GLY A N   1 
ATOM   865  C CA  . GLY A 1 109 ? 0.758   9.826   8.574   1.00 27.99 ? 107 GLY A CA  1 
ATOM   866  C C   . GLY A 1 109 ? 0.507   11.053  7.740   1.00 28.43 ? 107 GLY A C   1 
ATOM   867  O O   . GLY A 1 109 ? -0.673  11.408  7.505   1.00 30.57 ? 107 GLY A O   1 
ATOM   868  N N   . GLU A 1 110 ? 1.580   11.734  7.319   1.00 29.39 ? 108 GLU A N   1 
ATOM   869  C CA  . GLU A 1 110 ? 1.492   13.013  6.586   1.00 29.39 ? 108 GLU A CA  1 
ATOM   870  C C   . GLU A 1 110 ? 0.940   12.865  5.177   1.00 28.48 ? 108 GLU A C   1 
ATOM   871  O O   . GLU A 1 110 ? 1.511   12.164  4.312   1.00 29.78 ? 108 GLU A O   1 
ATOM   872  C CB  . GLU A 1 110 ? 2.848   13.750  6.547   1.00 29.71 ? 108 GLU A CB  1 
ATOM   873  N N   . GLU A 1 111 ? -0.160  13.542  4.920   1.00 25.81 ? 109 GLU A N   1 
ATOM   874  C CA  . GLU A 1 111 ? -0.787  13.421  3.611   1.00 24.38 ? 109 GLU A CA  1 
ATOM   875  C C   . GLU A 1 111 ? -1.331  11.999  3.433   1.00 22.21 ? 109 GLU A C   1 
ATOM   876  O O   . GLU A 1 111 ? -1.463  11.543  2.313   1.00 22.09 ? 109 GLU A O   1 
ATOM   877  C CB  . GLU A 1 111 ? 0.214   13.735  2.476   1.00 26.17 ? 109 GLU A CB  1 
ATOM   878  N N   . GLN A 1 112 ? -1.646  11.312  4.533   1.00 20.68 ? 110 GLN A N   1 
ATOM   879  C CA  . GLN A 1 112 ? -2.316  9.986   4.430   1.00 18.66 ? 110 GLN A CA  1 
ATOM   880  C C   . GLN A 1 112 ? -3.670  10.209  3.792   1.00 17.66 ? 110 GLN A C   1 
ATOM   881  O O   . GLN A 1 112 ? -4.392  11.140  4.209   1.00 17.36 ? 110 GLN A O   1 
ATOM   882  C CB  . GLN A 1 112 ? -2.504  9.357   5.836   1.00 18.38 ? 110 GLN A CB  1 
ATOM   883  C CG  . GLN A 1 112 ? -3.555  8.203   5.926   1.00 19.32 ? 110 GLN A CG  1 
ATOM   884  C CD  . GLN A 1 112 ? -3.839  7.711   7.362   1.00 19.66 ? 110 GLN A CD  1 
ATOM   885  O OE1 . GLN A 1 112 ? -3.600  8.430   8.349   1.00 21.30 ? 110 GLN A OE1 1 
ATOM   886  N NE2 . GLN A 1 112 ? -4.384  6.492   7.473   1.00 16.98 ? 110 GLN A NE2 1 
ATOM   887  N N   . ASN A 1 113 ? -4.040  9.387   2.802   1.00 16.43 ? 111 ASN A N   1 
ATOM   888  C CA  . ASN A 1 113 ? -5.412  9.420   2.281   1.00 16.14 ? 111 ASN A CA  1 
ATOM   889  C C   . ASN A 1 113 ? -6.095  8.043   2.220   1.00 16.67 ? 111 ASN A C   1 
ATOM   890  O O   . ASN A 1 113 ? -7.228  7.940   1.707   1.00 16.62 ? 111 ASN A O   1 
ATOM   891  C CB  . ASN A 1 113 ? -5.496  10.140  0.904   1.00 16.54 ? 111 ASN A CB  1 
ATOM   892  C CG  . ASN A 1 113 ? -4.470  9.630   -0.100  1.00 18.21 ? 111 ASN A CG  1 
ATOM   893  O OD1 . ASN A 1 113 ? -4.128  8.459   -0.091  1.00 17.94 ? 111 ASN A OD1 1 
ATOM   894  N ND2 . ASN A 1 113 ? -3.973  10.530  -0.986  1.00 17.33 ? 111 ASN A ND2 1 
ATOM   895  N N   . LEU A 1 114 ? -5.412  7.001   2.724   1.00 14.57 ? 112 LEU A N   1 
ATOM   896  C CA  . LEU A 1 114 ? -6.002  5.638   2.792   1.00 14.05 ? 112 LEU A CA  1 
ATOM   897  C C   . LEU A 1 114 ? -5.844  5.093   4.201   1.00 15.50 ? 112 LEU A C   1 
ATOM   898  O O   . LEU A 1 114 ? -4.814  5.374   4.836   1.00 15.63 ? 112 LEU A O   1 
ATOM   899  C CB  . LEU A 1 114 ? -5.298  4.651   1.815   1.00 13.69 ? 112 LEU A CB  1 
ATOM   900  C CG  . LEU A 1 114 ? -5.510  4.904   0.294   1.00 11.02 ? 112 LEU A CG  1 
ATOM   901  C CD1 . LEU A 1 114 ? -4.599  3.952   -0.503  1.00 13.30 ? 112 LEU A CD1 1 
ATOM   902  C CD2 . LEU A 1 114 ? -6.952  4.703   -0.199  1.00 15.30 ? 112 LEU A CD2 1 
ATOM   903  N N   . PHE A 1 115 ? -6.827  4.313   4.675   1.00 15.37 ? 113 PHE A N   1 
ATOM   904  C CA  . PHE A 1 115 ? -6.702  3.595   5.970   1.00 15.94 ? 113 PHE A CA  1 
ATOM   905  C C   . PHE A 1 115 ? -7.119  2.134   5.793   1.00 15.65 ? 113 PHE A C   1 
ATOM   906  O O   . PHE A 1 115 ? -7.928  1.824   4.888   1.00 16.24 ? 113 PHE A O   1 
ATOM   907  C CB  . PHE A 1 115 ? -7.523  4.243   7.098   1.00 16.38 ? 113 PHE A CB  1 
ATOM   908  C CG  . PHE A 1 115 ? -9.036  4.204   6.901   1.00 18.32 ? 113 PHE A CG  1 
ATOM   909  C CD1 . PHE A 1 115 ? -9.804  3.162   7.433   1.00 18.91 ? 113 PHE A CD1 1 
ATOM   910  C CD2 . PHE A 1 115 ? -9.697  5.250   6.219   1.00 19.28 ? 113 PHE A CD2 1 
ATOM   911  C CE1 . PHE A 1 115 ? -11.205 3.141   7.279   1.00 19.68 ? 113 PHE A CE1 1 
ATOM   912  C CE2 . PHE A 1 115 ? -11.095 5.229   6.052   1.00 21.80 ? 113 PHE A CE2 1 
ATOM   913  C CZ  . PHE A 1 115 ? -11.846 4.168   6.587   1.00 19.55 ? 113 PHE A CZ  1 
ATOM   914  N N   . PRO A 1 116 ? -6.564  1.230   6.638   1.00 15.92 ? 114 PRO A N   1 
ATOM   915  C CA  . PRO A 1 116 ? -6.869  -0.205  6.480   1.00 16.54 ? 114 PRO A CA  1 
ATOM   916  C C   . PRO A 1 116 ? -8.152  -0.625  7.227   1.00 16.91 ? 114 PRO A C   1 
ATOM   917  O O   . PRO A 1 116 ? -8.479  -0.086  8.281   1.00 16.97 ? 114 PRO A O   1 
ATOM   918  C CB  . PRO A 1 116 ? -5.627  -0.887  7.081   1.00 16.14 ? 114 PRO A CB  1 
ATOM   919  C CG  . PRO A 1 116 ? -5.221  0.023   8.200   1.00 15.93 ? 114 PRO A CG  1 
ATOM   920  C CD  . PRO A 1 116 ? -5.593  1.457   7.731   1.00 15.55 ? 114 PRO A CD  1 
ATOM   921  N N   . LEU A 1 117 ? -8.863  -1.585  6.662   1.00 18.00 ? 115 LEU A N   1 
ATOM   922  C CA  . LEU A 1 117 ? -9.983  -2.199  7.370   1.00 19.84 ? 115 LEU A CA  1 
ATOM   923  C C   . LEU A 1 117 ? -10.087 -3.685  6.986   1.00 19.99 ? 115 LEU A C   1 
ATOM   924  O O   . LEU A 1 117 ? -9.796  -4.074  5.842   1.00 19.25 ? 115 LEU A O   1 
ATOM   925  C CB  . LEU A 1 117 ? -11.267 -1.445  7.116   1.00 21.81 ? 115 LEU A CB  1 
ATOM   926  C CG  . LEU A 1 117 ? -11.998 -1.645  5.806   1.00 24.60 ? 115 LEU A CG  1 
ATOM   927  C CD1 . LEU A 1 117 ? -13.512 -1.373  5.947   1.00 28.21 ? 115 LEU A CD1 1 
ATOM   928  C CD2 . LEU A 1 117 ? -11.382 -0.727  4.741   1.00 26.96 ? 115 LEU A CD2 1 
ATOM   929  N N   . GLU A 1 118 ? -10.420 -4.526  7.956   1.00 19.15 ? 116 GLU A N   1 
ATOM   930  C CA  . GLU A 1 118 ? -10.449 -5.974  7.707   1.00 19.87 ? 116 GLU A CA  1 
ATOM   931  C C   . GLU A 1 118 ? -11.875 -6.413  7.400   1.00 20.28 ? 116 GLU A C   1 
ATOM   932  O O   . GLU A 1 118 ? -12.785 -6.081  8.162   1.00 20.10 ? 116 GLU A O   1 
ATOM   933  C CB  . GLU A 1 118 ? -9.913  -6.742  8.925   1.00 19.90 ? 116 GLU A CB  1 
ATOM   934  C CG  . GLU A 1 118 ? -9.699  -8.209  8.673   1.00 21.48 ? 116 GLU A CG  1 
ATOM   935  C CD  . GLU A 1 118 ? -9.259  -8.971  9.899   1.00 24.65 ? 116 GLU A CD  1 
ATOM   936  O OE1 . GLU A 1 118 ? -8.276  -8.532  10.559  1.00 31.25 ? 116 GLU A OE1 1 
ATOM   937  O OE2 . GLU A 1 118 ? -9.877  -10.034 10.181  1.00 27.40 ? 116 GLU A OE2 1 
ATOM   938  N N   . ILE A 1 119 ? -12.057 -7.145  6.293   1.00 19.73 ? 117 ILE A N   1 
ATOM   939  C CA  . ILE A 1 119 ? -13.358 -7.749  5.924   1.00 20.88 ? 117 ILE A CA  1 
ATOM   940  C C   . ILE A 1 119 ? -13.105 -9.178  5.426   1.00 20.39 ? 117 ILE A C   1 
ATOM   941  O O   . ILE A 1 119 ? -12.243 -9.397  4.542   1.00 19.14 ? 117 ILE A O   1 
ATOM   942  C CB  . ILE A 1 119 ? -14.055 -6.996  4.743   1.00 21.12 ? 117 ILE A CB  1 
ATOM   943  C CG1 . ILE A 1 119 ? -14.123 -5.477  4.995   1.00 20.98 ? 117 ILE A CG1 1 
ATOM   944  C CG2 . ILE A 1 119 ? -15.466 -7.572  4.509   1.00 22.87 ? 117 ILE A CG2 1 
ATOM   945  C CD1 . ILE A 1 119 ? -14.498 -4.678  3.763   1.00 23.47 ? 117 ILE A CD1 1 
ATOM   946  N N   . ASN A 1 120 ? -13.860 -10.147 5.962   1.00 21.74 ? 118 ASN A N   1 
ATOM   947  C CA  . ASN A 1 120 ? -13.624 -11.571 5.658   1.00 22.31 ? 118 ASN A CA  1 
ATOM   948  C C   . ASN A 1 120 ? -12.150 -12.021 5.730   1.00 20.32 ? 118 ASN A C   1 
ATOM   949  O O   . ASN A 1 120 ? -11.636 -12.748 4.848   1.00 18.97 ? 118 ASN A O   1 
ATOM   950  C CB  . ASN A 1 120 ? -14.242 -11.942 4.306   1.00 23.44 ? 118 ASN A CB  1 
ATOM   951  C CG  . ASN A 1 120 ? -15.721 -11.595 4.230   1.00 27.08 ? 118 ASN A CG  1 
ATOM   952  O OD1 . ASN A 1 120 ? -16.442 -11.687 5.233   1.00 30.10 ? 118 ASN A OD1 1 
ATOM   953  N ND2 . ASN A 1 120 ? -16.166 -11.143 3.059   1.00 31.01 ? 118 ASN A ND2 1 
ATOM   954  N N   . ARG A 1 121 ? -11.478 -11.612 6.811   1.00 18.87 ? 119 ARG A N   1 
ATOM   955  C CA  . ARG A 1 121 ? -10.092 -11.990 7.071   1.00 17.96 ? 119 ARG A CA  1 
ATOM   956  C C   . ARG A 1 121 ? -9.120  -11.573 5.971   1.00 16.98 ? 119 ARG A C   1 
ATOM   957  O O   . ARG A 1 121 ? -8.137  -12.287 5.685   1.00 16.85 ? 119 ARG A O   1 
ATOM   958  C CB  . ARG A 1 121 ? -9.940  -13.482 7.436   1.00 18.80 ? 119 ARG A CB  1 
ATOM   959  C CG  . ARG A 1 121 ? -10.955 -13.919 8.487   1.00 19.55 ? 119 ARG A CG  1 
ATOM   960  C CD  . ARG A 1 121 ? -10.540 -15.172 9.268   1.00 23.30 ? 119 ARG A CD  1 
ATOM   961  N NE  . ARG A 1 121 ? -11.626 -15.574 10.161  1.00 28.32 ? 119 ARG A NE  1 
ATOM   962  C CZ  . ARG A 1 121 ? -11.855 -15.064 11.378  1.00 30.47 ? 119 ARG A CZ  1 
ATOM   963  N NH1 . ARG A 1 121 ? -12.883 -15.521 12.090  1.00 34.99 ? 119 ARG A NH1 1 
ATOM   964  N NH2 . ARG A 1 121 ? -11.059 -14.138 11.913  1.00 31.46 ? 119 ARG A NH2 1 
ATOM   965  N N   . ALA A 1 122 ? -9.399  -10.423 5.362   1.00 16.16 ? 120 ALA A N   1 
ATOM   966  C CA  . ALA A 1 122 ? -8.443  -9.764  4.444   1.00 17.27 ? 120 ALA A CA  1 
ATOM   967  C C   . ALA A 1 122 ? -8.411  -8.255  4.661   1.00 16.92 ? 120 ALA A C   1 
ATOM   968  O O   . ALA A 1 122 ? -9.427  -7.648  5.009   1.00 16.71 ? 120 ALA A O   1 
ATOM   969  C CB  . ALA A 1 122 ? -8.793  -10.074 2.969   1.00 17.41 ? 120 ALA A CB  1 
ATOM   970  N N   . ILE A 1 123 ? -7.262  -7.645  4.374   1.00 16.25 ? 121 ILE A N   1 
ATOM   971  C CA  . ILE A 1 123 ? -7.120  -6.186  4.455   1.00 15.82 ? 121 ILE A CA  1 
ATOM   972  C C   . ILE A 1 123 ? -7.600  -5.488  3.174   1.00 15.79 ? 121 ILE A C   1 
ATOM   973  O O   . ILE A 1 123 ? -7.180  -5.867  2.082   1.00 15.79 ? 121 ILE A O   1 
ATOM   974  C CB  . ILE A 1 123 ? -5.644  -5.819  4.771   1.00 16.07 ? 121 ILE A CB  1 
ATOM   975  C CG1 . ILE A 1 123 ? -5.242  -6.428  6.128   1.00 16.32 ? 121 ILE A CG1 1 
ATOM   976  C CG2 . ILE A 1 123 ? -5.407  -4.296  4.742   1.00 17.98 ? 121 ILE A CG2 1 
ATOM   977  C CD1 . ILE A 1 123 ? -5.990  -5.853  7.343   1.00 19.50 ? 121 ILE A CD1 1 
ATOM   978  N N   . TYR A 1 124 ? -8.465  -4.485  3.324   1.00 14.95 ? 122 TYR A N   1 
ATOM   979  C CA  . TYR A 1 124 ? -8.841  -3.574  2.227   1.00 14.80 ? 122 TYR A CA  1 
ATOM   980  C C   . TYR A 1 124 ? -8.355  -2.165  2.609   1.00 15.46 ? 122 TYR A C   1 
ATOM   981  O O   . TYR A 1 124 ? -8.134  -1.881  3.798   1.00 15.93 ? 122 TYR A O   1 
ATOM   982  C CB  . TYR A 1 124 ? -10.367 -3.552  2.060   1.00 15.91 ? 122 TYR A CB  1 
ATOM   983  C CG  . TYR A 1 124 ? -10.938 -4.850  1.516   1.00 16.49 ? 122 TYR A CG  1 
ATOM   984  C CD1 . TYR A 1 124 ? -11.395 -4.939  0.188   1.00 20.54 ? 122 TYR A CD1 1 
ATOM   985  C CD2 . TYR A 1 124 ? -11.015 -5.994  2.323   1.00 16.71 ? 122 TYR A CD2 1 
ATOM   986  C CE1 . TYR A 1 124 ? -11.923 -6.168  -0.313  1.00 19.82 ? 122 TYR A CE1 1 
ATOM   987  C CE2 . TYR A 1 124 ? -11.544 -7.197  1.837   1.00 19.59 ? 122 TYR A CE2 1 
ATOM   988  C CZ  . TYR A 1 124 ? -11.993 -7.271  0.510   1.00 20.70 ? 122 TYR A CZ  1 
ATOM   989  O OH  . TYR A 1 124 ? -12.528 -8.482  0.011   1.00 20.55 ? 122 TYR A OH  1 
ATOM   990  N N   . TYR A 1 125 ? -8.227  -1.284  1.619   1.00 14.21 ? 123 TYR A N   1 
ATOM   991  C CA  . TYR A 1 125 ? -7.825  0.116   1.854   1.00 14.49 ? 123 TYR A CA  1 
ATOM   992  C C   . TYR A 1 125 ? -9.051  0.978   1.531   1.00 15.49 ? 123 TYR A C   1 
ATOM   993  O O   . TYR A 1 125 ? -9.703  0.763   0.480   1.00 16.94 ? 123 TYR A O   1 
ATOM   994  C CB  . TYR A 1 125 ? -6.678  0.521   0.915   1.00 14.57 ? 123 TYR A CB  1 
ATOM   995  C CG  . TYR A 1 125 ? -5.300  -0.095  1.185   1.00 13.87 ? 123 TYR A CG  1 
ATOM   996  C CD1 . TYR A 1 125 ? -5.035  -0.835  2.361   1.00 12.27 ? 123 TYR A CD1 1 
ATOM   997  C CD2 . TYR A 1 125 ? -4.259  0.082   0.278   1.00 14.64 ? 123 TYR A CD2 1 
ATOM   998  C CE1 . TYR A 1 125 ? -3.744  -1.359  2.613   1.00 12.13 ? 123 TYR A CE1 1 
ATOM   999  C CE2 . TYR A 1 125 ? -2.979  -0.431  0.519   1.00 13.98 ? 123 TYR A CE2 1 
ATOM   1000 C CZ  . TYR A 1 125 ? -2.741  -1.158  1.691   1.00 14.62 ? 123 TYR A CZ  1 
ATOM   1001 O OH  . TYR A 1 125 ? -1.467  -1.640  1.911   1.00 15.84 ? 123 TYR A OH  1 
ATOM   1002 N N   . LYS A 1 126 ? -9.384  1.918   2.415   1.00 16.65 ? 124 LYS A N   1 
ATOM   1003 C CA  . LYS A 1 126 ? -10.539 2.809   2.205   1.00 18.57 ? 124 LYS A CA  1 
ATOM   1004 C C   . LYS A 1 126 ? -10.034 4.253   2.183   1.00 18.22 ? 124 LYS A C   1 
ATOM   1005 O O   . LYS A 1 126 ? -9.097  4.584   2.923   1.00 16.67 ? 124 LYS A O   1 
ATOM   1006 C CB  . LYS A 1 126 ? -11.569 2.609   3.308   1.00 19.30 ? 124 LYS A CB  1 
ATOM   1007 C CG  . LYS A 1 126 ? -12.871 3.357   3.063   1.00 23.89 ? 124 LYS A CG  1 
ATOM   1008 C CD  . LYS A 1 126 ? -13.941 3.059   4.107   1.00 25.21 ? 124 LYS A CD  1 
ATOM   1009 C CE  . LYS A 1 126 ? -14.907 2.013   3.652   1.00 33.37 ? 124 LYS A CE  1 
ATOM   1010 N NZ  . LYS A 1 126 ? -16.026 1.940   4.657   1.00 37.89 ? 124 LYS A NZ  1 
ATOM   1011 N N   . THR A 1 127 ? -10.621 5.102   1.336   1.00 17.37 ? 125 THR A N   1 
ATOM   1012 C CA  . THR A 1 127 ? -10.181 6.513   1.284   1.00 18.06 ? 125 THR A CA  1 
ATOM   1013 C C   . THR A 1 127 ? -10.709 7.308   2.494   1.00 19.06 ? 125 THR A C   1 
ATOM   1014 O O   . THR A 1 127 ? -11.912 7.260   2.848   1.00 18.90 ? 125 THR A O   1 
ATOM   1015 C CB  . THR A 1 127 ? -10.560 7.244   -0.042  1.00 18.51 ? 125 THR A CB  1 
ATOM   1016 O OG1 . THR A 1 127 ? -11.979 7.245   -0.182  1.00 18.59 ? 125 THR A OG1 1 
ATOM   1017 C CG2 . THR A 1 127 ? -9.929  6.543   -1.293  1.00 19.58 ? 125 THR A CG2 1 
ATOM   1018 N N   . LEU A 1 128 ? -9.784  8.043   3.113   1.00 19.79 ? 126 LEU A N   1 
ATOM   1019 C CA  . LEU A 1 128 ? -10.003 8.805   4.334   1.00 21.82 ? 126 LEU A CA  1 
ATOM   1020 C C   . LEU A 1 128 ? -10.592 10.175  4.000   1.00 21.83 ? 126 LEU A C   1 
ATOM   1021 O O   . LEU A 1 128 ? -11.245 10.828  4.831   1.00 22.67 ? 126 LEU A O   1 
ATOM   1022 C CB  . LEU A 1 128 ? -8.636  8.955   5.026   1.00 21.56 ? 126 LEU A CB  1 
ATOM   1023 C CG  . LEU A 1 128 ? -8.489  9.664   6.367   1.00 25.14 ? 126 LEU A CG  1 
ATOM   1024 C CD1 . LEU A 1 128 ? -9.466  9.105   7.402   1.00 26.53 ? 126 LEU A CD1 1 
ATOM   1025 C CD2 . LEU A 1 128 ? -7.017  9.512   6.847   1.00 24.07 ? 126 LEU A CD2 1 
ATOM   1026 N N   . LYS A 1 129 ? -10.306 10.631  2.780   1.00 21.20 ? 127 LYS A N   1 
ATOM   1027 C CA  . LYS A 1 129 ? -10.696 11.947  2.277   1.00 22.37 ? 127 LYS A CA  1 
ATOM   1028 C C   . LYS A 1 129 ? -10.747 11.817  0.766   1.00 21.82 ? 127 LYS A C   1 
ATOM   1029 O O   . LYS A 1 129 ? -10.206 10.828  0.229   1.00 21.27 ? 127 LYS A O   1 
ATOM   1030 C CB  . LYS A 1 129 ? -9.681  13.019  2.692   1.00 21.99 ? 127 LYS A CB  1 
ATOM   1031 C CG  . LYS A 1 129 ? -8.262  12.844  2.177   1.00 25.81 ? 127 LYS A CG  1 
ATOM   1032 C CD  . LYS A 1 129 ? -7.285  13.608  3.084   1.00 31.80 ? 127 LYS A CD  1 
ATOM   1033 C CE  . LYS A 1 129 ? -6.156  14.219  2.288   1.00 35.65 ? 127 LYS A CE  1 
ATOM   1034 N NZ  . LYS A 1 129 ? -5.452  15.249  3.114   1.00 37.31 ? 127 LYS A NZ  1 
ATOM   1035 N N   . PRO A 1 130 ? -11.420 12.758  0.065   1.00 21.95 ? 128 PRO A N   1 
ATOM   1036 C CA  . PRO A 1 130 ? -11.376 12.753  -1.407  1.00 21.68 ? 128 PRO A CA  1 
ATOM   1037 C C   . PRO A 1 130 ? -9.960  12.858  -1.977  1.00 21.61 ? 128 PRO A C   1 
ATOM   1038 O O   . PRO A 1 130 ? -9.095  13.528  -1.408  1.00 22.19 ? 128 PRO A O   1 
ATOM   1039 C CB  . PRO A 1 130 ? -12.215 13.993  -1.799  1.00 21.82 ? 128 PRO A CB  1 
ATOM   1040 C CG  . PRO A 1 130 ? -13.049 14.276  -0.583  1.00 22.23 ? 128 PRO A CG  1 
ATOM   1041 C CD  . PRO A 1 130 ? -12.254 13.864  0.592   1.00 22.53 ? 128 PRO A CD  1 
ATOM   1042 N N   . ILE A 1 131 ? -9.725  12.193  -3.107  1.00 20.89 ? 129 ILE A N   1 
ATOM   1043 C CA  . ILE A 1 131 ? -8.414  12.268  -3.769  1.00 20.11 ? 129 ILE A CA  1 
ATOM   1044 C C   . ILE A 1 131 ? -8.554  12.882  -5.154  1.00 20.87 ? 129 ILE A C   1 
ATOM   1045 O O   . ILE A 1 131 ? -9.420  12.476  -5.936  1.00 21.85 ? 129 ILE A O   1 
ATOM   1046 C CB  . ILE A 1 131 ? -7.699  10.886  -3.836  1.00 18.85 ? 129 ILE A CB  1 
ATOM   1047 C CG1 . ILE A 1 131 ? -7.538  10.329  -2.413  1.00 19.36 ? 129 ILE A CG1 1 
ATOM   1048 C CG2 . ILE A 1 131 ? -6.286  11.034  -4.430  1.00 17.59 ? 129 ILE A CG2 1 
ATOM   1049 C CD1 . ILE A 1 131 ? -6.951  8.877   -2.399  1.00 20.07 ? 129 ILE A CD1 1 
ATOM   1050 N N   . ALA A 1 132 ? -7.724  13.882  -5.429  1.00 20.57 ? 130 ALA A N   1 
ATOM   1051 C CA  . ALA A 1 132 ? -7.760  14.575  -6.751  1.00 21.30 ? 130 ALA A CA  1 
ATOM   1052 C C   . ALA A 1 132 ? -6.894  13.886  -7.802  1.00 21.53 ? 130 ALA A C   1 
ATOM   1053 O O   . ALA A 1 132 ? -5.870  13.283  -7.473  1.00 20.66 ? 130 ALA A O   1 
ATOM   1054 C CB  . ALA A 1 132 ? -7.322  16.042  -6.586  1.00 23.18 ? 130 ALA A CB  1 
ATOM   1055 N N   . PRO A 1 133 ? -7.249  14.027  -9.106  1.00 22.01 ? 131 PRO A N   1 
ATOM   1056 C CA  . PRO A 1 133 ? -6.372  13.436  -10.120 1.00 21.26 ? 131 PRO A CA  1 
ATOM   1057 C C   . PRO A 1 133 ? -4.931  13.980  -10.011 1.00 20.51 ? 131 PRO A C   1 
ATOM   1058 O O   . PRO A 1 133 ? -4.722  15.156  -9.653  1.00 20.88 ? 131 PRO A O   1 
ATOM   1059 C CB  . PRO A 1 133 ? -7.016  13.818  -11.457 1.00 22.05 ? 131 PRO A CB  1 
ATOM   1060 C CG  . PRO A 1 133 ? -8.259  14.572  -11.140 1.00 23.58 ? 131 PRO A CG  1 
ATOM   1061 C CD  . PRO A 1 133 ? -8.416  14.733  -9.661  1.00 22.67 ? 131 PRO A CD  1 
ATOM   1062 N N   . GLY A 1 134 ? -3.945  13.125  -10.260 1.00 19.24 ? 132 GLY A N   1 
ATOM   1063 C CA  . GLY A 1 134 ? -2.532  13.513  -10.091 1.00 20.22 ? 132 GLY A CA  1 
ATOM   1064 C C   . GLY A 1 134 ? -1.978  13.492  -8.659  1.00 19.81 ? 132 GLY A C   1 
ATOM   1065 O O   . GLY A 1 134 ? -0.816  13.877  -8.442  1.00 19.95 ? 132 GLY A O   1 
ATOM   1066 N N   . GLU A 1 135 ? -2.790  13.071  -7.670  1.00 20.12 ? 133 GLU A N   1 
ATOM   1067 C CA  . GLU A 1 135 ? -2.308  12.927  -6.267  1.00 19.63 ? 133 GLU A CA  1 
ATOM   1068 C C   . GLU A 1 135 ? -1.908  11.466  -5.980  1.00 17.14 ? 133 GLU A C   1 
ATOM   1069 O O   . GLU A 1 135 ? -2.556  10.528  -6.467  1.00 16.79 ? 133 GLU A O   1 
ATOM   1070 C CB  . GLU A 1 135 ? -3.340  13.417  -5.206  1.00 19.99 ? 133 GLU A CB  1 
ATOM   1071 C CG  . GLU A 1 135 ? -3.628  14.947  -5.270  1.00 24.47 ? 133 GLU A CG  1 
ATOM   1072 C CD  . GLU A 1 135 ? -4.608  15.484  -4.199  1.00 26.67 ? 133 GLU A CD  1 
ATOM   1073 O OE1 . GLU A 1 135 ? -5.441  14.719  -3.624  1.00 27.81 ? 133 GLU A OE1 1 
ATOM   1074 O OE2 . GLU A 1 135 ? -4.562  16.731  -3.966  1.00 34.29 ? 133 GLU A OE2 1 
ATOM   1075 N N   . GLU A 1 136 ? -0.866  11.292  -5.175  1.00 16.16 ? 134 GLU A N   1 
ATOM   1076 C CA  . GLU A 1 136 ? -0.359  9.932   -4.817  1.00 16.13 ? 134 GLU A CA  1 
ATOM   1077 C C   . GLU A 1 136 ? -1.238  9.314   -3.729  1.00 14.83 ? 134 GLU A C   1 
ATOM   1078 O O   . GLU A 1 136 ? -1.603  10.004  -2.757  1.00 15.79 ? 134 GLU A O   1 
ATOM   1079 C CB  . GLU A 1 136 ? 1.122   9.977   -4.348  1.00 16.54 ? 134 GLU A CB  1 
ATOM   1080 C CG  . GLU A 1 136 ? 1.714   8.564   -4.086  1.00 16.38 ? 134 GLU A CG  1 
ATOM   1081 C CD  . GLU A 1 136 ? 3.241   8.498   -3.953  1.00 17.74 ? 134 GLU A CD  1 
ATOM   1082 O OE1 . GLU A 1 136 ? 3.910   9.565   -3.873  1.00 18.02 ? 134 GLU A OE1 1 
ATOM   1083 O OE2 . GLU A 1 136 ? 3.792   7.359   -3.905  1.00 16.96 ? 134 GLU A OE2 1 
ATOM   1084 N N   . LEU A 1 137 ? -1.573  8.027   -3.896  1.00 13.75 ? 135 LEU A N   1 
ATOM   1085 C CA  . LEU A 1 137 ? -2.259  7.259   -2.845  1.00 13.55 ? 135 LEU A CA  1 
ATOM   1086 C C   . LEU A 1 137 ? -1.229  6.840   -1.786  1.00 13.16 ? 135 LEU A C   1 
ATOM   1087 O O   . LEU A 1 137 ? -0.206  6.237   -2.130  1.00 12.85 ? 135 LEU A O   1 
ATOM   1088 C CB  . LEU A 1 137 ? -2.963  6.011   -3.410  1.00 13.74 ? 135 LEU A CB  1 
ATOM   1089 C CG  . LEU A 1 137 ? -4.404  6.147   -3.939  1.00 14.01 ? 135 LEU A CG  1 
ATOM   1090 C CD1 . LEU A 1 137 ? -4.452  7.175   -5.051  1.00 14.85 ? 135 LEU A CD1 1 
ATOM   1091 C CD2 . LEU A 1 137 ? -4.942  4.726   -4.430  1.00 13.56 ? 135 LEU A CD2 1 
ATOM   1092 N N   . LEU A 1 138 ? -1.522  7.170   -0.526  1.00 14.23 ? 136 LEU A N   1 
ATOM   1093 C CA  . LEU A 1 138 ? -0.616  6.896   0.629   1.00 13.14 ? 136 LEU A CA  1 
ATOM   1094 C C   . LEU A 1 138 ? -1.385  6.322   1.814   1.00 14.12 ? 136 LEU A C   1 
ATOM   1095 O O   . LEU A 1 138 ? -2.328  6.921   2.321   1.00 14.43 ? 136 LEU A O   1 
ATOM   1096 C CB  . LEU A 1 138 ? 0.106   8.172   1.093   1.00 14.32 ? 136 LEU A CB  1 
ATOM   1097 C CG  . LEU A 1 138 ? 1.023   8.810   0.061   1.00 13.27 ? 136 LEU A CG  1 
ATOM   1098 C CD1 . LEU A 1 138 ? 1.604   10.162  0.580   1.00 17.32 ? 136 LEU A CD1 1 
ATOM   1099 C CD2 . LEU A 1 138 ? 2.212   7.893   -0.358  1.00 13.38 ? 136 LEU A CD2 1 
ATOM   1100 N N   . VAL A 1 139 ? -0.953  5.156   2.265   1.00 13.05 ? 137 VAL A N   1 
ATOM   1101 C CA  . VAL A 1 139 ? -1.642  4.467   3.390   1.00 12.71 ? 137 VAL A CA  1 
ATOM   1102 C C   . VAL A 1 139 ? -0.939  4.771   4.713   1.00 13.57 ? 137 VAL A C   1 
ATOM   1103 O O   . VAL A 1 139 ? 0.279   5.052   4.742   1.00 12.88 ? 137 VAL A O   1 
ATOM   1104 C CB  . VAL A 1 139 ? -1.726  2.928   3.116   1.00 13.04 ? 137 VAL A CB  1 
ATOM   1105 C CG1 . VAL A 1 139 ? -0.351  2.197   3.186   1.00 14.19 ? 137 VAL A CG1 1 
ATOM   1106 C CG2 . VAL A 1 139 ? -2.802  2.231   4.012   1.00 14.68 ? 137 VAL A CG2 1 
ATOM   1107 N N   . TRP A 1 140 ? -1.689  4.726   5.811   1.00 14.20 ? 138 TRP A N   1 
ATOM   1108 C CA  . TRP A 1 140 ? -1.054  4.723   7.158   1.00 15.30 ? 138 TRP A CA  1 
ATOM   1109 C C   . TRP A 1 140 ? -2.029  3.996   8.110   1.00 16.56 ? 138 TRP A C   1 
ATOM   1110 O O   . TRP A 1 140 ? -3.110  3.545   7.671   1.00 15.38 ? 138 TRP A O   1 
ATOM   1111 C CB  . TRP A 1 140 ? -0.723  6.159   7.667   1.00 15.66 ? 138 TRP A CB  1 
ATOM   1112 C CG  . TRP A 1 140 ? 0.529   6.184   8.586   1.00 17.28 ? 138 TRP A CG  1 
ATOM   1113 C CD1 . TRP A 1 140 ? 1.830   6.004   8.205   1.00 19.57 ? 138 TRP A CD1 1 
ATOM   1114 C CD2 . TRP A 1 140 ? 0.553   6.391   10.001  1.00 19.06 ? 138 TRP A CD2 1 
ATOM   1115 N NE1 . TRP A 1 140 ? 2.675   6.076   9.306   1.00 18.40 ? 138 TRP A NE1 1 
ATOM   1116 C CE2 . TRP A 1 140 ? 1.910   6.306   10.420  1.00 20.31 ? 138 TRP A CE2 1 
ATOM   1117 C CE3 . TRP A 1 140 ? -0.442  6.615   10.963  1.00 21.22 ? 138 TRP A CE3 1 
ATOM   1118 C CZ2 . TRP A 1 140 ? 2.287   6.452   11.748  1.00 19.09 ? 138 TRP A CZ2 1 
ATOM   1119 C CZ3 . TRP A 1 140 ? -0.053  6.770   12.312  1.00 20.52 ? 138 TRP A CZ3 1 
ATOM   1120 C CH2 . TRP A 1 140 ? 1.297   6.679   12.681  1.00 19.79 ? 138 TRP A CH2 1 
ATOM   1121 N N   . TYR A 1 141 ? -1.663  3.867   9.392   1.00 16.24 ? 139 TYR A N   1 
ATOM   1122 C CA  . TYR A 1 141 ? -2.552  3.220   10.359  1.00 16.88 ? 139 TYR A CA  1 
ATOM   1123 C C   . TYR A 1 141 ? -3.808  4.035   10.658  1.00 18.40 ? 139 TYR A C   1 
ATOM   1124 O O   . TYR A 1 141 ? -3.858  5.234   10.404  1.00 18.61 ? 139 TYR A O   1 
ATOM   1125 C CB  . TYR A 1 141 ? -1.808  2.971   11.697  1.00 18.11 ? 139 TYR A CB  1 
ATOM   1126 C CG  . TYR A 1 141 ? -0.527  2.197   11.542  1.00 16.98 ? 139 TYR A CG  1 
ATOM   1127 C CD1 . TYR A 1 141 ? -0.525  0.907   11.045  1.00 18.37 ? 139 TYR A CD1 1 
ATOM   1128 C CD2 . TYR A 1 141 ? 0.690   2.800   11.820  1.00 20.88 ? 139 TYR A CD2 1 
ATOM   1129 C CE1 . TYR A 1 141 ? 0.691   0.202   10.859  1.00 19.29 ? 139 TYR A CE1 1 
ATOM   1130 C CE2 . TYR A 1 141 ? 1.897   2.115   11.654  1.00 19.98 ? 139 TYR A CE2 1 
ATOM   1131 C CZ  . TYR A 1 141 ? 1.882   0.820   11.168  1.00 20.93 ? 139 TYR A CZ  1 
ATOM   1132 O OH  . TYR A 1 141 ? 3.063   0.131   11.024  1.00 23.21 ? 139 TYR A OH  1 
ATOM   1133 N N   . ASN A 1 142 ? -4.817  3.378   11.228  1.00 18.95 ? 140 ASN A N   1 
ATOM   1134 C CA  . ASN A 1 142 ? -5.932  4.067   11.885  1.00 21.46 ? 140 ASN A CA  1 
ATOM   1135 C C   . ASN A 1 142 ? -5.493  4.862   13.125  1.00 23.75 ? 140 ASN A C   1 
ATOM   1136 O O   . ASN A 1 142 ? -4.630  4.427   13.874  1.00 24.15 ? 140 ASN A O   1 
ATOM   1137 C CB  . ASN A 1 142 ? -7.007  3.033   12.227  1.00 20.83 ? 140 ASN A CB  1 
ATOM   1138 C CG  . ASN A 1 142 ? -7.704  2.550   10.992  1.00 22.07 ? 140 ASN A CG  1 
ATOM   1139 O OD1 . ASN A 1 142 ? -8.085  3.363   10.161  1.00 22.27 ? 140 ASN A OD1 1 
ATOM   1140 N ND2 . ASN A 1 142 ? -7.864  1.239   10.843  1.00 21.35 ? 140 ASN A ND2 1 
ATOM   1141 N N   . GLY A 1 143 ? -6.057  6.046   13.301  1.00 27.49 ? 141 GLY A N   1 
ATOM   1142 C CA  . GLY A 1 143 ? -5.744  6.884   14.488  1.00 32.45 ? 141 GLY A CA  1 
ATOM   1143 C C   . GLY A 1 143 ? -6.895  6.983   15.481  1.00 35.52 ? 141 GLY A C   1 
ATOM   1144 O O   . GLY A 1 143 ? -8.023  6.578   15.191  1.00 35.85 ? 141 GLY A O   1 
ATOM   1145 N N   . GLU A 1 144 ? -6.616  7.490   16.682  1.00 38.81 ? 142 GLU A N   1 
ATOM   1146 C CA  . GLU A 1 144 ? -7.708  7.700   17.641  1.00 41.83 ? 142 GLU A CA  1 
ATOM   1147 C C   . GLU A 1 144 ? -8.293  9.089   17.400  1.00 42.96 ? 142 GLU A C   1 
ATOM   1148 O O   . GLU A 1 144 ? -7.674  10.108  17.736  1.00 44.22 ? 142 GLU A O   1 
ATOM   1149 C CB  . GLU A 1 144 ? -7.279  7.439   19.091  1.00 41.96 ? 142 GLU A CB  1 
ATOM   1150 C CG  . GLU A 1 144 ? -6.672  6.033   19.278  1.00 45.38 ? 142 GLU A CG  1 
ATOM   1151 C CD  . GLU A 1 144 ? -7.198  5.264   20.488  1.00 48.97 ? 142 GLU A CD  1 
ATOM   1152 O OE1 . GLU A 1 144 ? -6.407  5.066   21.441  1.00 51.84 ? 142 GLU A OE1 1 
ATOM   1153 O OE2 . GLU A 1 144 ? -8.381  4.829   20.482  1.00 49.75 ? 142 GLU A OE2 1 
ATOM   1154 N N   . ASP A 1 145 ? -9.478  9.101   16.778  1.00 43.89 ? 143 ASP A N   1 
ATOM   1155 C CA  . ASP A 1 145 ? -10.063 10.299  16.162  1.00 43.85 ? 143 ASP A CA  1 
ATOM   1156 C C   . ASP A 1 145 ? -10.977 11.156  17.058  1.00 43.82 ? 143 ASP A C   1 
ATOM   1157 O O   . ASP A 1 145 ? -11.331 12.284  16.672  1.00 44.51 ? 143 ASP A O   1 
ATOM   1158 C CB  . ASP A 1 145 ? -10.830 9.901   14.887  1.00 44.65 ? 143 ASP A CB  1 
ATOM   1159 N N   . ASN A 1 146 ? -11.339 10.650  18.241  1.00 42.74 ? 144 ASN A N   1 
ATOM   1160 C CA  . ASN A 1 146 ? -12.391 11.278  19.062  1.00 41.61 ? 144 ASN A CA  1 
ATOM   1161 C C   . ASN A 1 146 ? -11.973 12.589  19.752  1.00 40.04 ? 144 ASN A C   1 
ATOM   1162 O O   . ASN A 1 146 ? -10.873 12.675  20.318  1.00 39.72 ? 144 ASN A O   1 
ATOM   1163 C CB  . ASN A 1 146 ? -12.943 10.290  20.101  1.00 42.32 ? 144 ASN A CB  1 
ATOM   1164 C CG  . ASN A 1 146 ? -13.465 8.987   19.474  1.00 44.07 ? 144 ASN A CG  1 
ATOM   1165 O OD1 . ASN A 1 146 ? -14.021 8.984   18.366  1.00 44.92 ? 144 ASN A OD1 1 
ATOM   1166 N ND2 . ASN A 1 146 ? -13.299 7.878   20.199  1.00 44.03 ? 144 ASN A ND2 1 
ATOM   1167 N N   . PRO A 1 147 ? -12.854 13.610  19.706  1.00 37.68 ? 145 PRO A N   1 
ATOM   1168 C CA  . PRO A 1 147 ? -12.513 14.946  20.221  1.00 36.61 ? 145 PRO A CA  1 
ATOM   1169 C C   . PRO A 1 147 ? -12.670 15.117  21.759  1.00 34.21 ? 145 PRO A C   1 
ATOM   1170 O O   . PRO A 1 147 ? -13.753 14.866  22.311  1.00 34.87 ? 145 PRO A O   1 
ATOM   1171 C CB  . PRO A 1 147 ? -13.487 15.850  19.466  1.00 36.31 ? 145 PRO A CB  1 
ATOM   1172 C CG  . PRO A 1 147 ? -14.733 14.988  19.307  1.00 37.72 ? 145 PRO A CG  1 
ATOM   1173 C CD  . PRO A 1 147 ? -14.219 13.566  19.141  1.00 38.26 ? 145 PRO A CD  1 
ATOM   1174 N N   . GLU A 1 148 ? -11.591 15.535  22.428  1.00 31.27 ? 146 GLU A N   1 
ATOM   1175 C CA  . GLU A 1 148 ? -11.609 15.774  23.877  1.00 28.37 ? 146 GLU A CA  1 
ATOM   1176 C C   . GLU A 1 148 ? -11.998 17.224  24.196  1.00 26.62 ? 146 GLU A C   1 
ATOM   1177 O O   . GLU A 1 148 ? -11.136 18.058  24.595  1.00 22.59 ? 146 GLU A O   1 
ATOM   1178 C CB  . GLU A 1 148 ? -10.267 15.398  24.536  1.00 29.01 ? 146 GLU A CB  1 
ATOM   1179 C CG  . GLU A 1 148 ? -9.971  13.888  24.440  1.00 32.21 ? 146 GLU A CG  1 
ATOM   1180 C CD  . GLU A 1 148 ? -9.038  13.380  25.531  1.00 37.09 ? 146 GLU A CD  1 
ATOM   1181 O OE1 . GLU A 1 148 ? -9.510  13.144  26.681  1.00 38.41 ? 146 GLU A OE1 1 
ATOM   1182 O OE2 . GLU A 1 148 ? -7.845  13.177  25.223  1.00 37.00 ? 146 GLU A OE2 1 
ATOM   1183 N N   . ILE A 1 149 ? -13.299 17.497  24.021  1.00 24.53 ? 147 ILE A N   1 
ATOM   1184 C CA  . ILE A 1 149 ? -13.859 18.821  24.235  1.00 24.00 ? 147 ILE A CA  1 
ATOM   1185 C C   . ILE A 1 149 ? -15.241 18.690  24.837  1.00 25.39 ? 147 ILE A C   1 
ATOM   1186 O O   . ILE A 1 149 ? -15.820 17.582  24.791  1.00 25.88 ? 147 ILE A O   1 
ATOM   1187 C CB  . ILE A 1 149 ? -13.998 19.618  22.906  1.00 23.55 ? 147 ILE A CB  1 
ATOM   1188 C CG1 . ILE A 1 149 ? -14.595 18.716  21.800  1.00 22.66 ? 147 ILE A CG1 1 
ATOM   1189 C CG2 . ILE A 1 149 ? -12.630 20.236  22.510  1.00 23.12 ? 147 ILE A CG2 1 
ATOM   1190 C CD1 . ILE A 1 149 ? -14.975 19.529  20.492  1.00 23.48 ? 147 ILE A CD1 1 
ATOM   1191 O OXT . ILE A 1 149 ? -15.795 19.703  25.330  1.00 25.06 ? 147 ILE A OXT 1 
HETATM 1192 O O   . HOH B 2 .   ? -0.953  -7.309  -2.427  1.00 16.83 ? 148 HOH A O   1 
HETATM 1193 O O   . HOH B 2 .   ? 22.564  10.151  -5.370  1.00 18.13 ? 149 HOH A O   1 
HETATM 1194 O O   . HOH B 2 .   ? 1.889   5.229   -3.606  1.00 15.20 ? 150 HOH A O   1 
HETATM 1195 O O   . HOH B 2 .   ? -2.216  -0.667  -15.905 1.00 19.84 ? 151 HOH A O   1 
HETATM 1196 O O   . HOH B 2 .   ? -3.284  -5.997  -9.521  1.00 14.79 ? 152 HOH A O   1 
HETATM 1197 O O   . HOH B 2 .   ? 0.625   -0.977  0.496   1.00 17.18 ? 153 HOH A O   1 
HETATM 1198 O O   . HOH B 2 .   ? 6.249   -12.299 -0.689  1.00 20.90 ? 154 HOH A O   1 
HETATM 1199 O O   . HOH B 2 .   ? 1.798   -17.221 14.466  1.00 20.64 ? 155 HOH A O   1 
HETATM 1200 O O   . HOH B 2 .   ? -0.148  -12.288 -7.687  1.00 21.04 ? 156 HOH A O   1 
HETATM 1201 O O   . HOH B 2 .   ? 6.889   -16.302 14.556  1.00 24.83 ? 157 HOH A O   1 
HETATM 1202 O O   . HOH B 2 .   ? -7.972  -20.725 10.112  1.00 20.44 ? 158 HOH A O   1 
HETATM 1203 O O   . HOH B 2 .   ? 1.169   -19.909 13.784  1.00 23.35 ? 159 HOH A O   1 
HETATM 1204 O O   . HOH B 2 .   ? -7.218  -10.010 12.177  1.00 22.36 ? 160 HOH A O   1 
HETATM 1205 O O   . HOH B 2 .   ? -0.875  1.560   -14.627 1.00 19.44 ? 161 HOH A O   1 
HETATM 1206 O O   . HOH B 2 .   ? 6.946   -14.934 -0.611  1.00 24.93 ? 162 HOH A O   1 
HETATM 1207 O O   . HOH B 2 .   ? -13.654 7.575   5.115   1.00 26.88 ? 163 HOH A O   1 
HETATM 1208 O O   . HOH B 2 .   ? 6.916   -0.560  -4.718  1.00 23.97 ? 164 HOH A O   1 
HETATM 1209 O O   . HOH B 2 .   ? 11.149  4.249   -9.810  1.00 24.87 ? 165 HOH A O   1 
HETATM 1210 O O   . HOH B 2 .   ? 2.831   -2.679  0.649   1.00 30.39 ? 166 HOH A O   1 
HETATM 1211 O O   . HOH B 2 .   ? -10.918 -3.458  10.601  1.00 23.63 ? 167 HOH A O   1 
HETATM 1212 O O   . HOH B 2 .   ? 10.465  -2.463  7.382   1.00 24.08 ? 168 HOH A O   1 
HETATM 1213 O O   . HOH B 2 .   ? -8.379  -4.120  -14.987 1.00 30.48 ? 169 HOH A O   1 
HETATM 1214 O O   . HOH B 2 .   ? 2.314   -7.233  -6.344  1.00 23.64 ? 170 HOH A O   1 
HETATM 1215 O O   . HOH B 2 .   ? -6.792  -20.406 6.383   1.00 36.63 ? 171 HOH A O   1 
HETATM 1216 O O   . HOH B 2 .   ? -5.671  -7.351  10.903  1.00 28.66 ? 172 HOH A O   1 
HETATM 1217 O O   . HOH B 2 .   ? 1.376   7.173   -16.974 1.00 33.06 ? 173 HOH A O   1 
HETATM 1218 O O   . HOH B 2 .   ? 8.120   -18.803 14.893  1.00 27.53 ? 174 HOH A O   1 
HETATM 1219 O O   . HOH B 2 .   ? 3.480   12.141  -2.889  1.00 22.03 ? 175 HOH A O   1 
HETATM 1220 O O   . HOH B 2 .   ? 4.338   -0.146  0.165   1.00 25.28 ? 176 HOH A O   1 
HETATM 1221 O O   . HOH B 2 .   ? 10.804  10.469  1.549   1.00 39.47 ? 177 HOH A O   1 
HETATM 1222 O O   . HOH B 2 .   ? -12.631 0.135   -13.212 1.00 26.82 ? 178 HOH A O   1 
HETATM 1223 O O   . HOH B 2 .   ? -5.041  -9.331  3.547   1.00 22.94 ? 179 HOH A O   1 
HETATM 1224 O O   . HOH B 2 .   ? -4.392  -10.707 -6.603  1.00 25.31 ? 180 HOH A O   1 
HETATM 1225 O O   . HOH B 2 .   ? 2.276   -11.832 -15.039 1.00 30.04 ? 181 HOH A O   1 
HETATM 1226 O O   . HOH B 2 .   ? 10.868  -8.515  -4.044  1.00 28.45 ? 182 HOH A O   1 
HETATM 1227 O O   . HOH B 2 .   ? 8.159   -4.690  -8.975  1.00 25.47 ? 183 HOH A O   1 
HETATM 1228 O O   . HOH B 2 .   ? -12.523 -10.291 9.145   1.00 28.12 ? 184 HOH A O   1 
HETATM 1229 O O   . HOH B 2 .   ? -15.741 -9.465  8.213   1.00 31.19 ? 185 HOH A O   1 
HETATM 1230 O O   . HOH B 2 .   ? -15.006 7.046   -6.135  1.00 24.79 ? 186 HOH A O   1 
HETATM 1231 O O   . HOH B 2 .   ? 9.239   13.539  -5.653  1.00 26.53 ? 187 HOH A O   1 
HETATM 1232 O O   . HOH B 2 .   ? 8.423   -15.637 -3.036  1.00 24.16 ? 188 HOH A O   1 
HETATM 1233 O O   . HOH B 2 .   ? -9.545  -2.645  -5.757  1.00 19.49 ? 189 HOH A O   1 
HETATM 1234 O O   . HOH B 2 .   ? 8.170   12.586  10.633  1.00 28.91 ? 190 HOH A O   1 
HETATM 1235 O O   . HOH B 2 .   ? 4.113   11.516  3.815   1.00 25.66 ? 191 HOH A O   1 
HETATM 1236 O O   . HOH B 2 .   ? -4.702  -9.582  -13.352 1.00 36.18 ? 192 HOH A O   1 
HETATM 1237 O O   . HOH B 2 .   ? 25.483  14.030  -0.562  1.00 29.33 ? 193 HOH A O   1 
HETATM 1238 O O   . HOH B 2 .   ? 19.406  7.415   4.853   1.00 31.38 ? 194 HOH A O   1 
HETATM 1239 O O   . HOH B 2 .   ? 8.360   -9.373  -10.697 1.00 28.88 ? 195 HOH A O   1 
HETATM 1240 O O   . HOH B 2 .   ? 0.567   13.684  -4.226  1.00 28.01 ? 196 HOH A O   1 
HETATM 1241 O O   . HOH B 2 .   ? 0.087   -18.613 1.551   1.00 31.06 ? 197 HOH A O   1 
HETATM 1242 O O   . HOH B 2 .   ? -1.568  14.907  6.216   1.00 36.24 ? 198 HOH A O   1 
HETATM 1243 O O   . HOH B 2 .   ? 0.330   -5.981  -18.668 1.00 38.31 ? 199 HOH A O   1 
HETATM 1244 O O   . HOH B 2 .   ? 5.737   6.546   9.616   1.00 21.82 ? 200 HOH A O   1 
HETATM 1245 O O   . HOH B 2 .   ? 10.165  1.282   -16.998 1.00 35.45 ? 201 HOH A O   1 
HETATM 1246 O O   . HOH B 2 .   ? -16.343 12.579  -1.447  1.00 26.21 ? 202 HOH A O   1 
HETATM 1247 O O   . HOH B 2 .   ? 7.213   5.589   3.169   1.00 31.36 ? 203 HOH A O   1 
HETATM 1248 O O   . HOH B 2 .   ? -7.506  10.150  -16.552 1.00 34.02 ? 204 HOH A O   1 
HETATM 1249 O O   . HOH B 2 .   ? -2.668  16.933  -8.381  1.00 40.28 ? 205 HOH A O   1 
HETATM 1250 O O   . HOH B 2 .   ? -4.014  -13.599 0.751   1.00 36.73 ? 206 HOH A O   1 
HETATM 1251 O O   . HOH B 2 .   ? 6.009   13.810  -1.965  1.00 36.23 ? 207 HOH A O   1 
HETATM 1252 O O   . HOH B 2 .   ? -16.501 1.376   -2.339  1.00 26.03 ? 208 HOH A O   1 
HETATM 1253 O O   . HOH B 2 .   ? -4.626  13.139  5.893   1.00 33.70 ? 209 HOH A O   1 
HETATM 1254 O O   . HOH B 2 .   ? 8.011   -15.856 -7.413  1.00 41.13 ? 210 HOH A O   1 
HETATM 1255 O O   . HOH B 2 .   ? 11.434  10.918  -3.865  1.00 32.00 ? 211 HOH A O   1 
HETATM 1256 O O   . HOH B 2 .   ? 4.199   -15.565 14.682  1.00 27.61 ? 212 HOH A O   1 
HETATM 1257 O O   . HOH B 2 .   ? -11.229 14.956  -5.485  1.00 44.29 ? 213 HOH A O   1 
HETATM 1258 O O   . HOH B 2 .   ? 7.732   -21.432 15.530  1.00 34.90 ? 214 HOH A O   1 
HETATM 1259 O O   . HOH B 2 .   ? 12.770  12.614  2.331   1.00 58.45 ? 215 HOH A O   1 
HETATM 1260 O O   . HOH B 2 .   ? -13.321 7.552   -9.064  1.00 40.33 ? 216 HOH A O   1 
HETATM 1261 O O   . HOH B 2 .   ? -6.032  17.686  -10.128 1.00 44.91 ? 217 HOH A O   1 
HETATM 1262 O O   . HOH B 2 .   ? -9.314  5.996   10.204  1.00 41.15 ? 218 HOH A O   1 
HETATM 1263 O O   . HOH B 2 .   ? 13.691  0.469   -4.516  1.00 43.81 ? 219 HOH A O   1 
HETATM 1264 O O   . HOH B 2 .   ? 10.482  -11.773 -7.527  1.00 33.56 ? 220 HOH A O   1 
HETATM 1265 O O   . HOH B 2 .   ? -5.313  -12.196 3.848   1.00 29.48 ? 221 HOH A O   1 
HETATM 1266 O O   . HOH B 2 .   ? -4.899  13.276  -1.265  1.00 42.36 ? 222 HOH A O   1 
HETATM 1267 O O   . HOH B 2 .   ? 5.806   5.265   7.447   1.00 38.34 ? 223 HOH A O   1 
HETATM 1268 O O   . HOH B 2 .   ? 11.504  7.203   1.931   1.00 38.47 ? 224 HOH A O   1 
HETATM 1269 O O   . HOH B 2 .   ? -17.763 6.223   -1.682  1.00 41.56 ? 225 HOH A O   1 
HETATM 1270 O O   . HOH B 2 .   ? 0.934   -18.894 -1.364  1.00 39.34 ? 226 HOH A O   1 
HETATM 1271 O O   . HOH B 2 .   ? 10.201  -5.371  13.216  1.00 38.14 ? 227 HOH A O   1 
HETATM 1272 O O   . HOH B 2 .   ? 8.855   -5.137  -18.794 1.00 39.64 ? 228 HOH A O   1 
HETATM 1273 O O   . HOH B 2 .   ? -13.661 13.526  -5.134  1.00 37.92 ? 229 HOH A O   1 
HETATM 1274 O O   . HOH B 2 .   ? -9.148  -12.367 11.321  1.00 39.80 ? 230 HOH A O   1 
HETATM 1275 O O   . HOH B 2 .   ? 1.969   -19.940 2.963   1.00 53.34 ? 231 HOH A O   1 
HETATM 1276 O O   . HOH B 2 .   ? 10.797  -7.871  10.118  1.00 52.34 ? 232 HOH A O   1 
HETATM 1277 O O   . HOH B 2 .   ? 11.098  -18.985 11.486  1.00 37.90 ? 233 HOH A O   1 
HETATM 1278 O O   . HOH B 2 .   ? -0.983  -8.180  -20.463 1.00 36.04 ? 234 HOH A O   1 
HETATM 1279 O O   . HOH B 2 .   ? 18.485  -1.973  -9.445  1.00 38.78 ? 235 HOH A O   1 
HETATM 1280 O O   . HOH B 2 .   ? 13.126  11.153  -1.641  1.00 44.81 ? 236 HOH A O   1 
HETATM 1281 O O   . HOH B 2 .   ? 8.483   13.045  -8.097  1.00 36.53 ? 237 HOH A O   1 
HETATM 1282 O O   . HOH B 2 .   ? -10.704 6.757   -18.131 1.00 47.35 ? 238 HOH A O   1 
HETATM 1283 O O   . HOH B 2 .   ? 7.313   -10.819 -12.612 1.00 40.39 ? 239 HOH A O   1 
HETATM 1284 O O   . HOH B 2 .   ? -16.957 5.792   -4.252  1.00 45.92 ? 240 HOH A O   1 
HETATM 1285 O O   . HOH B 2 .   ? -12.736 0.495   -8.274  1.00 41.78 ? 241 HOH A O   1 
HETATM 1286 O O   . HOH B 2 .   ? 14.398  5.336   4.999   1.00 60.04 ? 242 HOH A O   1 
HETATM 1287 O O   . HOH B 2 .   ? -10.923 16.632  -7.286  1.00 47.05 ? 243 HOH A O   1 
HETATM 1288 O O   . HOH B 2 .   ? -13.865 1.529   -11.411 1.00 46.55 ? 244 HOH A O   1 
HETATM 1289 O O   . HOH B 2 .   ? -15.622 -7.087  0.625   1.00 49.48 ? 245 HOH A O   1 
HETATM 1290 O O   . HOH B 2 .   ? -13.368 7.815   7.898   1.00 38.19 ? 246 HOH A O   1 
HETATM 1291 O O   . HOH B 2 .   ? 29.391  5.397   -0.919  1.00 50.51 ? 247 HOH A O   1 
HETATM 1292 O O   . HOH B 2 .   ? 10.746  3.549   0.495   1.00 39.27 ? 248 HOH A O   1 
HETATM 1293 O O   . HOH B 2 .   ? -10.037 8.960   20.429  1.00 62.54 ? 249 HOH A O   1 
HETATM 1294 O O   . HOH B 2 .   ? 10.172  -14.868 3.939   1.00 38.82 ? 250 HOH A O   1 
HETATM 1295 O O   . HOH B 2 .   ? 1.558   14.301  -10.642 1.00 41.63 ? 251 HOH A O   1 
HETATM 1296 O O   . HOH B 2 .   ? 26.427  12.350  1.839   1.00 51.72 ? 252 HOH A O   1 
HETATM 1297 O O   . HOH B 2 .   ? -15.572 5.929   5.222   1.00 46.29 ? 253 HOH A O   1 
HETATM 1298 O O   . HOH B 2 .   ? -7.651  7.464   11.451  1.00 35.07 ? 254 HOH A O   1 
HETATM 1299 O O   . HOH B 2 .   ? -12.749 -10.441 2.027   1.00 40.91 ? 255 HOH A O   1 
HETATM 1300 O O   . HOH B 2 .   ? 14.308  2.747   -1.060  1.00 48.06 ? 256 HOH A O   1 
HETATM 1301 O O   . HOH B 2 .   ? -12.116 -1.603  -5.743  1.00 33.46 ? 257 HOH A O   1 
HETATM 1302 O O   . HOH B 2 .   ? -13.612 -8.738  -2.461  1.00 33.73 ? 258 HOH A O   1 
HETATM 1303 O O   . HOH B 2 .   ? -2.596  -19.020 0.938   1.00 48.72 ? 259 HOH A O   1 
HETATM 1304 O O   . HOH B 2 .   ? -15.525 4.252   7.894   1.00 45.65 ? 260 HOH A O   1 
HETATM 1305 O O   . HOH B 2 .   ? 12.729  -7.553  2.575   1.00 37.51 ? 261 HOH A O   1 
HETATM 1306 O O   . HOH B 2 .   ? 9.925   -12.620 -0.325  1.00 42.86 ? 262 HOH A O   1 
HETATM 1307 O O   . HOH B 2 .   ? 30.931  8.641   1.156   1.00 47.56 ? 263 HOH A O   1 
HETATM 1308 O O   . HOH B 2 .   ? 5.670   -10.190 -15.976 1.00 50.97 ? 264 HOH A O   1 
HETATM 1309 O O   . HOH B 2 .   ? 13.537  6.901   0.417   1.00 38.78 ? 265 HOH A O   1 
HETATM 1310 O O   . HOH B 2 .   ? 5.000   -20.063 7.853   1.00 45.61 ? 266 HOH A O   1 
HETATM 1311 O O   . HOH B 2 .   ? -13.533 5.583   -7.459  1.00 48.14 ? 267 HOH A O   1 
HETATM 1312 O O   . HOH B 2 .   ? 12.365  9.729   2.755   1.00 44.23 ? 268 HOH A O   1 
HETATM 1313 O O   . HOH B 2 .   ? 2.687   -14.700 -10.099 1.00 50.79 ? 269 HOH A O   1 
HETATM 1314 O O   . HOH B 2 .   ? -4.255  8.106   11.087  1.00 32.38 ? 270 HOH A O   1 
HETATM 1315 O O   . HOH B 2 .   ? 13.656  -13.149 9.275   1.00 46.69 ? 271 HOH A O   1 
HETATM 1316 O O   . HOH B 2 .   ? -0.653  12.253  -1.404  1.00 41.35 ? 272 HOH A O   1 
HETATM 1317 O O   . HOH B 2 .   ? 5.910   -18.565 0.710   1.00 40.91 ? 273 HOH A O   1 
HETATM 1318 O O   . HOH B 2 .   ? 8.954   5.555   1.113   1.00 35.15 ? 274 HOH A O   1 
HETATM 1319 O O   . HOH B 2 .   ? -15.456 -4.936  8.515   1.00 35.98 ? 275 HOH A O   1 
HETATM 1320 O O   . HOH B 2 .   ? -16.158 3.806   -8.193  1.00 45.52 ? 276 HOH A O   1 
HETATM 1321 O O   . HOH B 2 .   ? 13.869  11.628  0.510   1.00 54.80 ? 277 HOH A O   1 
HETATM 1322 O O   . HOH B 2 .   ? 11.040  -19.767 8.963   1.00 59.87 ? 278 HOH A O   1 
HETATM 1323 O O   . HOH B 2 .   ? -8.553  14.662  21.679  1.00 45.65 ? 279 HOH A O   1 
HETATM 1324 O O   . HOH B 2 .   ? -14.518 10.047  22.420  1.00 64.92 ? 280 HOH A O   1 
HETATM 1325 O O   . HOH B 2 .   ? 13.560  9.305   -3.041  1.00 46.96 ? 281 HOH A O   1 
HETATM 1326 O O   . HOH B 2 .   ? 1.470   -11.711 12.717  1.00 43.12 ? 282 HOH A O   1 
HETATM 1327 O O   . HOH B 2 .   ? 1.712   13.219  -1.281  1.00 37.35 ? 283 HOH A O   1 
HETATM 1328 O O   . HOH B 2 .   ? -14.652 -17.711 13.581  1.00 45.89 ? 284 HOH A O   1 
HETATM 1329 O O   . HOH B 2 .   ? -12.134 -4.655  -4.886  1.00 36.57 ? 285 HOH A O   1 
HETATM 1330 O O   . HOH B 2 .   ? -14.430 -6.286  -3.355  1.00 41.42 ? 286 HOH A O   1 
HETATM 1331 O O   . HOH B 2 .   ? 6.864   10.410  -10.342 1.00 38.69 ? 287 HOH A O   1 
HETATM 1332 O O   . HOH B 2 .   ? 5.737   14.421  -8.391  1.00 43.39 ? 288 HOH A O   1 
HETATM 1333 O O   . HOH B 2 .   ? 13.446  -9.915  0.845   1.00 45.59 ? 289 HOH A O   1 
HETATM 1334 O O   . HOH B 2 .   ? 9.585   -17.967 4.385   1.00 40.33 ? 290 HOH A O   1 
HETATM 1335 O O   . HOH B 2 .   ? -11.655 13.781  27.591  1.00 48.42 ? 291 HOH A O   1 
HETATM 1336 O O   . HOH B 2 .   ? -2.949  12.129  8.382   1.00 42.61 ? 292 HOH A O   1 
# 
